data_3HM8
#
_entry.id   3HM8
#
_cell.length_a   83.904
_cell.length_b   83.904
_cell.length_c   323.327
_cell.angle_alpha   90.00
_cell.angle_beta   90.00
_cell.angle_gamma   90.00
#
_symmetry.space_group_name_H-M   'P 41'
#
loop_
_entity.id
_entity.type
_entity.pdbx_description
1 polymer Hexokinase-3
2 non-polymer alpha-D-glucopyranose
3 non-polymer 6-O-phosphono-beta-D-glucopyranose
#
_entity_poly.entity_id   1
_entity_poly.type   'polypeptide(L)'
_entity_poly.pdbx_seq_one_letter_code
;GSRRLLEETLAPFRLNHDQLAAVQAQMRKAMAKGLRGEASSLRMLPTFVRATPDGSERGDFLALDLGGTNFRVLLVRVTT
GVQITSEIYSIPETVAQGSGQQLFDHIVDCIVDFQQKQGLSGQSLPLGFTFSFPCRQLGLDQGILLNWTKGFKASDCEGQ
DVVSLLREAITRRQAVELNVVAIVNDTVGTMMSCGYEDPRCEIGLIVGTGTNACYMEELRNVAGVPGDSGRMCINMEWGA
FGDDGSLAMLSTRFDASVDQASINPGKQRFEKMISGMYLGEIVRHILLHLTSLGVLFRGQQIQRLQTRDIFKTKFLSEIE
SDSLALRQVRAILEDLGLPLTSDDALMVLEVCQAVSQRAAQLCGAGVAAVVEKIRENRGLEELAVSVGVDGTLYKLHPRF
SSLVAATVRELAPRCVVTFLQSEDGSGKGAALVTAVACRLAQLTR
;
_entity_poly.pdbx_strand_id   A,B,C,D
#
# COMPACT_ATOMS: atom_id res chain seq x y z
N SER A 2 -30.78 -40.60 -40.93
CA SER A 2 -31.07 -40.09 -39.54
C SER A 2 -29.75 -39.99 -38.78
N ARG A 3 -29.22 -41.12 -38.29
CA ARG A 3 -27.90 -41.14 -37.66
C ARG A 3 -26.80 -40.95 -38.73
N ARG A 4 -27.15 -41.14 -40.02
CA ARG A 4 -26.22 -40.90 -41.13
C ARG A 4 -25.84 -39.43 -41.17
N LEU A 5 -26.86 -38.55 -41.14
CA LEU A 5 -26.63 -37.09 -41.11
C LEU A 5 -25.77 -36.70 -39.92
N LEU A 6 -26.10 -37.24 -38.73
CA LEU A 6 -25.33 -36.94 -37.52
C LEU A 6 -23.84 -37.19 -37.69
N GLU A 7 -23.50 -38.33 -38.29
CA GLU A 7 -22.10 -38.68 -38.51
C GLU A 7 -21.50 -37.80 -39.59
N GLU A 8 -22.24 -37.59 -40.69
CA GLU A 8 -21.80 -36.68 -41.76
C GLU A 8 -21.41 -35.32 -41.15
N THR A 9 -22.29 -34.80 -40.29
CA THR A 9 -22.06 -33.52 -39.63
C THR A 9 -20.83 -33.52 -38.75
N LEU A 10 -20.66 -34.57 -37.94
CA LEU A 10 -19.51 -34.65 -37.00
C LEU A 10 -18.19 -35.09 -37.65
N ALA A 11 -18.26 -35.52 -38.91
CA ALA A 11 -17.08 -36.01 -39.65
C ALA A 11 -15.82 -35.12 -39.53
N PRO A 12 -15.95 -33.79 -39.77
CA PRO A 12 -14.80 -32.88 -39.69
C PRO A 12 -14.15 -32.77 -38.31
N PHE A 13 -14.88 -33.14 -37.27
CA PHE A 13 -14.33 -33.09 -35.89
C PHE A 13 -13.55 -34.36 -35.55
N ARG A 14 -13.49 -35.30 -36.48
CA ARG A 14 -12.78 -36.55 -36.26
C ARG A 14 -11.55 -36.55 -37.15
N LEU A 15 -10.45 -36.05 -36.60
CA LEU A 15 -9.23 -35.90 -37.37
C LEU A 15 -8.36 -37.15 -37.34
N ASN A 16 -8.01 -37.65 -38.52
CA ASN A 16 -7.14 -38.82 -38.61
C ASN A 16 -5.69 -38.45 -38.33
N HIS A 17 -4.84 -39.45 -38.25
CA HIS A 17 -3.42 -39.26 -37.94
C HIS A 17 -2.72 -38.29 -38.87
N ASP A 18 -2.92 -38.45 -40.19
CA ASP A 18 -2.25 -37.59 -41.19
C ASP A 18 -2.64 -36.13 -41.03
N GLN A 19 -3.93 -35.88 -40.81
CA GLN A 19 -4.44 -34.53 -40.59
C GLN A 19 -3.76 -33.90 -39.38
N LEU A 20 -3.78 -34.62 -38.25
CA LEU A 20 -3.15 -34.13 -37.01
C LEU A 20 -1.66 -33.86 -37.19
N ALA A 21 -0.98 -34.74 -37.93
CA ALA A 21 0.44 -34.56 -38.21
C ALA A 21 0.67 -33.24 -38.96
N ALA A 22 -0.23 -32.94 -39.92
CA ALA A 22 -0.15 -31.69 -40.71
C ALA A 22 -0.28 -30.45 -39.82
N VAL A 23 -1.15 -30.54 -38.83
CA VAL A 23 -1.34 -29.44 -37.87
C VAL A 23 -0.05 -29.20 -37.10
N GLN A 24 0.53 -30.28 -36.58
CA GLN A 24 1.83 -30.22 -35.94
C GLN A 24 2.86 -29.61 -36.90
N ALA A 25 2.89 -30.13 -38.13
CA ALA A 25 3.82 -29.66 -39.17
C ALA A 25 3.72 -28.16 -39.39
N GLN A 26 2.49 -27.68 -39.49
CA GLN A 26 2.25 -26.28 -39.78
C GLN A 26 2.47 -25.38 -38.56
N MET A 27 2.29 -25.89 -37.35
CA MET A 27 2.64 -25.09 -36.17
C MET A 27 4.17 -24.98 -36.09
N ARG A 28 4.82 -26.08 -36.37
CA ARG A 28 6.24 -26.15 -36.36
C ARG A 28 6.83 -25.11 -37.31
N LYS A 29 6.17 -24.93 -38.45
CA LYS A 29 6.56 -23.94 -39.47
C LYS A 29 6.30 -22.52 -38.95
N ALA A 30 5.12 -22.32 -38.38
CA ALA A 30 4.75 -21.02 -37.80
C ALA A 30 5.73 -20.58 -36.71
N MET A 31 6.21 -21.53 -35.92
CA MET A 31 7.20 -21.24 -34.88
C MET A 31 8.50 -20.78 -35.51
N ALA A 32 8.99 -21.55 -36.47
CA ALA A 32 10.24 -21.23 -37.16
C ALA A 32 10.19 -19.82 -37.70
N LYS A 33 9.18 -19.52 -38.49
CA LYS A 33 9.03 -18.21 -39.11
C LYS A 33 8.96 -17.07 -38.08
N GLY A 34 8.08 -17.20 -37.10
CA GLY A 34 7.94 -16.20 -36.04
C GLY A 34 9.26 -15.78 -35.41
N LEU A 35 10.09 -16.78 -35.08
CA LEU A 35 11.40 -16.56 -34.44
C LEU A 35 12.40 -15.82 -35.35
N ARG A 36 12.36 -16.13 -36.65
CA ARG A 36 13.27 -15.49 -37.63
C ARG A 36 12.75 -14.09 -38.02
N GLY A 37 11.56 -13.75 -37.52
CA GLY A 37 10.96 -12.44 -37.77
C GLY A 37 10.09 -12.38 -39.02
N GLU A 38 9.87 -13.52 -39.66
CA GLU A 38 9.00 -13.59 -40.80
C GLU A 38 7.53 -13.56 -40.33
N ALA A 39 6.61 -13.49 -41.29
CA ALA A 39 5.18 -13.42 -40.99
C ALA A 39 4.64 -14.76 -40.48
N SER A 40 4.23 -14.77 -39.21
CA SER A 40 3.65 -15.96 -38.57
C SER A 40 2.36 -15.56 -37.90
N SER A 41 1.48 -16.51 -37.63
CA SER A 41 0.28 -16.25 -36.84
C SER A 41 0.60 -16.47 -35.34
N LEU A 42 1.78 -17.03 -35.07
CA LEU A 42 2.31 -17.14 -33.72
C LEU A 42 3.20 -15.94 -33.53
N ARG A 43 2.90 -15.13 -32.52
CA ARG A 43 3.71 -13.93 -32.26
C ARG A 43 5.11 -14.32 -31.75
N MET A 44 5.20 -15.44 -31.02
CA MET A 44 6.48 -15.95 -30.48
C MET A 44 7.17 -14.85 -29.67
N LEU A 45 6.47 -14.38 -28.63
CA LEU A 45 6.91 -13.22 -27.84
C LEU A 45 7.96 -13.57 -26.81
N PRO A 46 9.11 -12.89 -26.84
CA PRO A 46 10.11 -13.11 -25.79
C PRO A 46 9.58 -12.67 -24.45
N THR A 47 9.81 -13.46 -23.41
CA THR A 47 9.34 -13.15 -22.06
C THR A 47 10.43 -12.66 -21.14
N PHE A 48 11.67 -12.74 -21.61
CA PHE A 48 12.86 -12.38 -20.82
C PHE A 48 13.01 -13.15 -19.51
N VAL A 49 12.52 -14.40 -19.53
CA VAL A 49 12.73 -15.35 -18.46
C VAL A 49 13.76 -16.29 -19.05
N ARG A 50 14.99 -16.18 -18.58
CA ARG A 50 16.13 -16.92 -19.19
C ARG A 50 16.51 -18.21 -18.50
N ALA A 51 15.78 -18.59 -17.46
CA ALA A 51 16.06 -19.83 -16.74
C ALA A 51 14.88 -20.24 -15.88
N THR A 52 14.66 -21.55 -15.78
CA THR A 52 13.67 -22.10 -14.88
C THR A 52 14.25 -21.90 -13.47
N PRO A 53 13.42 -22.00 -12.43
CA PRO A 53 13.89 -21.71 -11.06
C PRO A 53 15.30 -22.24 -10.73
N ASP A 54 16.25 -21.31 -10.63
CA ASP A 54 17.67 -21.64 -10.36
C ASP A 54 17.91 -21.72 -8.88
N GLY A 55 17.76 -22.92 -8.35
CA GLY A 55 18.00 -23.18 -6.93
C GLY A 55 17.20 -22.29 -6.00
N SER A 56 17.88 -21.66 -5.04
CA SER A 56 17.23 -20.82 -4.03
C SER A 56 17.06 -19.36 -4.50
N GLU A 57 15.85 -18.85 -4.29
CA GLU A 57 15.45 -17.51 -4.69
C GLU A 57 14.45 -17.00 -3.66
N ARG A 58 14.95 -16.29 -2.64
CA ARG A 58 14.09 -15.86 -1.53
C ARG A 58 13.33 -14.55 -1.83
N GLY A 59 12.43 -14.19 -0.90
CA GLY A 59 11.67 -12.91 -0.98
C GLY A 59 10.18 -13.06 -0.66
N ASP A 60 9.58 -11.95 -0.21
CA ASP A 60 8.13 -11.90 0.06
C ASP A 60 7.53 -11.00 -1.02
N PHE A 61 6.61 -11.54 -1.80
CA PHE A 61 6.07 -10.85 -2.99
C PHE A 61 4.54 -10.78 -3.00
N LEU A 62 4.00 -9.66 -3.47
CA LEU A 62 2.58 -9.55 -3.73
C LEU A 62 2.43 -10.08 -5.14
N ALA A 63 1.24 -10.54 -5.51
CA ALA A 63 1.05 -11.13 -6.83
C ALA A 63 -0.35 -10.96 -7.36
N LEU A 64 -0.45 -10.46 -8.60
CA LEU A 64 -1.72 -10.32 -9.30
C LEU A 64 -1.86 -11.46 -10.25
N ASP A 65 -3.10 -11.87 -10.48
CA ASP A 65 -3.39 -12.94 -11.41
C ASP A 65 -4.67 -12.57 -12.16
N LEU A 66 -4.49 -12.00 -13.35
CA LEU A 66 -5.60 -11.47 -14.13
C LEU A 66 -5.67 -12.09 -15.50
N GLY A 67 -6.91 -12.38 -15.92
CA GLY A 67 -7.21 -12.89 -17.27
C GLY A 67 -7.83 -14.27 -17.31
N GLY A 68 -7.80 -14.96 -16.16
CA GLY A 68 -8.43 -16.28 -16.03
C GLY A 68 -9.86 -16.15 -15.54
N THR A 69 -10.50 -17.29 -15.30
CA THR A 69 -11.87 -17.32 -14.75
C THR A 69 -11.90 -16.57 -13.41
N ASN A 70 -10.78 -16.58 -12.69
CA ASN A 70 -10.65 -15.86 -11.42
C ASN A 70 -9.60 -14.78 -11.46
N PHE A 71 -9.96 -13.59 -10.94
CA PHE A 71 -8.97 -12.56 -10.67
C PHE A 71 -8.60 -12.73 -9.20
N ARG A 72 -7.31 -12.72 -8.91
CA ARG A 72 -6.85 -12.99 -7.54
C ARG A 72 -5.67 -12.14 -7.14
N VAL A 73 -5.70 -11.67 -5.89
CA VAL A 73 -4.56 -11.00 -5.26
C VAL A 73 -3.92 -12.04 -4.35
N LEU A 74 -2.60 -12.02 -4.28
CA LEU A 74 -1.84 -13.08 -3.63
C LEU A 74 -0.64 -12.56 -2.90
N LEU A 75 -0.39 -13.11 -1.71
CA LEU A 75 0.86 -12.89 -1.01
C LEU A 75 1.64 -14.18 -1.14
N VAL A 76 2.89 -14.08 -1.60
CA VAL A 76 3.74 -15.24 -1.81
C VAL A 76 5.05 -15.09 -1.04
N ARG A 77 5.24 -15.91 -0.01
CA ARG A 77 6.47 -15.87 0.80
C ARG A 77 7.41 -17.01 0.43
N VAL A 78 8.52 -16.66 -0.25
CA VAL A 78 9.49 -17.66 -0.71
C VAL A 78 10.73 -17.65 0.17
N THR A 79 10.99 -18.80 0.80
CA THR A 79 12.15 -18.99 1.68
C THR A 79 12.74 -20.36 1.33
N THR A 80 12.95 -21.23 2.35
CA THR A 80 13.29 -22.62 2.11
C THR A 80 12.08 -23.23 1.36
N GLY A 81 10.88 -22.93 1.87
CA GLY A 81 9.62 -23.33 1.25
C GLY A 81 8.87 -22.13 0.69
N VAL A 82 7.67 -22.40 0.19
CA VAL A 82 6.78 -21.38 -0.39
C VAL A 82 5.43 -21.35 0.33
N GLN A 83 5.00 -20.15 0.74
CA GLN A 83 3.73 -20.00 1.46
C GLN A 83 2.85 -18.95 0.78
N ILE A 84 1.63 -19.37 0.41
CA ILE A 84 0.72 -18.52 -0.34
C ILE A 84 -0.60 -18.29 0.36
N THR A 85 -0.98 -17.01 0.45
CA THR A 85 -2.32 -16.62 0.87
C THR A 85 -2.93 -15.92 -0.34
N SER A 86 -4.26 -15.95 -0.44
CA SER A 86 -4.92 -15.34 -1.60
C SER A 86 -6.38 -15.02 -1.34
N GLU A 87 -6.97 -14.29 -2.29
CA GLU A 87 -8.37 -13.94 -2.25
C GLU A 87 -8.84 -13.61 -3.67
N ILE A 88 -9.97 -14.18 -4.07
CA ILE A 88 -10.55 -13.93 -5.38
C ILE A 88 -11.44 -12.71 -5.32
N TYR A 89 -11.48 -11.96 -6.42
CA TYR A 89 -12.38 -10.80 -6.56
C TYR A 89 -13.12 -10.88 -7.90
N SER A 90 -14.31 -10.27 -7.94
CA SER A 90 -15.16 -10.30 -9.13
C SER A 90 -14.81 -9.19 -10.14
N ILE A 91 -14.81 -9.56 -11.42
CA ILE A 91 -14.63 -8.59 -12.53
C ILE A 91 -15.74 -8.87 -13.56
N PRO A 92 -16.88 -8.18 -13.43
CA PRO A 92 -17.98 -8.39 -14.39
C PRO A 92 -17.60 -8.00 -15.83
N GLU A 93 -18.30 -8.59 -16.82
CA GLU A 93 -18.11 -8.27 -18.25
C GLU A 93 -18.12 -6.75 -18.46
N THR A 94 -18.95 -6.06 -17.67
CA THR A 94 -19.03 -4.60 -17.63
C THR A 94 -17.65 -4.00 -17.42
N VAL A 95 -16.94 -4.47 -16.38
CA VAL A 95 -15.61 -3.96 -16.05
C VAL A 95 -14.57 -4.49 -17.03
N ALA A 96 -14.71 -5.75 -17.40
CA ALA A 96 -13.77 -6.40 -18.31
C ALA A 96 -13.77 -5.76 -19.72
N GLN A 97 -14.94 -5.29 -20.14
CA GLN A 97 -15.09 -4.69 -21.46
C GLN A 97 -15.39 -3.17 -21.37
N GLY A 98 -15.25 -2.62 -20.17
CA GLY A 98 -15.54 -1.21 -19.92
C GLY A 98 -14.37 -0.31 -20.27
N SER A 99 -14.03 0.57 -19.32
CA SER A 99 -12.92 1.51 -19.50
C SER A 99 -11.69 1.01 -18.79
N GLY A 100 -10.53 1.21 -19.42
CA GLY A 100 -9.26 0.87 -18.81
C GLY A 100 -9.11 1.51 -17.44
N GLN A 101 -9.50 2.79 -17.33
CA GLN A 101 -9.44 3.50 -16.05
C GLN A 101 -10.19 2.73 -14.96
N GLN A 102 -11.46 2.38 -15.23
CA GLN A 102 -12.27 1.61 -14.26
C GLN A 102 -11.65 0.25 -13.94
N LEU A 103 -11.17 -0.43 -14.96
CA LEU A 103 -10.57 -1.76 -14.80
C LEU A 103 -9.44 -1.75 -13.76
N PHE A 104 -8.44 -0.91 -14.00
CA PHE A 104 -7.30 -0.86 -13.09
C PHE A 104 -7.60 -0.14 -11.78
N ASP A 105 -8.57 0.76 -11.80
CA ASP A 105 -9.07 1.35 -10.56
C ASP A 105 -9.55 0.22 -9.65
N HIS A 106 -10.38 -0.65 -10.23
CA HIS A 106 -10.90 -1.82 -9.53
C HIS A 106 -9.77 -2.72 -9.03
N ILE A 107 -8.81 -3.00 -9.91
CA ILE A 107 -7.66 -3.84 -9.57
C ILE A 107 -6.92 -3.30 -8.35
N VAL A 108 -6.66 -2.00 -8.36
CA VAL A 108 -5.98 -1.36 -7.23
C VAL A 108 -6.81 -1.48 -5.96
N ASP A 109 -8.10 -1.14 -6.05
CA ASP A 109 -9.03 -1.26 -4.90
C ASP A 109 -8.89 -2.61 -4.21
N CYS A 110 -8.81 -3.67 -5.01
CA CYS A 110 -8.65 -5.02 -4.49
C CYS A 110 -7.34 -5.20 -3.77
N ILE A 111 -6.26 -4.63 -4.33
CA ILE A 111 -4.94 -4.73 -3.71
C ILE A 111 -4.98 -4.06 -2.34
N VAL A 112 -5.49 -2.83 -2.30
CA VAL A 112 -5.66 -2.11 -1.03
C VAL A 112 -6.47 -2.96 -0.06
N ASP A 113 -7.60 -3.49 -0.53
CA ASP A 113 -8.45 -4.36 0.29
C ASP A 113 -7.63 -5.52 0.85
N PHE A 114 -6.99 -6.27 -0.05
CA PHE A 114 -6.18 -7.42 0.32
C PHE A 114 -5.10 -7.01 1.31
N GLN A 115 -4.29 -6.03 0.93
CA GLN A 115 -3.23 -5.52 1.81
C GLN A 115 -3.74 -5.18 3.20
N GLN A 116 -4.88 -4.49 3.26
CA GLN A 116 -5.51 -4.11 4.54
C GLN A 116 -5.92 -5.33 5.36
N LYS A 117 -6.39 -6.37 4.67
CA LYS A 117 -6.81 -7.62 5.32
C LYS A 117 -5.62 -8.49 5.77
N GLN A 118 -4.46 -8.29 5.13
CA GLN A 118 -3.26 -9.08 5.44
C GLN A 118 -2.29 -8.38 6.40
N GLY A 119 -2.51 -7.09 6.67
CA GLY A 119 -1.58 -6.30 7.51
C GLY A 119 -0.38 -5.80 6.72
N LEU A 120 -0.38 -6.03 5.40
CA LEU A 120 0.69 -5.54 4.51
C LEU A 120 0.76 -4.03 4.62
N SER A 121 -0.40 -3.38 4.42
CA SER A 121 -0.58 -1.91 4.63
C SER A 121 0.47 -0.99 3.96
N GLY A 122 1.37 -0.42 4.76
CA GLY A 122 2.38 0.52 4.27
C GLY A 122 3.48 -0.10 3.42
N GLN A 123 3.92 -1.30 3.82
CA GLN A 123 4.99 -2.02 3.09
C GLN A 123 4.60 -2.19 1.63
N SER A 124 5.34 -1.55 0.72
CA SER A 124 5.11 -1.68 -0.73
C SER A 124 6.02 -2.78 -1.28
N LEU A 125 5.44 -3.96 -1.54
CA LEU A 125 6.21 -5.12 -1.95
C LEU A 125 6.39 -5.25 -3.46
N PRO A 126 7.37 -6.07 -3.90
CA PRO A 126 7.51 -6.30 -5.32
C PRO A 126 6.31 -7.10 -5.81
N LEU A 127 5.66 -6.62 -6.85
CA LEU A 127 4.50 -7.29 -7.38
C LEU A 127 4.88 -8.23 -8.52
N GLY A 128 4.28 -9.42 -8.52
CA GLY A 128 4.45 -10.40 -9.59
C GLY A 128 3.15 -10.43 -10.35
N PHE A 129 3.08 -9.67 -11.43
CA PHE A 129 1.83 -9.53 -12.18
C PHE A 129 1.67 -10.63 -13.20
N THR A 130 0.78 -11.59 -12.92
CA THR A 130 0.42 -12.59 -13.91
C THR A 130 -0.68 -11.95 -14.74
N PHE A 131 -0.36 -11.66 -15.99
CA PHE A 131 -1.26 -10.95 -16.88
C PHE A 131 -1.42 -11.78 -18.14
N SER A 132 -2.49 -12.57 -18.19
CA SER A 132 -2.66 -13.59 -19.22
C SER A 132 -3.17 -13.09 -20.58
N PHE A 133 -2.40 -12.18 -21.18
CA PHE A 133 -2.70 -11.63 -22.49
C PHE A 133 -1.39 -11.35 -23.20
N PRO A 134 -1.45 -11.11 -24.52
CA PRO A 134 -0.23 -10.89 -25.30
C PRO A 134 0.44 -9.57 -25.03
N CYS A 135 1.71 -9.61 -24.66
CA CYS A 135 2.48 -8.39 -24.39
C CYS A 135 3.81 -8.40 -25.10
N ARG A 136 4.22 -7.24 -25.55
CA ARG A 136 5.52 -7.07 -26.09
C ARG A 136 6.40 -6.68 -24.92
N GLN A 137 7.31 -7.55 -24.54
CA GLN A 137 8.20 -7.27 -23.43
C GLN A 137 9.62 -7.13 -23.91
N LEU A 138 10.33 -6.12 -23.42
CA LEU A 138 11.77 -6.01 -23.65
C LEU A 138 12.51 -6.17 -22.32
N GLY A 139 11.78 -6.63 -21.31
CA GLY A 139 12.32 -6.89 -19.98
C GLY A 139 11.24 -7.51 -19.11
N LEU A 140 11.64 -8.06 -17.97
CA LEU A 140 10.67 -8.64 -17.03
C LEU A 140 9.75 -7.56 -16.45
N ASP A 141 10.32 -6.37 -16.23
CA ASP A 141 9.62 -5.25 -15.57
C ASP A 141 8.70 -4.42 -16.47
N GLN A 142 8.46 -4.88 -17.70
CA GLN A 142 7.66 -4.13 -18.66
C GLN A 142 6.88 -5.03 -19.63
N GLY A 143 5.72 -4.56 -20.07
CA GLY A 143 4.90 -5.34 -20.99
C GLY A 143 3.80 -4.53 -21.61
N ILE A 144 3.95 -4.26 -22.91
CA ILE A 144 2.96 -3.48 -23.65
C ILE A 144 1.90 -4.40 -24.17
N LEU A 145 0.68 -4.28 -23.64
CA LEU A 145 -0.45 -5.08 -24.12
C LEU A 145 -0.63 -4.90 -25.61
N LEU A 146 -0.54 -5.99 -26.37
CA LEU A 146 -0.72 -5.93 -27.80
C LEU A 146 -2.21 -6.01 -28.11
N ASN A 147 -2.90 -6.99 -27.55
CA ASN A 147 -4.32 -7.19 -27.78
C ASN A 147 -5.00 -7.79 -26.59
N TRP A 148 -6.26 -7.45 -26.40
CA TRP A 148 -7.08 -8.17 -25.45
C TRP A 148 -7.51 -9.42 -26.18
N THR A 149 -7.82 -10.47 -25.42
CA THR A 149 -8.30 -11.72 -25.97
C THR A 149 -9.35 -12.27 -25.02
N LYS A 150 -9.91 -13.42 -25.34
CA LYS A 150 -10.92 -14.05 -24.51
C LYS A 150 -12.13 -13.09 -24.33
N GLY A 151 -12.47 -12.73 -23.09
CA GLY A 151 -13.66 -11.91 -22.83
C GLY A 151 -13.40 -10.45 -22.49
N PHE A 152 -12.16 -9.99 -22.68
CA PHE A 152 -11.78 -8.61 -22.37
C PHE A 152 -11.80 -7.69 -23.60
N LYS A 153 -12.24 -6.46 -23.39
CA LYS A 153 -12.24 -5.42 -24.43
C LYS A 153 -12.09 -4.02 -23.78
N ALA A 154 -11.41 -3.95 -22.63
CA ALA A 154 -11.24 -2.68 -21.89
C ALA A 154 -10.58 -1.62 -22.75
N SER A 155 -11.16 -0.42 -22.77
CA SER A 155 -10.71 0.64 -23.67
C SER A 155 -9.44 1.34 -23.18
N ASP A 156 -8.75 1.99 -24.12
CA ASP A 156 -7.54 2.79 -23.85
C ASP A 156 -6.41 2.01 -23.15
N CYS A 157 -6.35 0.70 -23.38
CA CYS A 157 -5.36 -0.18 -22.75
C CYS A 157 -4.38 -0.77 -23.72
N GLU A 158 -4.86 -1.13 -24.91
CA GLU A 158 -4.00 -1.74 -25.92
C GLU A 158 -2.93 -0.75 -26.34
N GLY A 159 -1.70 -1.22 -26.45
CA GLY A 159 -0.57 -0.37 -26.79
C GLY A 159 0.01 0.32 -25.59
N GLN A 160 -0.55 0.06 -24.42
CA GLN A 160 -0.07 0.65 -23.17
C GLN A 160 0.77 -0.35 -22.42
N ASP A 161 1.80 0.12 -21.75
CA ASP A 161 2.56 -0.72 -20.85
C ASP A 161 1.65 -0.97 -19.64
N VAL A 162 1.37 -2.22 -19.35
CA VAL A 162 0.46 -2.57 -18.24
C VAL A 162 1.01 -2.16 -16.87
N VAL A 163 2.34 -2.10 -16.75
CA VAL A 163 2.95 -1.61 -15.53
C VAL A 163 2.58 -0.14 -15.33
N SER A 164 2.57 0.63 -16.43
CA SER A 164 2.13 2.04 -16.37
C SER A 164 0.66 2.12 -16.02
N LEU A 165 -0.16 1.34 -16.75
CA LEU A 165 -1.60 1.30 -16.49
C LEU A 165 -1.90 1.11 -15.01
N LEU A 166 -1.06 0.32 -14.35
CA LEU A 166 -1.19 0.08 -12.92
C LEU A 166 -0.77 1.33 -12.11
N ARG A 167 0.38 1.92 -12.46
CA ARG A 167 0.85 3.17 -11.77
C ARG A 167 -0.21 4.24 -11.77
N GLU A 168 -0.68 4.56 -12.96
CA GLU A 168 -1.71 5.56 -13.17
C GLU A 168 -2.94 5.31 -12.28
N ALA A 169 -3.32 4.04 -12.12
CA ALA A 169 -4.42 3.66 -11.24
C ALA A 169 -4.04 3.83 -9.75
N ILE A 170 -2.82 3.38 -9.39
CA ILE A 170 -2.30 3.49 -8.01
C ILE A 170 -2.30 4.94 -7.56
N THR A 171 -1.78 5.81 -8.42
CA THR A 171 -1.75 7.24 -8.12
C THR A 171 -3.19 7.80 -8.00
N ARG A 172 -4.07 7.40 -8.93
CA ARG A 172 -5.51 7.83 -8.88
C ARG A 172 -6.20 7.38 -7.59
N ARG A 173 -6.23 6.06 -7.34
CA ARG A 173 -6.81 5.51 -6.10
C ARG A 173 -5.95 5.84 -4.87
N GLN A 174 -4.78 6.48 -5.12
CA GLN A 174 -3.86 6.94 -4.06
C GLN A 174 -3.42 5.81 -3.15
N ALA A 175 -2.97 4.72 -3.77
CA ALA A 175 -2.52 3.54 -3.05
C ALA A 175 -1.04 3.67 -2.73
N VAL A 176 -0.46 2.61 -2.17
CA VAL A 176 0.97 2.58 -1.84
C VAL A 176 1.77 2.47 -3.15
N GLU A 177 2.83 3.27 -3.25
CA GLU A 177 3.68 3.35 -4.44
C GLU A 177 4.10 1.98 -4.95
N LEU A 178 4.01 1.78 -6.26
CA LEU A 178 4.42 0.51 -6.87
C LEU A 178 5.94 0.37 -6.76
N ASN A 179 6.38 -0.81 -6.33
CA ASN A 179 7.81 -1.13 -6.21
C ASN A 179 8.25 -1.83 -7.53
N VAL A 180 9.12 -2.85 -7.44
CA VAL A 180 9.51 -3.61 -8.61
C VAL A 180 8.34 -4.47 -9.05
N VAL A 181 7.81 -4.20 -10.24
CA VAL A 181 6.72 -4.99 -10.82
C VAL A 181 7.27 -5.87 -11.95
N ALA A 182 6.74 -7.09 -12.06
CA ALA A 182 7.17 -8.03 -13.09
C ALA A 182 5.95 -8.56 -13.85
N ILE A 183 6.02 -8.49 -15.17
CA ILE A 183 4.93 -8.96 -16.02
C ILE A 183 5.22 -10.34 -16.54
N VAL A 184 4.28 -11.26 -16.30
CA VAL A 184 4.39 -12.65 -16.76
C VAL A 184 3.06 -13.15 -17.31
N ASN A 185 3.14 -13.89 -18.41
CA ASN A 185 1.96 -14.53 -18.99
C ASN A 185 1.64 -15.73 -18.11
N ASP A 186 0.37 -16.11 -18.03
CA ASP A 186 -0.02 -17.24 -17.19
C ASP A 186 0.71 -18.53 -17.58
N THR A 187 0.97 -18.73 -18.87
CA THR A 187 1.71 -19.89 -19.33
C THR A 187 3.06 -19.90 -18.65
N VAL A 188 3.77 -18.78 -18.73
CA VAL A 188 5.09 -18.64 -18.11
C VAL A 188 5.00 -18.81 -16.61
N GLY A 189 3.97 -18.20 -16.01
CA GLY A 189 3.73 -18.34 -14.57
C GLY A 189 3.57 -19.79 -14.16
N THR A 190 2.76 -20.54 -14.90
CA THR A 190 2.52 -21.95 -14.59
C THR A 190 3.81 -22.74 -14.76
N MET A 191 4.48 -22.58 -15.90
CA MET A 191 5.76 -23.25 -16.16
C MET A 191 6.71 -23.10 -14.99
N MET A 192 6.85 -21.87 -14.50
CA MET A 192 7.75 -21.58 -13.39
C MET A 192 7.27 -22.18 -12.05
N SER A 193 5.96 -22.30 -11.87
CA SER A 193 5.40 -22.89 -10.64
C SER A 193 5.72 -24.37 -10.56
N CYS A 194 5.43 -25.08 -11.65
CA CYS A 194 5.74 -26.49 -11.75
C CYS A 194 7.24 -26.71 -11.86
N GLY A 195 7.96 -25.71 -12.36
CA GLY A 195 9.42 -25.75 -12.42
C GLY A 195 10.09 -25.68 -11.04
N TYR A 196 9.39 -25.16 -10.04
CA TYR A 196 9.92 -25.03 -8.67
C TYR A 196 10.47 -26.35 -8.15
N GLU A 197 9.73 -27.43 -8.38
CA GLU A 197 10.16 -28.75 -7.93
C GLU A 197 10.27 -29.79 -9.05
N ASP A 198 10.57 -29.34 -10.27
CA ASP A 198 10.82 -30.25 -11.41
C ASP A 198 11.71 -29.55 -12.44
N PRO A 199 13.03 -29.80 -12.39
CA PRO A 199 14.02 -29.18 -13.29
C PRO A 199 13.77 -29.40 -14.78
N ARG A 200 13.15 -30.53 -15.15
CA ARG A 200 12.85 -30.82 -16.56
C ARG A 200 11.58 -30.10 -17.07
N CYS A 201 10.98 -29.24 -16.23
CA CYS A 201 9.80 -28.48 -16.64
C CYS A 201 10.23 -27.27 -17.44
N GLU A 202 10.03 -27.33 -18.75
CA GLU A 202 10.42 -26.26 -19.68
C GLU A 202 9.30 -25.84 -20.61
N ILE A 203 8.07 -26.18 -20.26
CA ILE A 203 6.92 -25.79 -21.07
C ILE A 203 5.75 -25.47 -20.16
N GLY A 204 5.10 -24.36 -20.43
CA GLY A 204 3.88 -24.00 -19.74
C GLY A 204 2.75 -24.21 -20.71
N LEU A 205 1.72 -24.91 -20.29
CA LEU A 205 0.52 -25.09 -21.11
C LEU A 205 -0.69 -24.63 -20.36
N ILE A 206 -1.53 -23.83 -21.02
CA ILE A 206 -2.81 -23.43 -20.45
C ILE A 206 -3.93 -23.89 -21.35
N VAL A 207 -4.92 -24.52 -20.73
CA VAL A 207 -6.16 -24.86 -21.45
C VAL A 207 -7.31 -24.67 -20.47
N GLY A 208 -7.74 -23.41 -20.37
CA GLY A 208 -8.89 -23.04 -19.54
C GLY A 208 -9.80 -22.17 -20.37
N THR A 209 -10.03 -20.94 -19.91
CA THR A 209 -10.86 -20.00 -20.69
C THR A 209 -10.29 -19.88 -22.09
N GLY A 210 -8.99 -19.62 -22.15
CA GLY A 210 -8.25 -19.58 -23.39
C GLY A 210 -7.18 -20.63 -23.37
N THR A 211 -6.46 -20.78 -24.49
CA THR A 211 -5.37 -21.73 -24.55
C THR A 211 -4.11 -21.08 -25.11
N ASN A 212 -2.96 -21.55 -24.63
CA ASN A 212 -1.69 -20.97 -25.01
C ASN A 212 -0.60 -21.85 -24.48
N ALA A 213 0.61 -21.67 -24.99
CA ALA A 213 1.77 -22.42 -24.52
C ALA A 213 3.04 -21.59 -24.58
N CYS A 214 3.98 -21.91 -23.71
CA CYS A 214 5.32 -21.28 -23.74
C CYS A 214 6.33 -22.33 -23.54
N TYR A 215 7.57 -22.05 -23.90
CA TYR A 215 8.64 -23.04 -23.79
C TYR A 215 9.99 -22.41 -23.89
N MET A 216 11.01 -23.08 -23.36
CA MET A 216 12.39 -22.55 -23.38
C MET A 216 13.03 -22.73 -24.74
N GLU A 217 13.11 -21.67 -25.51
CA GLU A 217 13.74 -21.70 -26.82
C GLU A 217 15.20 -21.31 -26.64
N GLU A 218 16.06 -21.78 -27.55
CA GLU A 218 17.47 -21.43 -27.50
C GLU A 218 17.63 -19.99 -27.92
N LEU A 219 18.44 -19.23 -27.19
CA LEU A 219 18.56 -17.80 -27.42
C LEU A 219 19.05 -17.48 -28.85
N ARG A 220 19.93 -18.34 -29.39
CA ARG A 220 20.45 -18.15 -30.75
C ARG A 220 19.35 -18.13 -31.81
N ASN A 221 18.24 -18.80 -31.52
CA ASN A 221 17.12 -18.91 -32.46
C ASN A 221 16.10 -17.77 -32.38
N VAL A 222 16.16 -16.97 -31.31
CA VAL A 222 15.27 -15.81 -31.15
C VAL A 222 15.91 -14.56 -31.77
N ALA A 223 15.66 -14.37 -33.08
CA ALA A 223 16.27 -13.28 -33.86
C ALA A 223 15.92 -11.87 -33.37
N GLY A 224 14.74 -11.71 -32.79
CA GLY A 224 14.28 -10.40 -32.28
C GLY A 224 15.13 -9.85 -31.14
N VAL A 225 15.65 -10.75 -30.32
CA VAL A 225 16.45 -10.39 -29.14
C VAL A 225 17.96 -10.52 -29.44
N PRO A 226 18.82 -9.77 -28.70
CA PRO A 226 20.25 -9.91 -28.95
C PRO A 226 20.80 -11.04 -28.11
N GLY A 227 22.01 -11.51 -28.47
CA GLY A 227 22.69 -12.60 -27.72
C GLY A 227 22.57 -13.98 -28.36
N ASP A 228 23.52 -14.85 -28.04
CA ASP A 228 23.56 -16.23 -28.59
C ASP A 228 23.62 -17.29 -27.49
N SER A 229 24.46 -17.06 -26.48
CA SER A 229 24.60 -17.99 -25.34
C SER A 229 23.34 -18.02 -24.47
N GLY A 230 22.84 -19.23 -24.21
CA GLY A 230 21.70 -19.42 -23.31
C GLY A 230 20.38 -19.66 -24.00
N ARG A 231 19.31 -19.52 -23.22
CA ARG A 231 17.94 -19.73 -23.70
C ARG A 231 16.97 -18.74 -23.06
N MET A 232 15.76 -18.70 -23.60
CA MET A 232 14.72 -17.81 -23.09
C MET A 232 13.35 -18.38 -23.34
N CYS A 233 12.47 -18.21 -22.35
CA CYS A 233 11.12 -18.68 -22.50
C CYS A 233 10.43 -17.85 -23.56
N ILE A 234 9.63 -18.50 -24.38
CA ILE A 234 8.87 -17.80 -25.40
C ILE A 234 7.38 -18.06 -25.28
N ASN A 235 6.61 -16.99 -25.20
CA ASN A 235 5.17 -17.08 -25.20
C ASN A 235 4.73 -17.14 -26.66
N MET A 236 4.31 -18.33 -27.07
CA MET A 236 3.91 -18.56 -28.45
C MET A 236 2.68 -17.78 -28.82
N GLU A 237 1.77 -17.59 -27.86
CA GLU A 237 0.46 -17.03 -28.11
C GLU A 237 -0.18 -17.84 -29.24
N TRP A 238 -0.29 -19.14 -29.03
CA TRP A 238 -0.82 -20.00 -30.08
C TRP A 238 -2.33 -19.94 -30.23
N GLY A 239 -3.00 -19.23 -29.35
CA GLY A 239 -4.43 -19.06 -29.49
C GLY A 239 -4.72 -18.45 -30.86
N ALA A 240 -3.86 -17.51 -31.27
CA ALA A 240 -4.02 -16.80 -32.54
C ALA A 240 -3.43 -17.56 -33.73
N PHE A 241 -3.08 -18.82 -33.52
CA PHE A 241 -2.57 -19.67 -34.58
C PHE A 241 -3.66 -19.78 -35.64
N GLY A 242 -3.27 -19.64 -36.90
CA GLY A 242 -4.22 -19.73 -38.01
C GLY A 242 -5.04 -18.47 -38.27
N ASP A 243 -4.76 -17.39 -37.54
CA ASP A 243 -5.46 -16.11 -37.77
C ASP A 243 -5.15 -15.57 -39.14
N ASP A 244 -4.04 -16.03 -39.72
CA ASP A 244 -3.68 -15.70 -41.11
C ASP A 244 -4.53 -16.51 -42.13
N GLY A 245 -5.43 -17.37 -41.64
CA GLY A 245 -6.27 -18.19 -42.50
C GLY A 245 -5.61 -19.50 -42.91
N SER A 246 -4.51 -19.84 -42.26
CA SER A 246 -3.76 -21.03 -42.58
C SER A 246 -4.46 -22.32 -42.07
N LEU A 247 -5.46 -22.17 -41.20
CA LEU A 247 -6.24 -23.32 -40.72
C LEU A 247 -7.66 -23.36 -41.32
N ALA A 248 -7.79 -22.87 -42.56
CA ALA A 248 -9.08 -22.94 -43.28
C ALA A 248 -9.42 -24.42 -43.49
N MET A 249 -8.37 -25.23 -43.68
CA MET A 249 -8.49 -26.66 -43.81
C MET A 249 -9.37 -27.24 -42.69
N LEU A 250 -9.18 -26.75 -41.45
CA LEU A 250 -9.90 -27.28 -40.26
C LEU A 250 -11.26 -26.67 -39.96
N SER A 251 -11.36 -25.35 -40.07
CA SER A 251 -12.58 -24.64 -39.68
C SER A 251 -13.83 -25.27 -40.23
N THR A 252 -14.73 -25.63 -39.34
CA THR A 252 -16.02 -26.10 -39.72
C THR A 252 -16.92 -24.88 -39.86
N ARG A 253 -18.12 -25.09 -40.37
CA ARG A 253 -19.11 -24.02 -40.44
C ARG A 253 -19.45 -23.53 -39.03
N PHE A 254 -19.36 -24.45 -38.07
CA PHE A 254 -19.69 -24.15 -36.67
C PHE A 254 -18.63 -23.29 -36.03
N ASP A 255 -17.37 -23.57 -36.38
CA ASP A 255 -16.25 -22.74 -35.95
C ASP A 255 -16.44 -21.30 -36.48
N ALA A 256 -16.83 -21.21 -37.76
CA ALA A 256 -17.10 -19.94 -38.40
C ALA A 256 -18.18 -19.17 -37.64
N SER A 257 -19.33 -19.83 -37.42
CA SER A 257 -20.47 -19.23 -36.71
C SER A 257 -20.05 -18.66 -35.34
N VAL A 258 -19.27 -19.44 -34.60
CA VAL A 258 -18.77 -19.00 -33.28
C VAL A 258 -17.88 -17.76 -33.40
N ASP A 259 -16.91 -17.82 -34.32
CA ASP A 259 -15.94 -16.73 -34.48
C ASP A 259 -16.64 -15.41 -34.79
N GLN A 260 -17.48 -15.45 -35.82
CA GLN A 260 -18.24 -14.26 -36.25
C GLN A 260 -19.12 -13.71 -35.13
N ALA A 261 -19.63 -14.60 -34.28
CA ALA A 261 -20.48 -14.20 -33.16
C ALA A 261 -19.69 -13.73 -31.91
N SER A 262 -18.36 -13.67 -32.01
CA SER A 262 -17.53 -13.31 -30.85
C SER A 262 -17.14 -11.84 -30.81
N ILE A 263 -16.68 -11.43 -29.62
CA ILE A 263 -16.09 -10.10 -29.38
C ILE A 263 -15.01 -9.78 -30.40
N ASN A 264 -14.17 -10.78 -30.70
CA ASN A 264 -13.00 -10.61 -31.55
C ASN A 264 -13.03 -11.49 -32.79
N PRO A 265 -13.92 -11.16 -33.75
CA PRO A 265 -14.01 -11.97 -34.96
C PRO A 265 -12.70 -12.01 -35.72
N GLY A 266 -12.35 -13.18 -36.23
CA GLY A 266 -11.10 -13.36 -36.99
C GLY A 266 -9.89 -13.58 -36.11
N LYS A 267 -10.00 -13.22 -34.83
CA LYS A 267 -8.90 -13.33 -33.87
C LYS A 267 -8.95 -14.61 -33.03
N GLN A 268 -7.78 -15.07 -32.59
CA GLN A 268 -7.69 -16.26 -31.72
C GLN A 268 -8.47 -17.47 -32.29
N ARG A 269 -8.29 -17.74 -33.58
CA ARG A 269 -9.04 -18.82 -34.26
C ARG A 269 -8.74 -20.20 -33.71
N PHE A 270 -7.46 -20.50 -33.51
CA PHE A 270 -7.05 -21.80 -32.98
C PHE A 270 -7.58 -22.01 -31.56
N GLU A 271 -7.60 -20.93 -30.78
CA GLU A 271 -8.12 -20.95 -29.44
C GLU A 271 -9.60 -21.31 -29.43
N LYS A 272 -10.33 -20.80 -30.43
CA LYS A 272 -11.78 -20.98 -30.52
C LYS A 272 -12.20 -22.40 -30.87
N MET A 273 -11.22 -23.25 -31.18
CA MET A 273 -11.47 -24.66 -31.47
C MET A 273 -11.07 -25.57 -30.32
N ILE A 274 -10.60 -24.99 -29.23
CA ILE A 274 -10.00 -25.76 -28.13
C ILE A 274 -10.48 -25.39 -26.72
N SER A 275 -10.48 -24.10 -26.40
CA SER A 275 -10.64 -23.65 -25.01
C SER A 275 -12.09 -23.59 -24.47
N GLY A 276 -12.18 -23.58 -23.13
CA GLY A 276 -13.46 -23.64 -22.39
C GLY A 276 -14.48 -22.57 -22.72
N MET A 277 -13.98 -21.38 -23.03
CA MET A 277 -14.85 -20.24 -23.37
C MET A 277 -15.66 -20.51 -24.62
N TYR A 278 -15.08 -21.26 -25.56
CA TYR A 278 -15.65 -21.43 -26.88
C TYR A 278 -16.25 -22.81 -27.23
N LEU A 279 -15.72 -23.89 -26.66
CA LEU A 279 -16.19 -25.26 -27.03
C LEU A 279 -17.69 -25.40 -26.86
N GLY A 280 -18.19 -25.01 -25.71
CA GLY A 280 -19.61 -25.07 -25.43
C GLY A 280 -20.47 -24.46 -26.51
N GLU A 281 -19.95 -23.42 -27.16
CA GLU A 281 -20.66 -22.77 -28.26
C GLU A 281 -20.59 -23.60 -29.54
N ILE A 282 -19.44 -24.21 -29.80
CA ILE A 282 -19.27 -25.06 -30.98
C ILE A 282 -20.36 -26.12 -30.96
N VAL A 283 -20.60 -26.69 -29.78
CA VAL A 283 -21.65 -27.66 -29.58
C VAL A 283 -23.01 -27.08 -29.89
N ARG A 284 -23.29 -25.93 -29.30
CA ARG A 284 -24.58 -25.31 -29.44
C ARG A 284 -24.98 -25.11 -30.89
N HIS A 285 -24.05 -24.62 -31.71
CA HIS A 285 -24.33 -24.41 -33.14
C HIS A 285 -24.60 -25.73 -33.84
N ILE A 286 -23.83 -26.75 -33.48
CA ILE A 286 -24.04 -28.08 -34.04
C ILE A 286 -25.46 -28.52 -33.75
N LEU A 287 -25.87 -28.42 -32.50
CA LEU A 287 -27.20 -28.79 -32.07
C LEU A 287 -28.26 -28.01 -32.84
N LEU A 288 -28.02 -26.72 -33.02
CA LEU A 288 -28.93 -25.87 -33.80
C LEU A 288 -29.03 -26.37 -35.24
N HIS A 289 -27.89 -26.67 -35.86
CA HIS A 289 -27.89 -27.17 -37.22
C HIS A 289 -28.65 -28.48 -37.30
N LEU A 290 -28.40 -29.37 -36.35
CA LEU A 290 -29.03 -30.68 -36.30
C LEU A 290 -30.56 -30.58 -36.17
N THR A 291 -31.02 -29.68 -35.31
CA THR A 291 -32.45 -29.48 -35.12
C THR A 291 -33.11 -29.05 -36.41
N SER A 292 -32.48 -28.11 -37.12
CA SER A 292 -33.00 -27.61 -38.40
C SER A 292 -33.01 -28.69 -39.49
N LEU A 293 -32.12 -29.67 -39.37
CA LEU A 293 -32.11 -30.81 -40.30
C LEU A 293 -33.17 -31.85 -39.94
N GLY A 294 -33.79 -31.70 -38.76
CA GLY A 294 -34.85 -32.61 -38.30
C GLY A 294 -34.34 -33.79 -37.50
N VAL A 295 -33.02 -33.86 -37.34
CA VAL A 295 -32.37 -34.93 -36.61
C VAL A 295 -32.67 -34.88 -35.12
N LEU A 296 -32.44 -33.71 -34.53
CA LEU A 296 -32.58 -33.52 -33.10
C LEU A 296 -33.88 -32.79 -32.78
N PHE A 297 -34.46 -33.08 -31.63
CA PHE A 297 -35.73 -32.44 -31.17
C PHE A 297 -36.92 -32.58 -32.13
N ARG A 298 -36.84 -33.54 -33.07
CA ARG A 298 -37.89 -33.77 -34.08
C ARG A 298 -38.19 -32.51 -34.91
N GLY A 299 -37.20 -31.63 -35.07
CA GLY A 299 -37.40 -30.35 -35.78
C GLY A 299 -37.87 -29.19 -34.88
N GLN A 300 -38.67 -29.52 -33.84
CA GLN A 300 -39.23 -28.52 -32.89
C GLN A 300 -38.19 -27.46 -32.39
N GLN A 301 -38.61 -26.18 -32.36
CA GLN A 301 -37.73 -25.04 -31.98
C GLN A 301 -37.63 -24.74 -30.44
N ILE A 302 -36.49 -25.14 -29.95
CA ILE A 302 -35.95 -24.95 -28.62
C ILE A 302 -35.26 -23.59 -28.65
N GLN A 303 -36.03 -22.55 -28.33
CA GLN A 303 -35.52 -21.16 -28.31
C GLN A 303 -34.33 -21.05 -27.37
N ARG A 304 -34.41 -21.79 -26.26
CA ARG A 304 -33.33 -21.88 -25.28
C ARG A 304 -31.97 -22.19 -25.92
N LEU A 305 -32.00 -22.93 -27.03
CA LEU A 305 -30.79 -23.27 -27.77
C LEU A 305 -30.17 -22.02 -28.42
N GLN A 306 -30.98 -20.98 -28.64
CA GLN A 306 -30.48 -19.70 -29.15
C GLN A 306 -29.69 -18.91 -28.09
N THR A 307 -29.89 -19.23 -26.82
CA THR A 307 -29.20 -18.54 -25.73
C THR A 307 -27.71 -18.83 -25.73
N ARG A 308 -26.89 -17.77 -25.73
CA ARG A 308 -25.44 -17.90 -25.74
C ARG A 308 -24.88 -18.39 -24.42
N ASP A 309 -23.81 -19.17 -24.50
CA ASP A 309 -23.04 -19.63 -23.34
C ASP A 309 -23.81 -20.43 -22.28
N ILE A 310 -24.68 -21.34 -22.73
CA ILE A 310 -25.37 -22.27 -21.83
C ILE A 310 -24.50 -23.49 -21.51
N PHE A 311 -23.66 -23.91 -22.46
CA PHE A 311 -22.77 -25.06 -22.24
C PHE A 311 -21.39 -24.61 -21.76
N LYS A 312 -21.25 -24.51 -20.44
CA LYS A 312 -20.00 -24.10 -19.82
C LYS A 312 -19.08 -25.29 -19.51
N THR A 313 -17.81 -24.99 -19.26
CA THR A 313 -16.81 -26.02 -18.95
C THR A 313 -17.28 -26.96 -17.84
N LYS A 314 -17.76 -26.40 -16.72
CA LYS A 314 -18.26 -27.21 -15.61
C LYS A 314 -19.29 -28.21 -16.14
N PHE A 315 -20.14 -27.75 -17.06
CA PHE A 315 -21.13 -28.63 -17.68
C PHE A 315 -20.49 -29.64 -18.66
N LEU A 316 -19.70 -29.15 -19.60
CA LEU A 316 -19.06 -30.06 -20.58
C LEU A 316 -18.24 -31.20 -19.91
N SER A 317 -17.66 -30.90 -18.76
CA SER A 317 -16.92 -31.90 -18.01
C SER A 317 -17.89 -32.88 -17.32
N GLU A 318 -19.01 -32.38 -16.83
CA GLU A 318 -20.01 -33.24 -16.16
C GLU A 318 -20.76 -34.15 -17.13
N ILE A 319 -21.20 -33.60 -18.26
CA ILE A 319 -21.97 -34.37 -19.27
C ILE A 319 -21.24 -35.63 -19.72
N GLU A 320 -19.92 -35.52 -19.90
CA GLU A 320 -19.11 -36.65 -20.41
C GLU A 320 -18.61 -37.64 -19.35
N SER A 321 -18.84 -37.36 -18.06
CA SER A 321 -18.47 -38.30 -16.99
C SER A 321 -19.03 -39.70 -17.25
N ASP A 322 -18.17 -40.70 -17.22
CA ASP A 322 -18.60 -42.10 -17.48
C ASP A 322 -19.45 -42.67 -16.32
N SER A 323 -19.41 -42.00 -15.17
CA SER A 323 -20.23 -42.39 -14.00
C SER A 323 -21.72 -41.95 -14.13
N LEU A 324 -22.07 -41.29 -15.24
CA LEU A 324 -23.46 -40.88 -15.47
C LEU A 324 -24.23 -41.93 -16.23
N ALA A 325 -25.48 -42.13 -15.82
CA ALA A 325 -26.41 -42.95 -16.57
C ALA A 325 -27.16 -41.99 -17.46
N LEU A 326 -27.80 -42.53 -18.49
CA LEU A 326 -28.49 -41.68 -19.45
C LEU A 326 -29.58 -40.83 -18.79
N ARG A 327 -30.34 -41.39 -17.84
CA ARG A 327 -31.38 -40.61 -17.11
C ARG A 327 -30.75 -39.39 -16.46
N GLN A 328 -29.53 -39.55 -15.96
CA GLN A 328 -28.79 -38.46 -15.31
C GLN A 328 -28.28 -37.43 -16.31
N VAL A 329 -27.88 -37.86 -17.50
CA VAL A 329 -27.47 -36.93 -18.59
C VAL A 329 -28.66 -36.07 -18.98
N ARG A 330 -29.82 -36.71 -19.14
CA ARG A 330 -31.04 -36.01 -19.48
C ARG A 330 -31.46 -35.08 -18.35
N ALA A 331 -31.26 -35.50 -17.10
CA ALA A 331 -31.56 -34.67 -15.95
C ALA A 331 -30.81 -33.36 -16.08
N ILE A 332 -29.49 -33.45 -16.26
CA ILE A 332 -28.62 -32.27 -16.39
C ILE A 332 -29.12 -31.30 -17.48
N LEU A 333 -29.50 -31.83 -18.64
CA LEU A 333 -30.00 -31.00 -19.74
C LEU A 333 -31.45 -30.45 -19.46
N GLU A 334 -32.29 -31.24 -18.78
CA GLU A 334 -33.61 -30.73 -18.31
C GLU A 334 -33.38 -29.66 -17.24
N ASP A 335 -32.18 -29.67 -16.65
CA ASP A 335 -31.78 -28.76 -15.60
C ASP A 335 -31.13 -27.48 -16.15
N LEU A 336 -30.77 -27.53 -17.44
CA LEU A 336 -30.29 -26.34 -18.18
C LEU A 336 -31.38 -25.80 -19.08
N GLY A 337 -32.61 -26.32 -18.94
CA GLY A 337 -33.72 -25.90 -19.78
C GLY A 337 -33.68 -26.53 -21.18
N LEU A 338 -33.01 -27.68 -21.30
CA LEU A 338 -33.03 -28.45 -22.54
C LEU A 338 -33.47 -29.88 -22.28
N PRO A 339 -34.77 -30.09 -22.02
CA PRO A 339 -35.27 -31.42 -21.83
C PRO A 339 -35.13 -32.25 -23.09
N LEU A 340 -34.68 -33.48 -22.94
CA LEU A 340 -34.39 -34.33 -24.07
C LEU A 340 -34.99 -35.65 -23.91
N THR A 341 -35.21 -36.32 -25.03
CA THR A 341 -35.53 -37.73 -25.00
C THR A 341 -34.18 -38.43 -25.00
N SER A 342 -34.19 -39.72 -24.73
CA SER A 342 -32.98 -40.48 -24.69
C SER A 342 -32.20 -40.31 -25.98
N ASP A 343 -32.79 -40.73 -27.10
CA ASP A 343 -32.14 -40.63 -28.43
C ASP A 343 -31.45 -39.29 -28.65
N ASP A 344 -32.15 -38.21 -28.29
CA ASP A 344 -31.60 -36.86 -28.41
C ASP A 344 -30.42 -36.71 -27.48
N ALA A 345 -30.63 -37.08 -26.22
CA ALA A 345 -29.60 -37.03 -25.21
C ALA A 345 -28.32 -37.75 -25.68
N LEU A 346 -28.48 -38.90 -26.32
CA LEU A 346 -27.35 -39.65 -26.85
C LEU A 346 -26.61 -38.83 -27.91
N MET A 347 -27.36 -38.25 -28.85
CA MET A 347 -26.73 -37.45 -29.90
C MET A 347 -26.01 -36.24 -29.32
N VAL A 348 -26.62 -35.60 -28.32
CA VAL A 348 -25.99 -34.44 -27.67
C VAL A 348 -24.66 -34.85 -27.08
N LEU A 349 -24.67 -35.97 -26.37
CA LEU A 349 -23.48 -36.46 -25.71
C LEU A 349 -22.41 -36.84 -26.72
N GLU A 350 -22.82 -37.40 -27.84
CA GLU A 350 -21.90 -37.72 -28.91
C GLU A 350 -21.25 -36.43 -29.43
N VAL A 351 -22.07 -35.41 -29.65
CA VAL A 351 -21.58 -34.10 -30.14
C VAL A 351 -20.50 -33.54 -29.23
N CYS A 352 -20.72 -33.61 -27.92
CA CYS A 352 -19.75 -33.13 -26.92
C CYS A 352 -18.44 -33.85 -27.01
N GLN A 353 -18.50 -35.17 -27.07
CA GLN A 353 -17.33 -35.98 -27.20
C GLN A 353 -16.58 -35.57 -28.45
N ALA A 354 -17.30 -35.49 -29.57
CA ALA A 354 -16.71 -35.12 -30.85
C ALA A 354 -15.90 -33.82 -30.76
N VAL A 355 -16.53 -32.80 -30.18
CA VAL A 355 -15.91 -31.47 -30.06
C VAL A 355 -14.72 -31.47 -29.11
N SER A 356 -14.94 -31.96 -27.89
CA SER A 356 -13.89 -32.01 -26.88
C SER A 356 -12.70 -32.89 -27.35
N GLN A 357 -13.01 -33.92 -28.14
CA GLN A 357 -11.97 -34.79 -28.68
C GLN A 357 -11.04 -33.99 -29.58
N ARG A 358 -11.61 -33.36 -30.59
CA ARG A 358 -10.83 -32.52 -31.50
C ARG A 358 -10.01 -31.51 -30.69
N ALA A 359 -10.66 -30.90 -29.70
CA ALA A 359 -10.01 -29.93 -28.84
C ALA A 359 -8.74 -30.50 -28.21
N ALA A 360 -8.87 -31.68 -27.60
CA ALA A 360 -7.75 -32.35 -26.98
C ALA A 360 -6.69 -32.72 -28.00
N GLN A 361 -7.12 -33.20 -29.15
CA GLN A 361 -6.20 -33.64 -30.19
C GLN A 361 -5.41 -32.51 -30.79
N LEU A 362 -6.09 -31.39 -31.06
CA LEU A 362 -5.42 -30.21 -31.62
C LEU A 362 -4.33 -29.75 -30.66
N CYS A 363 -4.73 -29.53 -29.41
CA CYS A 363 -3.82 -29.17 -28.34
C CYS A 363 -2.64 -30.14 -28.27
N GLY A 364 -2.95 -31.43 -28.46
CA GLY A 364 -1.94 -32.49 -28.48
C GLY A 364 -0.92 -32.24 -29.59
N ALA A 365 -1.43 -32.07 -30.83
CA ALA A 365 -0.59 -31.74 -32.00
C ALA A 365 0.29 -30.54 -31.69
N GLY A 366 -0.29 -29.59 -30.96
CA GLY A 366 0.44 -28.42 -30.52
C GLY A 366 1.62 -28.81 -29.66
N VAL A 367 1.30 -29.41 -28.50
CA VAL A 367 2.33 -29.80 -27.55
C VAL A 367 3.37 -30.66 -28.26
N ALA A 368 2.91 -31.48 -29.21
CA ALA A 368 3.79 -32.32 -30.03
C ALA A 368 4.83 -31.48 -30.73
N ALA A 369 4.38 -30.40 -31.38
CA ALA A 369 5.29 -29.54 -32.15
C ALA A 369 6.33 -28.90 -31.23
N VAL A 370 5.91 -28.47 -30.05
CA VAL A 370 6.80 -27.82 -29.10
C VAL A 370 7.89 -28.78 -28.63
N VAL A 371 7.48 -29.91 -28.08
CA VAL A 371 8.42 -30.88 -27.55
C VAL A 371 9.41 -31.30 -28.63
N GLU A 372 8.93 -31.43 -29.87
CA GLU A 372 9.79 -31.77 -30.99
C GLU A 372 10.76 -30.65 -31.27
N LYS A 373 10.24 -29.43 -31.31
CA LYS A 373 11.08 -28.25 -31.54
C LYS A 373 12.23 -28.25 -30.53
N ILE A 374 11.89 -28.37 -29.25
CA ILE A 374 12.90 -28.37 -28.17
C ILE A 374 13.93 -29.47 -28.39
N ARG A 375 13.44 -30.67 -28.73
CA ARG A 375 14.30 -31.83 -28.96
C ARG A 375 15.24 -31.59 -30.13
N GLU A 376 14.67 -31.17 -31.26
CA GLU A 376 15.45 -30.90 -32.45
C GLU A 376 16.40 -29.71 -32.23
N ASN A 377 15.95 -28.69 -31.51
CA ASN A 377 16.80 -27.54 -31.17
C ASN A 377 18.08 -27.96 -30.49
N ARG A 378 17.98 -28.95 -29.60
CA ARG A 378 19.13 -29.41 -28.83
C ARG A 378 19.82 -30.63 -29.47
N GLY A 379 19.49 -30.91 -30.73
CA GLY A 379 20.10 -32.01 -31.49
C GLY A 379 20.02 -33.37 -30.82
N LEU A 380 18.96 -33.58 -30.04
CA LEU A 380 18.81 -34.83 -29.29
C LEU A 380 18.09 -35.90 -30.10
N GLU A 381 18.33 -37.16 -29.75
CA GLU A 381 17.62 -38.31 -30.34
C GLU A 381 16.42 -38.73 -29.42
N GLU A 382 16.49 -38.33 -28.14
CA GLU A 382 15.41 -38.53 -27.17
C GLU A 382 15.35 -37.35 -26.22
N LEU A 383 14.14 -37.00 -25.78
CA LEU A 383 13.94 -35.89 -24.85
C LEU A 383 13.04 -36.25 -23.70
N ALA A 384 13.48 -35.96 -22.49
CA ALA A 384 12.67 -36.10 -21.30
C ALA A 384 12.34 -34.68 -20.89
N VAL A 385 11.05 -34.33 -20.94
CA VAL A 385 10.62 -32.98 -20.61
C VAL A 385 9.27 -32.97 -19.93
N SER A 386 9.13 -32.10 -18.94
CA SER A 386 7.87 -31.97 -18.21
C SER A 386 7.12 -30.72 -18.66
N VAL A 387 5.80 -30.78 -18.61
CA VAL A 387 4.95 -29.67 -19.02
C VAL A 387 4.10 -29.21 -17.84
N GLY A 388 4.32 -27.97 -17.38
CA GLY A 388 3.53 -27.39 -16.33
C GLY A 388 2.21 -26.96 -16.95
N VAL A 389 1.12 -27.57 -16.56
CA VAL A 389 -0.17 -27.30 -17.18
C VAL A 389 -1.24 -26.86 -16.18
N ASP A 390 -2.11 -25.93 -16.61
CA ASP A 390 -3.23 -25.43 -15.80
C ASP A 390 -4.42 -25.07 -16.69
N GLY A 391 -5.58 -24.93 -16.10
CA GLY A 391 -6.79 -24.60 -16.82
C GLY A 391 -7.91 -25.49 -16.33
N THR A 392 -9.08 -24.90 -16.08
CA THR A 392 -10.22 -25.66 -15.56
C THR A 392 -10.67 -26.78 -16.51
N LEU A 393 -10.71 -26.48 -17.81
CA LEU A 393 -11.06 -27.49 -18.81
C LEU A 393 -10.14 -28.68 -18.70
N TYR A 394 -8.83 -28.43 -18.80
CA TYR A 394 -7.83 -29.46 -18.67
C TYR A 394 -7.99 -30.17 -17.36
N LYS A 395 -8.02 -29.40 -16.27
CA LYS A 395 -8.13 -29.95 -14.90
C LYS A 395 -9.37 -30.78 -14.63
N LEU A 396 -10.52 -30.38 -15.20
CA LEU A 396 -11.82 -31.05 -14.90
C LEU A 396 -12.33 -32.07 -15.91
N HIS A 397 -12.09 -31.84 -17.21
CA HIS A 397 -12.67 -32.69 -18.26
C HIS A 397 -12.26 -34.18 -18.16
N PRO A 398 -13.26 -35.10 -18.21
CA PRO A 398 -13.05 -36.53 -18.07
C PRO A 398 -11.94 -37.11 -18.97
N ARG A 399 -11.91 -36.72 -20.24
CA ARG A 399 -10.99 -37.31 -21.21
C ARG A 399 -9.85 -36.39 -21.71
N PHE A 400 -10.08 -35.07 -21.72
CA PHE A 400 -9.13 -34.10 -22.34
C PHE A 400 -7.64 -34.38 -22.06
N SER A 401 -7.26 -34.37 -20.79
CA SER A 401 -5.86 -34.54 -20.42
C SER A 401 -5.30 -35.83 -20.97
N SER A 402 -6.05 -36.92 -20.83
CA SER A 402 -5.64 -38.24 -21.36
C SER A 402 -5.47 -38.23 -22.86
N LEU A 403 -6.46 -37.70 -23.55
CA LEU A 403 -6.46 -37.69 -25.01
C LEU A 403 -5.28 -36.85 -25.54
N VAL A 404 -4.85 -35.85 -24.78
CA VAL A 404 -3.68 -35.03 -25.16
C VAL A 404 -2.42 -35.90 -25.06
N ALA A 405 -2.17 -36.39 -23.84
CA ALA A 405 -1.03 -37.27 -23.55
C ALA A 405 -0.86 -38.35 -24.61
N ALA A 406 -1.99 -38.94 -25.02
CA ALA A 406 -2.01 -39.97 -26.06
C ALA A 406 -1.52 -39.44 -27.40
N THR A 407 -1.96 -38.23 -27.72
CA THR A 407 -1.63 -37.62 -28.98
C THR A 407 -0.16 -37.24 -29.05
N VAL A 408 0.39 -36.87 -27.89
CA VAL A 408 1.79 -36.48 -27.78
C VAL A 408 2.68 -37.70 -28.02
N ARG A 409 2.20 -38.87 -27.59
CA ARG A 409 2.90 -40.12 -27.84
C ARG A 409 2.84 -40.45 -29.32
N GLU A 410 1.63 -40.46 -29.86
CA GLU A 410 1.41 -40.73 -31.27
C GLU A 410 2.29 -39.86 -32.19
N LEU A 411 2.40 -38.56 -31.86
CA LEU A 411 3.07 -37.58 -32.73
C LEU A 411 4.52 -37.18 -32.34
N ALA A 412 4.87 -37.34 -31.07
CA ALA A 412 6.24 -37.07 -30.61
C ALA A 412 6.71 -38.26 -29.78
N PRO A 413 6.94 -39.41 -30.45
CA PRO A 413 7.32 -40.62 -29.75
C PRO A 413 8.72 -40.55 -29.19
N ARG A 414 9.67 -39.95 -29.93
CA ARG A 414 11.05 -39.85 -29.48
C ARG A 414 11.16 -38.99 -28.19
N CYS A 415 10.08 -38.29 -27.82
CA CYS A 415 10.06 -37.50 -26.58
C CYS A 415 9.26 -38.18 -25.50
N VAL A 416 9.79 -38.14 -24.27
CA VAL A 416 9.09 -38.66 -23.09
C VAL A 416 8.52 -37.47 -22.31
N VAL A 417 7.24 -37.18 -22.57
CA VAL A 417 6.58 -35.99 -21.98
C VAL A 417 5.75 -36.30 -20.76
N THR A 418 6.12 -35.69 -19.63
CA THR A 418 5.35 -35.79 -18.39
C THR A 418 4.57 -34.51 -18.21
N PHE A 419 3.30 -34.62 -17.83
CA PHE A 419 2.46 -33.45 -17.59
C PHE A 419 2.27 -33.23 -16.10
N LEU A 420 2.57 -32.02 -15.67
CA LEU A 420 2.44 -31.63 -14.27
C LEU A 420 1.27 -30.71 -14.18
N GLN A 421 0.32 -31.02 -13.32
CA GLN A 421 -0.81 -30.13 -13.11
C GLN A 421 -0.45 -29.17 -11.97
N SER A 422 -0.57 -27.87 -12.24
CA SER A 422 -0.19 -26.87 -11.25
C SER A 422 -1.16 -26.84 -10.08
N GLU A 423 -0.67 -27.16 -8.89
CA GLU A 423 -1.50 -27.19 -7.69
C GLU A 423 -1.69 -25.78 -7.09
N ASP A 424 -0.79 -24.84 -7.41
CA ASP A 424 -0.79 -23.49 -6.76
C ASP A 424 -0.98 -22.28 -7.68
N GLY A 425 -1.29 -22.51 -8.96
CA GLY A 425 -1.53 -21.42 -9.90
C GLY A 425 -0.27 -20.68 -10.30
N SER A 426 -0.44 -19.66 -11.15
CA SER A 426 0.69 -18.89 -11.70
C SER A 426 1.37 -17.95 -10.70
N GLY A 427 0.65 -17.54 -9.66
CA GLY A 427 1.21 -16.64 -8.64
C GLY A 427 2.54 -17.11 -8.06
N LYS A 428 2.66 -18.42 -7.89
CA LYS A 428 3.88 -19.04 -7.38
C LYS A 428 5.05 -18.79 -8.33
N GLY A 429 4.84 -19.05 -9.62
CA GLY A 429 5.87 -18.83 -10.63
C GLY A 429 6.18 -17.36 -10.81
N ALA A 430 5.12 -16.55 -10.87
CA ALA A 430 5.29 -15.09 -11.01
C ALA A 430 6.25 -14.56 -9.93
N ALA A 431 6.03 -14.98 -8.70
CA ALA A 431 6.85 -14.57 -7.56
C ALA A 431 8.31 -14.92 -7.79
N LEU A 432 8.54 -16.12 -8.30
CA LEU A 432 9.91 -16.60 -8.59
C LEU A 432 10.58 -15.76 -9.67
N VAL A 433 9.80 -15.34 -10.66
CA VAL A 433 10.32 -14.50 -11.72
C VAL A 433 10.68 -13.13 -11.16
N THR A 434 9.75 -12.56 -10.39
CA THR A 434 9.95 -11.26 -9.73
C THR A 434 11.23 -11.27 -8.89
N ALA A 435 11.52 -12.40 -8.24
CA ALA A 435 12.76 -12.56 -7.46
C ALA A 435 13.99 -12.20 -8.31
N VAL A 436 13.98 -12.66 -9.57
CA VAL A 436 15.06 -12.36 -10.52
C VAL A 436 15.01 -10.89 -10.89
N ALA A 437 13.81 -10.38 -11.13
CA ALA A 437 13.60 -8.96 -11.49
C ALA A 437 14.17 -8.01 -10.42
N CYS A 438 14.10 -8.43 -9.16
CA CYS A 438 14.67 -7.67 -8.04
C CYS A 438 16.19 -7.74 -8.08
N ARG A 439 16.71 -8.95 -8.25
CA ARG A 439 18.15 -9.16 -8.40
C ARG A 439 18.65 -8.31 -9.58
N LEU A 440 17.90 -8.34 -10.69
CA LEU A 440 18.22 -7.58 -11.91
C LEU A 440 18.27 -6.04 -11.71
N ALA A 441 17.55 -5.54 -10.70
CA ALA A 441 17.56 -4.12 -10.37
C ALA A 441 18.74 -3.79 -9.44
N GLN A 442 19.00 -4.66 -8.46
CA GLN A 442 20.08 -4.44 -7.48
C GLN A 442 21.48 -4.60 -8.11
N SER B 2 -12.98 34.66 -5.06
CA SER B 2 -11.63 34.04 -5.07
C SER B 2 -10.96 34.14 -3.69
N ARG B 3 -10.61 35.37 -3.29
CA ARG B 3 -10.00 35.62 -1.97
C ARG B 3 -11.04 35.52 -0.84
N ARG B 4 -12.34 35.56 -1.20
CA ARG B 4 -13.43 35.41 -0.23
C ARG B 4 -13.37 34.01 0.40
N LEU B 5 -13.28 32.98 -0.46
CA LEU B 5 -13.14 31.59 -0.01
C LEU B 5 -11.90 31.43 0.90
N LEU B 6 -10.76 31.98 0.47
CA LEU B 6 -9.51 31.90 1.25
C LEU B 6 -9.72 32.38 2.68
N GLU B 7 -10.40 33.52 2.84
CA GLU B 7 -10.63 34.08 4.18
C GLU B 7 -11.65 33.23 4.94
N GLU B 8 -12.72 32.83 4.25
CA GLU B 8 -13.73 31.91 4.84
C GLU B 8 -13.04 30.67 5.43
N THR B 9 -12.13 30.09 4.64
CA THR B 9 -11.38 28.91 5.06
C THR B 9 -10.48 29.18 6.28
N LEU B 10 -9.75 30.30 6.25
CA LEU B 10 -8.82 30.63 7.34
C LEU B 10 -9.49 31.25 8.60
N ALA B 11 -10.78 31.57 8.49
CA ALA B 11 -11.55 32.21 9.59
C ALA B 11 -11.38 31.54 10.96
N PRO B 12 -11.50 30.19 11.04
CA PRO B 12 -11.34 29.48 12.32
C PRO B 12 -9.95 29.58 12.96
N PHE B 13 -8.93 29.90 12.17
CA PHE B 13 -7.56 30.04 12.69
C PHE B 13 -7.30 31.42 13.28
N ARG B 14 -8.29 32.30 13.16
CA ARG B 14 -8.17 33.66 13.65
C ARG B 14 -9.06 33.80 14.90
N LEU B 15 -8.45 33.54 16.06
CA LEU B 15 -9.18 33.53 17.31
C LEU B 15 -9.23 34.91 17.94
N ASN B 16 -10.45 35.37 18.26
CA ASN B 16 -10.63 36.66 18.91
C ASN B 16 -10.29 36.54 20.41
N HIS B 17 -10.28 37.68 21.08
CA HIS B 17 -9.94 37.74 22.50
C HIS B 17 -10.82 36.83 23.37
N ASP B 18 -12.14 36.87 23.18
CA ASP B 18 -13.08 36.06 23.98
C ASP B 18 -12.81 34.57 23.83
N GLN B 19 -12.59 34.13 22.60
CA GLN B 19 -12.28 32.74 22.32
C GLN B 19 -11.01 32.31 23.07
N LEU B 20 -9.94 33.11 22.92
CA LEU B 20 -8.65 32.82 23.58
C LEU B 20 -8.78 32.80 25.12
N ALA B 21 -9.59 33.70 25.65
CA ALA B 21 -9.86 33.73 27.09
C ALA B 21 -10.52 32.41 27.53
N ALA B 22 -11.47 31.92 26.73
CA ALA B 22 -12.16 30.65 27.04
C ALA B 22 -11.18 29.47 27.07
N VAL B 23 -10.20 29.48 26.17
CA VAL B 23 -9.17 28.43 26.14
C VAL B 23 -8.38 28.47 27.43
N GLN B 24 -7.94 29.66 27.82
CA GLN B 24 -7.27 29.86 29.11
C GLN B 24 -8.17 29.35 30.26
N ALA B 25 -9.44 29.78 30.23
CA ALA B 25 -10.43 29.39 31.24
C ALA B 25 -10.56 27.88 31.38
N GLN B 26 -10.64 27.20 30.25
CA GLN B 26 -10.83 25.76 30.23
C GLN B 26 -9.56 24.98 30.58
N MET B 27 -8.37 25.56 30.31
CA MET B 27 -7.14 24.90 30.75
C MET B 27 -7.02 25.06 32.26
N ARG B 28 -7.36 26.23 32.73
CA ARG B 28 -7.34 26.54 34.13
C ARG B 28 -8.22 25.52 34.91
N LYS B 29 -9.36 25.17 34.31
CA LYS B 29 -10.30 24.19 34.87
C LYS B 29 -9.68 22.80 34.84
N ALA B 30 -9.10 22.44 33.69
CA ALA B 30 -8.43 21.15 33.53
C ALA B 30 -7.32 20.96 34.57
N MET B 31 -6.59 22.02 34.86
CA MET B 31 -5.52 21.97 35.85
C MET B 31 -6.09 21.68 37.22
N ALA B 32 -7.10 22.45 37.60
CA ALA B 32 -7.75 22.28 38.90
C ALA B 32 -8.17 20.84 39.08
N LYS B 33 -8.97 20.35 38.14
CA LYS B 33 -9.50 18.98 38.22
C LYS B 33 -8.40 17.92 38.33
N GLY B 34 -7.44 17.98 37.41
CA GLY B 34 -6.32 17.04 37.41
C GLY B 34 -5.66 16.91 38.78
N LEU B 35 -5.39 18.05 39.42
CA LEU B 35 -4.73 18.09 40.74
C LEU B 35 -5.57 17.47 41.87
N ARG B 36 -6.89 17.66 41.81
CA ARG B 36 -7.80 17.11 42.83
C ARG B 36 -8.08 15.62 42.57
N GLY B 37 -7.58 15.10 41.44
CA GLY B 37 -7.74 13.69 41.07
C GLY B 37 -8.98 13.41 40.24
N GLU B 38 -9.70 14.47 39.84
CA GLU B 38 -10.85 14.31 38.97
C GLU B 38 -10.40 14.10 37.52
N ALA B 39 -11.37 13.81 36.64
CA ALA B 39 -11.07 13.52 35.24
C ALA B 39 -10.67 14.80 34.49
N SER B 40 -9.41 14.83 34.06
CA SER B 40 -8.86 15.93 33.29
C SER B 40 -8.16 15.36 32.06
N SER B 41 -7.96 16.19 31.03
CA SER B 41 -7.17 15.78 29.87
C SER B 41 -5.69 16.14 30.12
N LEU B 42 -5.44 16.92 31.19
CA LEU B 42 -4.10 17.21 31.67
C LEU B 42 -3.83 16.18 32.74
N ARG B 43 -2.76 15.40 32.57
CA ARG B 43 -2.41 14.38 33.56
C ARG B 43 -1.93 15.04 34.87
N MET B 44 -1.27 16.20 34.75
CA MET B 44 -0.76 16.95 35.91
C MET B 44 0.14 16.04 36.75
N LEU B 45 1.19 15.53 36.12
CA LEU B 45 2.06 14.52 36.72
C LEU B 45 3.08 15.12 37.68
N PRO B 46 3.10 14.63 38.94
CA PRO B 46 4.16 15.07 39.88
C PRO B 46 5.53 14.65 39.39
N THR B 47 6.50 15.55 39.48
CA THR B 47 7.87 15.26 39.02
C THR B 47 8.81 15.01 40.17
N PHE B 48 8.35 15.26 41.39
CA PHE B 48 9.17 15.15 42.60
C PHE B 48 10.43 16.04 42.60
N VAL B 49 10.32 17.18 41.91
CA VAL B 49 11.33 18.23 41.94
C VAL B 49 10.69 19.30 42.82
N ARG B 50 11.15 19.40 44.06
CA ARG B 50 10.51 20.27 45.06
C ARG B 50 11.11 21.66 45.22
N ALA B 51 12.12 21.99 44.42
CA ALA B 51 12.74 23.30 44.47
C ALA B 51 13.56 23.57 43.23
N THR B 52 13.56 24.83 42.79
CA THR B 52 14.41 25.27 41.70
C THR B 52 15.84 25.25 42.29
N PRO B 53 16.87 25.30 41.42
CA PRO B 53 18.25 25.18 41.91
C PRO B 53 18.54 25.94 43.22
N ASP B 54 18.72 25.20 44.31
CA ASP B 54 18.96 25.76 45.64
C ASP B 54 20.45 26.00 45.85
N GLY B 55 20.90 27.20 45.48
CA GLY B 55 22.29 27.60 45.64
C GLY B 55 23.28 26.65 44.98
N SER B 56 24.29 26.22 45.75
CA SER B 56 25.35 25.36 45.23
C SER B 56 24.97 23.86 45.30
N GLU B 57 25.22 23.18 44.19
CA GLU B 57 24.91 21.75 44.02
C GLU B 57 25.97 21.16 43.10
N ARG B 58 27.04 20.63 43.68
CA ARG B 58 28.18 20.14 42.88
C ARG B 58 27.99 18.70 42.37
N GLY B 59 28.92 18.26 41.51
CA GLY B 59 28.94 16.89 40.98
C GLY B 59 29.26 16.80 39.49
N ASP B 60 29.76 15.64 39.05
CA ASP B 60 30.02 15.36 37.64
C ASP B 60 28.99 14.30 37.20
N PHE B 61 28.16 14.64 36.21
CA PHE B 61 27.03 13.79 35.81
C PHE B 61 26.99 13.48 34.32
N LEU B 62 26.62 12.25 33.98
CA LEU B 62 26.34 11.90 32.59
C LEU B 62 24.89 12.29 32.39
N ALA B 63 24.49 12.53 31.15
CA ALA B 63 23.13 12.98 30.90
C ALA B 63 22.60 12.55 29.54
N LEU B 64 21.42 11.94 29.55
CA LEU B 64 20.73 11.55 28.33
C LEU B 64 19.69 12.59 28.03
N ASP B 65 19.41 12.77 26.75
CA ASP B 65 18.40 13.72 26.31
C ASP B 65 17.66 13.09 25.11
N LEU B 66 16.52 12.46 25.41
CA LEU B 66 15.78 11.71 24.41
C LEU B 66 14.37 12.21 24.26
N GLY B 67 13.92 12.27 23.00
CA GLY B 67 12.53 12.64 22.66
C GLY B 67 12.39 13.90 21.83
N GLY B 68 13.47 14.67 21.72
CA GLY B 68 13.49 15.85 20.88
C GLY B 68 13.95 15.51 19.46
N THR B 69 14.13 16.55 18.65
CA THR B 69 14.68 16.41 17.30
C THR B 69 16.07 15.75 17.35
N ASN B 70 16.80 15.99 18.45
CA ASN B 70 18.12 15.40 18.66
C ASN B 70 18.17 14.50 19.88
N PHE B 71 18.77 13.32 19.70
CA PHE B 71 19.11 12.47 20.84
C PHE B 71 20.57 12.80 21.15
N ARG B 72 20.88 13.01 22.43
CA ARG B 72 22.20 13.46 22.81
C ARG B 72 22.70 12.86 24.12
N VAL B 73 23.97 12.47 24.13
CA VAL B 73 24.64 12.05 25.35
C VAL B 73 25.48 13.23 25.79
N LEU B 74 25.57 13.44 27.10
CA LEU B 74 26.17 14.66 27.66
C LEU B 74 26.95 14.40 28.92
N LEU B 75 28.10 15.06 29.04
CA LEU B 75 28.83 15.10 30.30
C LEU B 75 28.60 16.48 30.87
N VAL B 76 28.16 16.55 32.13
CA VAL B 76 27.86 17.82 32.77
C VAL B 76 28.64 17.93 34.08
N ARG B 77 29.61 18.84 34.11
CA ARG B 77 30.43 19.07 35.31
C ARG B 77 29.97 20.31 36.06
N VAL B 78 29.36 20.10 37.23
CA VAL B 78 28.84 21.21 38.03
C VAL B 78 29.72 21.48 39.24
N THR B 79 30.27 22.69 39.30
CA THR B 79 31.15 23.12 40.40
C THR B 79 30.72 24.55 40.76
N THR B 80 31.66 25.50 40.80
CA THR B 80 31.32 26.91 40.92
C THR B 80 30.52 27.27 39.64
N GLY B 81 31.04 26.81 38.49
CA GLY B 81 30.38 26.97 37.20
C GLY B 81 29.90 25.63 36.66
N VAL B 82 29.38 25.66 35.43
CA VAL B 82 28.85 24.46 34.76
C VAL B 82 29.56 24.25 33.41
N GLN B 83 30.07 23.04 33.17
CA GLN B 83 30.79 22.72 31.92
C GLN B 83 30.16 21.52 31.24
N ILE B 84 29.75 21.70 29.99
CA ILE B 84 29.06 20.65 29.24
C ILE B 84 29.76 20.25 27.95
N THR B 85 29.95 18.94 27.78
CA THR B 85 30.38 18.38 26.52
C THR B 85 29.22 17.51 26.06
N SER B 86 29.11 17.31 24.75
CA SER B 86 28.01 16.52 24.22
C SER B 86 28.26 15.98 22.82
N GLU B 87 27.38 15.09 22.39
CA GLU B 87 27.42 14.54 21.04
C GLU B 87 26.03 14.03 20.67
N ILE B 88 25.59 14.38 19.46
CA ILE B 88 24.30 13.95 18.96
C ILE B 88 24.43 12.59 18.29
N TYR B 89 23.38 11.78 18.38
CA TYR B 89 23.32 10.49 17.68
C TYR B 89 21.98 10.35 16.96
N SER B 90 21.98 9.56 15.90
CA SER B 90 20.78 9.37 15.08
C SER B 90 19.86 8.27 15.63
N ILE B 91 18.55 8.53 15.59
CA ILE B 91 17.51 7.54 15.94
C ILE B 91 16.46 7.55 14.82
N PRO B 92 16.64 6.70 13.80
CA PRO B 92 15.64 6.65 12.70
C PRO B 92 14.23 6.22 13.17
N GLU B 93 13.21 6.63 12.40
CA GLU B 93 11.81 6.24 12.68
C GLU B 93 11.72 4.73 12.92
N THR B 94 12.55 3.97 12.18
CA THR B 94 12.68 2.53 12.36
C THR B 94 12.94 2.19 13.82
N VAL B 95 13.97 2.82 14.41
CA VAL B 95 14.35 2.57 15.80
C VAL B 95 13.34 3.19 16.77
N ALA B 96 12.87 4.38 16.42
CA ALA B 96 11.91 5.11 17.25
C ALA B 96 10.58 4.38 17.38
N GLN B 97 10.18 3.70 16.32
CA GLN B 97 8.89 2.97 16.28
C GLN B 97 9.09 1.44 16.24
N GLY B 98 10.33 1.00 16.45
CA GLY B 98 10.67 -0.41 16.39
C GLY B 98 10.42 -1.12 17.70
N SER B 99 11.42 -1.87 18.16
CA SER B 99 11.31 -2.62 19.40
C SER B 99 12.00 -1.89 20.52
N GLY B 100 11.40 -1.95 21.71
CA GLY B 100 11.99 -1.36 22.90
C GLY B 100 13.40 -1.87 23.12
N GLN B 101 13.60 -3.18 22.93
CA GLN B 101 14.92 -3.78 23.09
C GLN B 101 15.94 -3.06 22.21
N GLN B 102 15.64 -2.94 20.91
CA GLN B 102 16.55 -2.25 19.96
C GLN B 102 16.77 -0.79 20.33
N LEU B 103 15.71 -0.11 20.73
CA LEU B 103 15.77 1.31 21.09
C LEU B 103 16.81 1.54 22.19
N PHE B 104 16.65 0.87 23.32
CA PHE B 104 17.56 1.07 24.45
C PHE B 104 18.93 0.41 24.25
N ASP B 105 18.97 -0.64 23.43
CA ASP B 105 20.25 -1.21 23.01
C ASP B 105 21.06 -0.10 22.33
N HIS B 106 20.42 0.57 21.39
CA HIS B 106 21.03 1.68 20.67
C HIS B 106 21.46 2.80 21.62
N ILE B 107 20.58 3.15 22.54
CA ILE B 107 20.87 4.20 23.54
C ILE B 107 22.13 3.87 24.32
N VAL B 108 22.21 2.62 24.81
CA VAL B 108 23.37 2.18 25.56
C VAL B 108 24.63 2.26 24.68
N ASP B 109 24.55 1.72 23.45
CA ASP B 109 25.69 1.74 22.50
C ASP B 109 26.29 3.16 22.41
N CYS B 110 25.41 4.15 22.34
CA CYS B 110 25.84 5.55 22.26
C CYS B 110 26.56 5.99 23.52
N ILE B 111 26.05 5.57 24.68
CA ILE B 111 26.66 5.92 25.96
C ILE B 111 28.09 5.36 26.01
N VAL B 112 28.22 4.07 25.71
CA VAL B 112 29.52 3.41 25.64
C VAL B 112 30.44 4.18 24.68
N ASP B 113 29.91 4.50 23.49
CA ASP B 113 30.65 5.26 22.49
C ASP B 113 31.13 6.58 23.08
N PHE B 114 30.19 7.36 23.60
CA PHE B 114 30.49 8.65 24.22
C PHE B 114 31.51 8.50 25.34
N GLN B 115 31.21 7.63 26.30
CA GLN B 115 32.12 7.36 27.41
C GLN B 115 33.53 7.06 26.93
N GLN B 116 33.64 6.18 25.93
CA GLN B 116 34.93 5.80 25.35
C GLN B 116 35.66 6.99 24.71
N LYS B 117 34.89 7.89 24.10
CA LYS B 117 35.44 9.11 23.47
C LYS B 117 35.84 10.17 24.50
N GLN B 118 35.23 10.13 25.69
CA GLN B 118 35.49 11.13 26.74
C GLN B 118 36.49 10.67 27.80
N GLY B 119 36.87 9.38 27.77
CA GLY B 119 37.77 8.82 28.79
C GLY B 119 37.03 8.44 30.08
N LEU B 120 35.69 8.59 30.07
CA LEU B 120 34.85 8.22 31.22
C LEU B 120 35.07 6.73 31.53
N SER B 121 34.92 5.91 30.50
CA SER B 121 35.23 4.45 30.55
C SER B 121 34.63 3.68 31.75
N GLY B 122 35.49 3.30 32.72
CA GLY B 122 35.08 2.50 33.89
C GLY B 122 34.21 3.24 34.91
N GLN B 123 34.50 4.53 35.14
CA GLN B 123 33.72 5.35 36.08
C GLN B 123 32.24 5.36 35.69
N SER B 124 31.39 4.79 36.54
CA SER B 124 29.92 4.77 36.31
C SER B 124 29.30 5.97 37.03
N LEU B 125 28.97 7.02 36.28
CA LEU B 125 28.49 8.27 36.85
C LEU B 125 26.97 8.30 37.04
N PRO B 126 26.48 9.23 37.89
CA PRO B 126 25.04 9.39 38.02
C PRO B 126 24.49 9.95 36.73
N LEU B 127 23.48 9.29 36.18
CA LEU B 127 22.89 9.73 34.91
C LEU B 127 21.70 10.64 35.16
N GLY B 128 21.62 11.71 34.37
CA GLY B 128 20.47 12.62 34.40
C GLY B 128 19.69 12.40 33.12
N PHE B 129 18.68 11.54 33.20
CA PHE B 129 17.93 11.14 32.03
C PHE B 129 16.81 12.13 31.69
N THR B 130 17.03 12.95 30.67
CA THR B 130 15.98 13.81 30.17
C THR B 130 15.18 12.94 29.19
N PHE B 131 13.96 12.63 29.58
CA PHE B 131 13.11 11.71 28.82
C PHE B 131 11.79 12.43 28.56
N SER B 132 11.69 13.03 27.39
CA SER B 132 10.57 13.92 27.07
C SER B 132 9.25 13.25 26.67
N PHE B 133 8.73 12.43 27.59
CA PHE B 133 7.46 11.75 27.42
C PHE B 133 6.77 11.64 28.77
N PRO B 134 5.47 11.33 28.78
CA PRO B 134 4.72 11.25 30.02
C PRO B 134 5.09 10.06 30.89
N CYS B 135 5.47 10.33 32.14
CA CYS B 135 5.83 9.28 33.09
C CYS B 135 5.14 9.46 34.40
N ARG B 136 4.79 8.35 35.00
CA ARG B 136 4.26 8.34 36.34
C ARG B 136 5.46 8.19 37.25
N GLN B 137 5.79 9.24 37.99
CA GLN B 137 6.92 9.17 38.90
C GLN B 137 6.45 9.24 40.34
N LEU B 138 7.02 8.39 41.18
CA LEU B 138 6.82 8.48 42.63
C LEU B 138 8.15 8.86 43.30
N GLY B 139 9.11 9.29 42.48
CA GLY B 139 10.41 9.73 42.95
C GLY B 139 11.23 10.20 41.76
N LEU B 140 12.33 10.90 42.04
CA LEU B 140 13.22 11.38 40.98
C LEU B 140 13.86 10.21 40.23
N ASP B 141 14.17 9.14 40.98
CA ASP B 141 14.90 7.97 40.46
C ASP B 141 14.06 6.91 39.71
N GLN B 142 12.80 7.24 39.42
CA GLN B 142 11.90 6.30 38.77
C GLN B 142 10.87 7.00 37.89
N GLY B 143 10.45 6.33 36.84
CA GLY B 143 9.47 6.90 35.91
C GLY B 143 8.89 5.88 34.98
N ILE B 144 7.62 5.54 35.18
CA ILE B 144 6.91 4.57 34.35
C ILE B 144 6.30 5.26 33.15
N LEU B 145 6.85 5.00 31.96
CA LEU B 145 6.32 5.57 30.72
C LEU B 145 4.85 5.26 30.60
N LEU B 146 4.02 6.28 30.53
CA LEU B 146 2.58 6.10 30.39
C LEU B 146 2.25 5.90 28.92
N ASN B 147 2.74 6.79 28.07
CA ASN B 147 2.48 6.75 26.63
C ASN B 147 3.64 7.28 25.85
N TRP B 148 3.84 6.77 24.64
CA TRP B 148 4.72 7.42 23.71
C TRP B 148 3.90 8.53 23.09
N THR B 149 4.58 9.57 22.63
CA THR B 149 3.94 10.69 21.96
C THR B 149 4.82 11.11 20.80
N LYS B 150 4.41 12.14 20.07
CA LYS B 150 5.20 12.65 18.95
C LYS B 150 5.44 11.53 17.91
N GLY B 151 6.69 11.21 17.61
CA GLY B 151 7.01 10.22 16.57
C GLY B 151 7.44 8.84 17.04
N PHE B 152 7.29 8.59 18.34
CA PHE B 152 7.71 7.30 18.93
C PHE B 152 6.55 6.32 19.07
N LYS B 153 6.85 5.04 18.84
CA LYS B 153 5.90 3.95 19.03
C LYS B 153 6.63 2.64 19.40
N ALA B 154 7.80 2.76 20.06
CA ALA B 154 8.63 1.60 20.42
C ALA B 154 7.84 0.60 21.27
N SER B 155 7.91 -0.68 20.88
CA SER B 155 7.10 -1.71 21.51
C SER B 155 7.65 -2.17 22.86
N ASP B 156 6.76 -2.75 23.68
CA ASP B 156 7.11 -3.33 25.00
C ASP B 156 7.78 -2.32 25.96
N CYS B 157 7.43 -1.04 25.81
CA CYS B 157 8.00 0.03 26.63
C CYS B 157 6.99 0.72 27.53
N GLU B 158 5.78 0.90 27.02
CA GLU B 158 4.73 1.57 27.79
C GLU B 158 4.37 0.73 29.01
N GLY B 159 4.25 1.39 30.16
CA GLY B 159 3.98 0.71 31.42
C GLY B 159 5.24 0.21 32.11
N GLN B 160 6.39 0.47 31.47
CA GLN B 160 7.69 0.06 32.02
C GLN B 160 8.37 1.25 32.66
N ASP B 161 9.09 1.00 33.74
CA ASP B 161 9.94 2.00 34.34
C ASP B 161 11.10 2.17 33.38
N VAL B 162 11.29 3.39 32.87
CA VAL B 162 12.35 3.64 31.90
C VAL B 162 13.75 3.42 32.50
N VAL B 163 13.88 3.59 33.81
CA VAL B 163 15.15 3.31 34.48
C VAL B 163 15.46 1.82 34.35
N SER B 164 14.43 0.97 34.48
CA SER B 164 14.59 -0.48 34.28
C SER B 164 14.92 -0.78 32.83
N LEU B 165 14.15 -0.19 31.91
CA LEU B 165 14.38 -0.38 30.47
C LEU B 165 15.83 -0.12 30.11
N LEU B 166 16.46 0.84 30.81
CA LEU B 166 17.87 1.15 30.61
C LEU B 166 18.78 0.05 31.22
N ARG B 167 18.49 -0.37 32.46
CA ARG B 167 19.26 -1.44 33.12
C ARG B 167 19.32 -2.69 32.26
N GLU B 168 18.14 -3.17 31.85
CA GLU B 168 18.01 -4.34 30.99
C GLU B 168 18.87 -4.23 29.74
N ALA B 169 18.94 -3.03 29.15
CA ALA B 169 19.78 -2.78 27.98
C ALA B 169 21.26 -2.77 28.35
N ILE B 170 21.60 -2.10 29.46
CA ILE B 170 22.99 -2.04 29.97
C ILE B 170 23.56 -3.43 30.19
N THR B 171 22.77 -4.27 30.87
CA THR B 171 23.16 -5.64 31.12
C THR B 171 23.31 -6.42 29.79
N ARG B 172 22.36 -6.23 28.87
CA ARG B 172 22.42 -6.87 27.53
C ARG B 172 23.67 -6.45 26.76
N ARG B 173 23.82 -5.15 26.53
CA ARG B 173 25.00 -4.62 25.83
C ARG B 173 26.26 -4.74 26.70
N GLN B 174 26.08 -5.18 27.96
CA GLN B 174 27.19 -5.41 28.91
C GLN B 174 28.01 -4.16 29.15
N ALA B 175 27.31 -3.06 29.44
CA ALA B 175 27.95 -1.77 29.69
C ALA B 175 28.29 -1.64 31.16
N VAL B 176 28.77 -0.45 31.54
CA VAL B 176 29.11 -0.17 32.94
C VAL B 176 27.81 -0.03 33.74
N GLU B 177 27.78 -0.65 34.92
CA GLU B 177 26.59 -0.68 35.79
C GLU B 177 25.98 0.72 35.99
N LEU B 178 24.66 0.81 35.89
CA LEU B 178 23.96 2.08 36.08
C LEU B 178 24.08 2.48 37.56
N ASN B 179 24.42 3.74 37.82
CA ASN B 179 24.53 4.28 39.16
C ASN B 179 23.17 4.96 39.50
N VAL B 180 23.19 6.10 40.21
CA VAL B 180 21.97 6.81 40.50
C VAL B 180 21.46 7.46 39.21
N VAL B 181 20.29 7.01 38.76
CA VAL B 181 19.65 7.58 37.56
C VAL B 181 18.47 8.45 37.98
N ALA B 182 18.26 9.57 37.27
CA ALA B 182 17.18 10.51 37.55
C ALA B 182 16.37 10.78 36.27
N ILE B 183 15.04 10.61 36.37
CA ILE B 183 14.16 10.83 35.24
C ILE B 183 13.54 12.21 35.31
N VAL B 184 13.69 12.97 34.24
CA VAL B 184 13.13 14.32 34.14
C VAL B 184 12.53 14.56 32.77
N ASN B 185 11.38 15.22 32.73
CA ASN B 185 10.77 15.61 31.47
C ASN B 185 11.54 16.81 30.94
N ASP B 186 11.60 16.97 29.63
CA ASP B 186 12.35 18.10 29.04
C ASP B 186 11.87 19.44 29.56
N THR B 187 10.56 19.58 29.80
CA THR B 187 10.02 20.82 30.36
C THR B 187 10.71 21.10 31.68
N VAL B 188 10.71 20.11 32.56
CA VAL B 188 11.35 20.23 33.87
C VAL B 188 12.86 20.49 33.72
N GLY B 189 13.48 19.77 32.79
CA GLY B 189 14.91 19.96 32.51
C GLY B 189 15.21 21.39 32.11
N THR B 190 14.40 21.94 31.21
CA THR B 190 14.61 23.32 30.74
C THR B 190 14.40 24.30 31.88
N MET B 191 13.28 24.16 32.59
CA MET B 191 12.99 25.02 33.74
C MET B 191 14.18 25.12 34.67
N MET B 192 14.75 23.97 35.01
CA MET B 192 15.88 23.90 35.92
C MET B 192 17.18 24.51 35.33
N SER B 193 17.34 24.42 34.01
CA SER B 193 18.52 24.99 33.33
C SER B 193 18.49 26.50 33.41
N CYS B 194 17.35 27.08 33.04
CA CYS B 194 17.15 28.51 33.11
C CYS B 194 17.04 28.97 34.56
N GLY B 195 16.63 28.06 35.45
CA GLY B 195 16.57 28.33 36.88
C GLY B 195 17.93 28.49 37.51
N TYR B 196 18.97 27.92 36.88
CA TYR B 196 20.36 27.98 37.41
C TYR B 196 20.80 29.40 37.73
N GLU B 197 20.48 30.34 36.84
CA GLU B 197 20.86 31.74 37.04
C GLU B 197 19.65 32.71 37.02
N ASP B 198 18.46 32.22 37.40
CA ASP B 198 17.25 33.05 37.51
C ASP B 198 16.28 32.42 38.52
N PRO B 199 16.34 32.89 39.78
CA PRO B 199 15.50 32.39 40.88
C PRO B 199 13.98 32.46 40.62
N ARG B 200 13.54 33.45 39.83
CA ARG B 200 12.10 33.60 39.51
C ARG B 200 11.63 32.64 38.41
N CYS B 201 12.53 31.77 37.93
CA CYS B 201 12.16 30.80 36.89
C CYS B 201 11.46 29.62 37.52
N GLU B 202 10.13 29.57 37.34
CA GLU B 202 9.30 28.50 37.92
C GLU B 202 8.39 27.82 36.92
N ILE B 203 8.69 28.00 35.64
CA ILE B 203 7.92 27.37 34.58
C ILE B 203 8.84 26.93 33.48
N GLY B 204 8.64 25.71 33.02
CA GLY B 204 9.34 25.21 31.85
C GLY B 204 8.34 25.16 30.71
N LEU B 205 8.71 25.70 29.57
CA LEU B 205 7.87 25.63 28.38
C LEU B 205 8.64 25.01 27.25
N ILE B 206 8.03 24.06 26.56
CA ILE B 206 8.62 23.48 25.36
C ILE B 206 7.69 23.70 24.18
N VAL B 207 8.24 24.23 23.10
CA VAL B 207 7.51 24.32 21.83
C VAL B 207 8.48 24.01 20.69
N GLY B 208 8.68 22.70 20.47
CA GLY B 208 9.53 22.19 19.39
C GLY B 208 8.75 21.11 18.66
N THR B 209 9.30 19.89 18.62
CA THR B 209 8.60 18.78 17.97
C THR B 209 7.21 18.68 18.58
N GLY B 210 7.19 18.62 19.91
CA GLY B 210 5.95 18.60 20.67
C GLY B 210 5.91 19.81 21.57
N THR B 211 4.79 20.02 22.25
CA THR B 211 4.66 21.12 23.18
C THR B 211 4.15 20.64 24.52
N ASN B 212 4.61 21.31 25.57
CA ASN B 212 4.27 20.94 26.93
C ASN B 212 4.73 22.04 27.88
N ALA B 213 4.24 22.00 29.11
CA ALA B 213 4.66 22.95 30.11
C ALA B 213 4.65 22.35 31.52
N CYS B 214 5.54 22.87 32.38
CA CYS B 214 5.57 22.45 33.77
C CYS B 214 5.73 23.69 34.62
N TYR B 215 5.36 23.60 35.88
CA TYR B 215 5.42 24.75 36.76
C TYR B 215 5.37 24.33 38.22
N MET B 216 5.86 25.21 39.09
CA MET B 216 5.90 24.91 40.54
C MET B 216 4.53 25.10 41.18
N GLU B 217 3.83 24.01 41.42
CA GLU B 217 2.53 24.05 42.08
C GLU B 217 2.74 23.92 43.57
N GLU B 218 1.82 24.46 44.37
CA GLU B 218 1.91 24.37 45.82
C GLU B 218 1.59 22.92 46.22
N LEU B 219 2.39 22.37 47.12
CA LEU B 219 2.26 20.97 47.49
C LEU B 219 0.86 20.64 48.05
N ARG B 220 0.26 21.58 48.79
CA ARG B 220 -1.09 21.38 49.36
C ARG B 220 -2.14 21.10 48.29
N ASN B 221 -1.91 21.61 47.08
CA ASN B 221 -2.86 21.47 45.97
C ASN B 221 -2.71 20.16 45.17
N VAL B 222 -1.58 19.47 45.32
CA VAL B 222 -1.35 18.19 44.62
C VAL B 222 -1.89 17.04 45.49
N ALA B 223 -3.17 16.72 45.29
CA ALA B 223 -3.86 15.69 46.09
C ALA B 223 -3.28 14.28 45.96
N GLY B 224 -2.71 13.97 44.80
CA GLY B 224 -2.10 12.64 44.56
C GLY B 224 -0.91 12.31 45.45
N VAL B 225 -0.15 13.33 45.82
CA VAL B 225 1.07 13.20 46.63
C VAL B 225 0.77 13.56 48.10
N PRO B 226 1.56 13.01 49.06
CA PRO B 226 1.32 13.36 50.45
C PRO B 226 2.09 14.64 50.82
N GLY B 227 1.69 15.28 51.91
CA GLY B 227 2.37 16.50 52.39
C GLY B 227 1.64 17.78 52.05
N ASP B 228 1.89 18.82 52.84
CA ASP B 228 1.24 20.14 52.67
C ASP B 228 2.27 21.27 52.54
N SER B 229 3.28 21.26 53.40
CA SER B 229 4.35 22.29 53.38
C SER B 229 5.22 22.18 52.10
N GLY B 230 5.39 23.31 51.41
CA GLY B 230 6.25 23.38 50.23
C GLY B 230 5.55 23.31 48.88
N ARG B 231 6.34 23.08 47.85
CA ARG B 231 5.84 23.02 46.47
C ARG B 231 6.54 21.93 45.66
N MET B 232 5.98 21.66 44.48
CA MET B 232 6.54 20.65 43.60
C MET B 232 6.25 20.96 42.17
N CYS B 233 7.22 20.73 41.31
CA CYS B 233 7.04 20.95 39.89
C CYS B 233 6.07 19.93 39.35
N ILE B 234 5.16 20.38 38.49
CA ILE B 234 4.18 19.50 37.88
C ILE B 234 4.28 19.52 36.37
N ASN B 235 4.43 18.34 35.78
CA ASN B 235 4.40 18.22 34.34
C ASN B 235 2.95 18.11 33.91
N MET B 236 2.45 19.19 33.32
CA MET B 236 1.06 19.25 32.92
C MET B 236 0.71 18.24 31.86
N GLU B 237 1.68 18.00 30.96
CA GLU B 237 1.47 17.20 29.75
C GLU B 237 0.28 17.81 29.03
N TRP B 238 0.39 19.09 28.70
CA TRP B 238 -0.72 19.77 28.06
C TRP B 238 -0.88 19.45 26.59
N GLY B 239 0.06 18.70 26.01
CA GLY B 239 -0.08 18.30 24.63
C GLY B 239 -1.40 17.54 24.46
N ALA B 240 -1.74 16.73 25.47
CA ALA B 240 -2.96 15.91 25.47
C ALA B 240 -4.19 16.69 25.95
N PHE B 241 -4.06 18.00 26.10
CA PHE B 241 -5.18 18.85 26.47
C PHE B 241 -6.27 18.70 25.39
N GLY B 242 -7.51 18.55 25.82
CA GLY B 242 -8.63 18.39 24.89
C GLY B 242 -8.82 17.00 24.30
N ASP B 243 -7.98 16.05 24.72
CA ASP B 243 -8.12 14.67 24.23
C ASP B 243 -9.47 14.08 24.65
N ASP B 244 -10.07 14.66 25.70
CA ASP B 244 -11.43 14.31 26.13
C ASP B 244 -12.52 14.88 25.19
N GLY B 245 -12.09 15.60 24.15
CA GLY B 245 -13.01 16.21 23.18
C GLY B 245 -13.51 17.58 23.63
N SER B 246 -12.87 18.15 24.66
CA SER B 246 -13.28 19.45 25.21
C SER B 246 -12.87 20.64 24.30
N LEU B 247 -12.00 20.38 23.32
CA LEU B 247 -11.60 21.42 22.36
C LEU B 247 -12.20 21.17 20.97
N ALA B 248 -13.41 20.59 20.94
CA ALA B 248 -14.15 20.40 19.68
C ALA B 248 -14.47 21.78 19.11
N MET B 249 -14.71 22.74 20.02
CA MET B 249 -14.94 24.12 19.65
C MET B 249 -13.88 24.62 18.67
N LEU B 250 -12.61 24.26 18.91
CA LEU B 250 -11.47 24.75 18.09
C LEU B 250 -11.12 23.95 16.84
N SER B 251 -11.14 22.62 16.96
CA SER B 251 -10.71 21.74 15.86
C SER B 251 -11.32 22.11 14.55
N THR B 252 -10.46 22.39 13.58
CA THR B 252 -10.88 22.62 12.23
C THR B 252 -10.95 21.26 11.56
N ARG B 253 -11.48 21.22 10.34
CA ARG B 253 -11.47 19.99 9.54
C ARG B 253 -10.02 19.55 9.27
N PHE B 254 -9.12 20.52 9.19
CA PHE B 254 -7.71 20.29 8.88
C PHE B 254 -7.01 19.67 10.07
N ASP B 255 -7.37 20.12 11.26
CA ASP B 255 -6.86 19.52 12.50
C ASP B 255 -7.29 18.05 12.55
N ALA B 256 -8.56 17.80 12.19
CA ALA B 256 -9.11 16.45 12.15
C ALA B 256 -8.32 15.57 11.18
N SER B 257 -8.16 16.06 9.94
CA SER B 257 -7.42 15.32 8.90
C SER B 257 -6.01 14.93 9.41
N VAL B 258 -5.29 15.88 10.02
CA VAL B 258 -3.95 15.63 10.58
C VAL B 258 -3.96 14.55 11.66
N ASP B 259 -4.87 14.69 12.61
CA ASP B 259 -4.97 13.76 13.74
C ASP B 259 -5.20 12.34 13.28
N GLN B 260 -6.23 12.16 12.46
CA GLN B 260 -6.59 10.85 11.91
C GLN B 260 -5.43 10.24 11.13
N ALA B 261 -4.65 11.08 10.45
CA ALA B 261 -3.51 10.63 9.66
C ALA B 261 -2.23 10.39 10.49
N SER B 262 -2.31 10.55 11.81
CA SER B 262 -1.11 10.41 12.67
C SER B 262 -0.96 9.03 13.29
N ILE B 263 0.26 8.79 13.81
CA ILE B 263 0.60 7.60 14.60
C ILE B 263 -0.37 7.39 15.74
N ASN B 264 -0.75 8.48 16.40
CA ASN B 264 -1.58 8.43 17.60
C ASN B 264 -2.87 9.21 17.44
N PRO B 265 -3.83 8.67 16.64
CA PRO B 265 -5.09 9.37 16.43
C PRO B 265 -5.85 9.57 17.73
N GLY B 266 -6.44 10.75 17.90
CA GLY B 266 -7.19 11.07 19.11
C GLY B 266 -6.31 11.57 20.26
N LYS B 267 -5.01 11.27 20.19
CA LYS B 267 -4.08 11.62 21.27
C LYS B 267 -3.34 12.92 20.96
N GLN B 268 -2.91 13.61 22.02
CA GLN B 268 -2.13 14.85 21.90
C GLN B 268 -2.80 15.88 20.96
N ARG B 269 -4.10 16.08 21.11
CA ARG B 269 -4.85 16.97 20.21
C ARG B 269 -4.39 18.42 20.26
N PHE B 270 -4.20 18.93 21.47
CA PHE B 270 -3.77 20.33 21.68
C PHE B 270 -2.39 20.55 21.10
N GLU B 271 -1.53 19.54 21.23
CA GLU B 271 -0.18 19.56 20.67
C GLU B 271 -0.20 19.64 19.14
N LYS B 272 -1.19 18.98 18.53
CA LYS B 272 -1.30 18.92 17.08
C LYS B 272 -1.75 20.23 16.45
N MET B 273 -2.13 21.20 17.29
CA MET B 273 -2.52 22.53 16.82
C MET B 273 -1.44 23.57 17.08
N ILE B 274 -0.28 23.15 17.59
CA ILE B 274 0.74 24.09 18.03
C ILE B 274 2.18 23.76 17.61
N SER B 275 2.60 22.50 17.81
CA SER B 275 4.03 22.12 17.69
C SER B 275 4.55 21.86 16.26
N GLY B 276 5.87 21.94 16.13
CA GLY B 276 6.59 21.83 14.83
C GLY B 276 6.33 20.59 14.02
N MET B 277 6.12 19.47 14.71
CA MET B 277 5.86 18.21 14.04
C MET B 277 4.58 18.25 13.23
N TYR B 278 3.61 19.03 13.69
CA TYR B 278 2.26 18.98 13.13
C TYR B 278 1.83 20.22 12.31
N LEU B 279 2.31 21.41 12.65
CA LEU B 279 1.85 22.64 11.97
C LEU B 279 1.99 22.54 10.48
N GLY B 280 3.17 22.16 10.02
CA GLY B 280 3.44 22.00 8.60
C GLY B 280 2.40 21.18 7.87
N GLU B 281 1.82 20.21 8.56
CA GLU B 281 0.77 19.38 7.97
C GLU B 281 -0.56 20.12 7.93
N ILE B 282 -0.85 20.89 8.98
CA ILE B 282 -2.10 21.67 9.04
C ILE B 282 -2.17 22.54 7.80
N VAL B 283 -1.04 23.14 7.45
CA VAL B 283 -0.91 23.95 6.25
C VAL B 283 -1.19 23.13 5.00
N ARG B 284 -0.52 21.98 4.89
CA ARG B 284 -0.62 21.14 3.72
C ARG B 284 -2.07 20.77 3.37
N HIS B 285 -2.84 20.39 4.39
CA HIS B 285 -4.24 20.04 4.17
C HIS B 285 -5.05 21.26 3.71
N ILE B 286 -4.76 22.41 4.29
CA ILE B 286 -5.41 23.65 3.89
C ILE B 286 -5.16 23.86 2.41
N LEU B 287 -3.89 23.80 2.02
CA LEU B 287 -3.50 23.98 0.63
C LEU B 287 -4.23 22.98 -0.27
N LEU B 288 -4.31 21.72 0.18
CA LEU B 288 -5.04 20.68 -0.57
C LEU B 288 -6.52 21.07 -0.72
N HIS B 289 -7.14 21.49 0.36
CA HIS B 289 -8.54 21.89 0.32
C HIS B 289 -8.71 23.05 -0.67
N LEU B 290 -7.83 24.05 -0.57
CA LEU B 290 -7.86 25.23 -1.42
C LEU B 290 -7.76 24.88 -2.89
N THR B 291 -6.86 23.98 -3.21
CA THR B 291 -6.65 23.56 -4.60
C THR B 291 -7.92 22.93 -5.18
N SER B 292 -8.55 22.05 -4.39
CA SER B 292 -9.78 21.38 -4.80
C SER B 292 -10.93 22.38 -4.98
N LEU B 293 -10.90 23.49 -4.24
CA LEU B 293 -11.90 24.55 -4.39
C LEU B 293 -11.63 25.41 -5.65
N GLY B 294 -10.44 25.26 -6.24
CA GLY B 294 -10.06 26.01 -7.44
C GLY B 294 -9.34 27.31 -7.13
N VAL B 295 -9.18 27.61 -5.85
CA VAL B 295 -8.52 28.84 -5.40
C VAL B 295 -7.03 28.83 -5.72
N LEU B 296 -6.36 27.76 -5.31
CA LEU B 296 -4.91 27.66 -5.43
C LEU B 296 -4.51 26.66 -6.52
N PHE B 297 -3.25 26.75 -6.97
CA PHE B 297 -2.67 25.83 -8.00
C PHE B 297 -3.62 25.53 -9.17
N ARG B 298 -3.70 26.46 -10.10
CA ARG B 298 -4.63 26.35 -11.22
C ARG B 298 -4.26 25.26 -12.26
N GLY B 299 -4.85 24.05 -12.12
CA GLY B 299 -4.75 22.99 -13.15
C GLY B 299 -3.66 21.92 -13.07
N GLN B 300 -2.47 22.28 -12.56
CA GLN B 300 -1.38 21.30 -12.43
C GLN B 300 -1.69 20.42 -11.23
N GLN B 301 -1.78 19.11 -11.46
CA GLN B 301 -2.09 18.15 -10.40
C GLN B 301 -0.88 18.07 -9.47
N ILE B 302 -0.95 18.69 -8.29
CA ILE B 302 0.24 18.76 -7.47
C ILE B 302 0.29 17.55 -6.56
N GLN B 303 0.65 16.40 -7.14
CA GLN B 303 0.78 15.15 -6.39
C GLN B 303 1.73 15.33 -5.20
N ARG B 304 2.78 16.11 -5.42
CA ARG B 304 3.76 16.45 -4.39
C ARG B 304 3.10 16.97 -3.12
N LEU B 305 1.94 17.60 -3.26
CA LEU B 305 1.20 18.11 -2.11
C LEU B 305 0.64 16.95 -1.25
N GLN B 306 0.48 15.76 -1.87
CA GLN B 306 0.04 14.56 -1.15
C GLN B 306 1.16 14.00 -0.25
N THR B 307 2.41 14.37 -0.53
CA THR B 307 3.55 13.89 0.26
C THR B 307 3.54 14.43 1.70
N ARG B 308 3.61 13.52 2.67
CA ARG B 308 3.58 13.91 4.08
C ARG B 308 4.88 14.60 4.52
N ASP B 309 4.74 15.54 5.44
CA ASP B 309 5.87 16.20 6.11
C ASP B 309 6.89 16.93 5.19
N ILE B 310 6.36 17.62 4.16
CA ILE B 310 7.21 18.48 3.29
C ILE B 310 7.43 19.87 3.93
N PHE B 311 6.46 20.35 4.71
CA PHE B 311 6.60 21.65 5.39
C PHE B 311 7.12 21.45 6.82
N LYS B 312 8.44 21.48 6.95
CA LYS B 312 9.10 21.34 8.26
C LYS B 312 9.34 22.70 8.93
N THR B 313 9.61 22.66 10.23
CA THR B 313 9.84 23.86 11.02
C THR B 313 10.88 24.79 10.40
N LYS B 314 12.04 24.22 10.01
CA LYS B 314 13.10 24.99 9.33
C LYS B 314 12.50 25.76 8.16
N PHE B 315 11.62 25.10 7.40
CA PHE B 315 10.92 25.74 6.28
C PHE B 315 9.89 26.79 6.75
N LEU B 316 8.97 26.40 7.62
CA LEU B 316 7.93 27.34 8.11
C LEU B 316 8.54 28.64 8.67
N SER B 317 9.71 28.52 9.31
CA SER B 317 10.39 29.68 9.85
C SER B 317 11.05 30.51 8.75
N GLU B 318 11.53 29.84 7.71
CA GLU B 318 12.13 30.56 6.57
C GLU B 318 11.10 31.25 5.68
N ILE B 319 10.01 30.55 5.35
CA ILE B 319 8.95 31.09 4.47
C ILE B 319 8.39 32.43 4.96
N GLU B 320 8.21 32.56 6.29
CA GLU B 320 7.62 33.77 6.89
C GLU B 320 8.62 34.92 7.15
N SER B 321 9.93 34.69 6.95
CA SER B 321 10.92 35.76 7.16
C SER B 321 10.54 37.01 6.36
N ASP B 322 10.50 38.17 7.04
CA ASP B 322 10.16 39.43 6.39
C ASP B 322 11.29 39.86 5.45
N SER B 323 12.46 39.21 5.61
CA SER B 323 13.66 39.44 4.80
C SER B 323 13.75 38.54 3.54
N LEU B 324 12.77 37.62 3.39
CA LEU B 324 12.66 36.82 2.16
C LEU B 324 11.80 37.53 1.14
N ALA B 325 12.35 37.70 -0.07
CA ALA B 325 11.61 38.27 -1.18
C ALA B 325 10.69 37.20 -1.74
N LEU B 326 9.49 37.61 -2.15
CA LEU B 326 8.49 36.68 -2.70
C LEU B 326 9.08 35.82 -3.83
N ARG B 327 9.95 36.41 -4.67
CA ARG B 327 10.61 35.65 -5.75
C ARG B 327 11.39 34.48 -5.17
N GLN B 328 12.11 34.72 -4.07
CA GLN B 328 12.87 33.65 -3.40
C GLN B 328 11.90 32.61 -2.79
N VAL B 329 10.81 33.08 -2.17
CA VAL B 329 9.77 32.16 -1.62
C VAL B 329 9.18 31.26 -2.73
N ARG B 330 8.99 31.83 -3.92
CA ARG B 330 8.47 31.09 -5.07
C ARG B 330 9.47 30.05 -5.57
N ALA B 331 10.76 30.40 -5.49
CA ALA B 331 11.84 29.48 -5.91
C ALA B 331 11.91 28.31 -4.94
N ILE B 332 11.99 28.61 -3.63
CA ILE B 332 11.96 27.57 -2.58
C ILE B 332 10.89 26.53 -2.90
N LEU B 333 9.65 26.98 -3.08
CA LEU B 333 8.53 26.08 -3.34
C LEU B 333 8.62 25.36 -4.68
N GLU B 334 9.13 26.02 -5.73
CA GLU B 334 9.40 25.31 -7.01
C GLU B 334 10.54 24.33 -6.76
N ASP B 335 11.48 24.74 -5.89
CA ASP B 335 12.60 23.88 -5.46
C ASP B 335 12.05 22.62 -4.82
N LEU B 336 10.89 22.73 -4.13
CA LEU B 336 10.18 21.57 -3.56
C LEU B 336 9.09 21.05 -4.51
N GLY B 337 9.23 21.29 -5.81
CA GLY B 337 8.23 20.82 -6.80
C GLY B 337 6.83 21.44 -6.70
N LEU B 338 6.75 22.66 -6.17
CA LEU B 338 5.49 23.41 -6.06
C LEU B 338 5.64 24.82 -6.65
N PRO B 339 5.88 24.91 -7.97
CA PRO B 339 5.94 26.24 -8.57
C PRO B 339 4.60 27.00 -8.43
N LEU B 340 4.70 28.28 -8.07
CA LEU B 340 3.54 29.11 -7.80
C LEU B 340 3.61 30.40 -8.54
N THR B 341 2.46 31.04 -8.71
CA THR B 341 2.43 32.42 -9.19
C THR B 341 2.48 33.28 -7.91
N SER B 342 2.88 34.54 -8.06
CA SER B 342 3.02 35.45 -6.91
C SER B 342 1.77 35.50 -6.08
N ASP B 343 0.64 35.71 -6.74
CA ASP B 343 -0.65 35.74 -6.05
C ASP B 343 -0.85 34.48 -5.22
N ASP B 344 -0.56 33.34 -5.83
CA ASP B 344 -0.67 32.05 -5.16
C ASP B 344 0.29 31.98 -3.99
N ALA B 345 1.55 32.34 -4.24
CA ALA B 345 2.59 32.35 -3.22
C ALA B 345 2.17 33.20 -2.03
N LEU B 346 1.63 34.38 -2.31
CA LEU B 346 1.17 35.25 -1.23
C LEU B 346 0.10 34.54 -0.39
N MET B 347 -0.80 33.80 -1.05
CA MET B 347 -1.84 33.03 -0.34
C MET B 347 -1.23 31.93 0.53
N VAL B 348 -0.30 31.17 -0.03
CA VAL B 348 0.42 30.14 0.72
C VAL B 348 1.04 30.77 1.97
N LEU B 349 1.63 31.92 1.76
CA LEU B 349 2.31 32.62 2.82
C LEU B 349 1.31 33.10 3.91
N GLU B 350 0.11 33.48 3.47
CA GLU B 350 -0.98 33.88 4.36
C GLU B 350 -1.42 32.69 5.22
N VAL B 351 -1.57 31.52 4.58
CA VAL B 351 -1.97 30.28 5.27
C VAL B 351 -1.02 29.99 6.43
N CYS B 352 0.28 30.10 6.16
CA CYS B 352 1.32 29.86 7.16
C CYS B 352 1.18 30.77 8.34
N GLN B 353 1.03 32.06 8.07
CA GLN B 353 0.86 33.06 9.11
C GLN B 353 -0.35 32.69 9.95
N ALA B 354 -1.45 32.38 9.28
CA ALA B 354 -2.70 32.02 9.95
C ALA B 354 -2.53 30.88 10.94
N VAL B 355 -1.88 29.82 10.48
CA VAL B 355 -1.67 28.63 11.29
C VAL B 355 -0.71 28.88 12.44
N SER B 356 0.48 29.41 12.12
CA SER B 356 1.49 29.69 13.13
C SER B 356 0.98 30.72 14.16
N GLN B 357 0.11 31.64 13.72
CA GLN B 357 -0.47 32.63 14.61
C GLN B 357 -1.28 31.93 15.67
N ARG B 358 -2.27 31.15 15.23
CA ARG B 358 -3.11 30.40 16.16
C ARG B 358 -2.24 29.59 17.12
N ALA B 359 -1.22 28.95 16.56
CA ALA B 359 -0.27 28.16 17.34
C ALA B 359 0.31 28.98 18.49
N ALA B 360 0.84 30.15 18.16
CA ALA B 360 1.43 31.04 19.15
C ALA B 360 0.40 31.51 20.18
N GLN B 361 -0.80 31.82 19.68
CA GLN B 361 -1.86 32.34 20.53
C GLN B 361 -2.37 31.30 21.51
N LEU B 362 -2.57 30.07 21.02
CA LEU B 362 -3.04 28.99 21.89
C LEU B 362 -2.02 28.77 23.01
N CYS B 363 -0.77 28.58 22.62
CA CYS B 363 0.33 28.46 23.55
C CYS B 363 0.34 29.62 24.55
N GLY B 364 0.07 30.82 24.06
CA GLY B 364 -0.03 32.02 24.90
C GLY B 364 -1.10 31.86 25.95
N ALA B 365 -2.32 31.53 25.51
CA ALA B 365 -3.46 31.27 26.41
C ALA B 365 -3.06 30.25 27.47
N GLY B 366 -2.26 29.26 27.05
CA GLY B 366 -1.76 28.26 27.94
C GLY B 366 -0.88 28.87 29.01
N VAL B 367 0.20 29.50 28.57
CA VAL B 367 1.12 30.13 29.51
C VAL B 367 0.37 31.10 30.41
N ALA B 368 -0.65 31.74 29.85
CA ALA B 368 -1.50 32.66 30.59
C ALA B 368 -2.15 31.97 31.77
N ALA B 369 -2.72 30.79 31.52
CA ALA B 369 -3.40 30.04 32.56
C ALA B 369 -2.45 29.63 33.68
N VAL B 370 -1.24 29.23 33.29
CA VAL B 370 -0.24 28.80 34.26
C VAL B 370 0.18 29.95 35.18
N VAL B 371 0.65 31.03 34.58
CA VAL B 371 1.10 32.19 35.35
C VAL B 371 0.01 32.71 36.29
N GLU B 372 -1.24 32.66 35.83
CA GLU B 372 -2.38 33.06 36.65
C GLU B 372 -2.59 32.08 37.78
N LYS B 373 -2.54 30.79 37.47
CA LYS B 373 -2.67 29.76 38.49
C LYS B 373 -1.65 29.99 39.58
N ILE B 374 -0.39 30.16 39.20
CA ILE B 374 0.69 30.40 40.19
C ILE B 374 0.41 31.65 41.02
N ARG B 375 -0.02 32.72 40.34
CA ARG B 375 -0.31 33.98 41.03
C ARG B 375 -1.46 33.80 42.01
N GLU B 376 -2.56 33.24 41.53
CA GLU B 376 -3.73 33.01 42.37
C GLU B 376 -3.43 32.01 43.51
N ASN B 377 -2.62 30.99 43.21
CA ASN B 377 -2.20 30.01 44.24
C ASN B 377 -1.54 30.67 45.43
N ARG B 378 -0.73 31.69 45.16
CA ARG B 378 0.02 32.39 46.20
C ARG B 378 -0.68 33.66 46.68
N GLY B 379 -1.98 33.80 46.35
CA GLY B 379 -2.80 34.93 46.77
C GLY B 379 -2.25 36.31 46.45
N LEU B 380 -1.48 36.41 45.37
CA LEU B 380 -0.82 37.66 44.99
C LEU B 380 -1.71 38.54 44.11
N GLU B 381 -1.45 39.84 44.14
CA GLU B 381 -2.12 40.81 43.26
C GLU B 381 -1.26 41.08 42.00
N GLU B 382 0.04 40.79 42.10
CA GLU B 382 0.97 40.90 40.98
C GLU B 382 2.01 39.80 41.09
N LEU B 383 2.47 39.29 39.94
CA LEU B 383 3.47 38.22 39.92
C LEU B 383 4.59 38.49 38.94
N ALA B 384 5.83 38.37 39.41
CA ALA B 384 7.01 38.46 38.57
C ALA B 384 7.51 37.04 38.47
N VAL B 385 7.47 36.47 37.25
CA VAL B 385 7.89 35.10 37.04
C VAL B 385 8.56 34.92 35.70
N SER B 386 9.61 34.09 35.68
CA SER B 386 10.35 33.81 34.45
C SER B 386 9.97 32.42 33.93
N VAL B 387 10.00 32.27 32.61
CA VAL B 387 9.67 31.01 31.95
C VAL B 387 10.86 30.50 31.18
N GLY B 388 11.40 29.36 31.58
CA GLY B 388 12.49 28.72 30.86
C GLY B 388 11.88 28.03 29.65
N VAL B 389 12.24 28.48 28.46
CA VAL B 389 11.63 27.97 27.24
C VAL B 389 12.65 27.44 26.23
N ASP B 390 12.28 26.36 25.52
CA ASP B 390 13.12 25.75 24.49
C ASP B 390 12.23 25.15 23.40
N GLY B 391 12.83 24.84 22.27
CA GLY B 391 12.10 24.28 21.14
C GLY B 391 12.50 25.00 19.89
N THR B 392 12.80 24.26 18.84
CA THR B 392 13.26 24.85 17.57
C THR B 392 12.22 25.80 16.96
N LEU B 393 10.95 25.40 17.00
CA LEU B 393 9.88 26.26 16.50
C LEU B 393 9.92 27.59 17.22
N TYR B 394 9.86 27.55 18.55
CA TYR B 394 9.91 28.76 19.36
C TYR B 394 11.18 29.54 19.07
N LYS B 395 12.32 28.85 19.14
CA LYS B 395 13.63 29.45 18.93
C LYS B 395 13.81 30.09 17.55
N LEU B 396 13.27 29.46 16.50
CA LEU B 396 13.52 29.93 15.11
C LEU B 396 12.44 30.78 14.46
N HIS B 397 11.18 30.49 14.75
CA HIS B 397 10.06 31.15 14.04
C HIS B 397 10.04 32.68 14.21
N PRO B 398 9.92 33.42 13.08
CA PRO B 398 9.95 34.90 13.06
C PRO B 398 9.03 35.60 14.07
N ARG B 399 7.80 35.13 14.18
CA ARG B 399 6.81 35.79 15.04
C ARG B 399 6.40 35.04 16.32
N PHE B 400 6.46 33.70 16.30
CA PHE B 400 5.92 32.87 17.40
C PHE B 400 6.19 33.40 18.83
N SER B 401 7.47 33.54 19.18
CA SER B 401 7.84 33.97 20.52
C SER B 401 7.20 35.29 20.88
N SER B 402 7.26 36.25 19.97
CA SER B 402 6.65 37.57 20.17
C SER B 402 5.14 37.47 20.37
N LEU B 403 4.48 36.75 19.48
CA LEU B 403 3.02 36.63 19.52
C LEU B 403 2.56 35.97 20.83
N VAL B 404 3.40 35.10 21.41
CA VAL B 404 3.09 34.46 22.70
C VAL B 404 3.14 35.50 23.79
N ALA B 405 4.31 36.12 23.93
CA ALA B 405 4.55 37.19 24.90
C ALA B 405 3.40 38.21 24.91
N ALA B 406 2.96 38.60 23.72
CA ALA B 406 1.85 39.53 23.57
C ALA B 406 0.55 38.99 24.15
N THR B 407 0.31 37.71 23.93
CA THR B 407 -0.91 37.08 24.39
C THR B 407 -0.91 36.94 25.90
N VAL B 408 0.28 36.73 26.47
CA VAL B 408 0.41 36.60 27.91
C VAL B 408 0.09 37.93 28.60
N ARG B 409 0.44 39.03 27.94
CA ARG B 409 0.12 40.36 28.45
C ARG B 409 -1.38 40.57 28.37
N GLU B 410 -1.93 40.34 27.18
CA GLU B 410 -3.37 40.47 26.91
C GLU B 410 -4.23 39.70 27.94
N LEU B 411 -3.80 38.48 28.26
CA LEU B 411 -4.60 37.56 29.09
C LEU B 411 -4.18 37.46 30.57
N ALA B 412 -2.92 37.74 30.86
CA ALA B 412 -2.41 37.74 32.25
C ALA B 412 -1.67 39.03 32.50
N PRO B 413 -2.42 40.15 32.57
CA PRO B 413 -1.81 41.45 32.73
C PRO B 413 -1.23 41.66 34.12
N ARG B 414 -1.93 41.17 35.15
CA ARG B 414 -1.45 41.33 36.52
C ARG B 414 -0.11 40.58 36.76
N CYS B 415 0.32 39.74 35.79
CA CYS B 415 1.61 39.03 35.88
C CYS B 415 2.64 39.65 34.95
N VAL B 416 3.88 39.78 35.44
CA VAL B 416 5.00 40.27 34.64
C VAL B 416 5.86 39.06 34.26
N VAL B 417 5.61 38.53 33.06
CA VAL B 417 6.27 37.29 32.60
C VAL B 417 7.48 37.53 31.69
N THR B 418 8.65 37.08 32.14
CA THR B 418 9.87 37.13 31.34
C THR B 418 10.14 35.76 30.79
N PHE B 419 10.48 35.69 29.50
CA PHE B 419 10.80 34.42 28.85
C PHE B 419 12.30 34.28 28.69
N LEU B 420 12.84 33.17 29.18
CA LEU B 420 14.25 32.85 29.07
C LEU B 420 14.41 31.74 28.08
N GLN B 421 15.22 31.97 27.05
CA GLN B 421 15.49 30.93 26.08
C GLN B 421 16.68 30.14 26.55
N SER B 422 16.51 28.82 26.66
CA SER B 422 17.57 27.96 27.18
C SER B 422 18.73 27.85 26.19
N GLU B 423 19.89 28.33 26.60
CA GLU B 423 21.08 28.30 25.76
C GLU B 423 21.78 26.92 25.79
N ASP B 424 21.54 26.13 26.84
CA ASP B 424 22.29 24.86 27.05
C ASP B 424 21.46 23.57 27.05
N GLY B 425 20.17 23.66 26.74
CA GLY B 425 19.30 22.48 26.72
C GLY B 425 18.94 21.91 28.10
N SER B 426 18.18 20.82 28.10
CA SER B 426 17.69 20.19 29.35
C SER B 426 18.75 19.42 30.15
N GLY B 427 19.82 19.00 29.48
CA GLY B 427 20.91 18.29 30.15
C GLY B 427 21.44 19.01 31.38
N LYS B 428 21.55 20.34 31.28
CA LYS B 428 22.03 21.17 32.38
C LYS B 428 21.10 21.05 33.60
N GLY B 429 19.80 21.17 33.38
CA GLY B 429 18.80 21.06 34.44
C GLY B 429 18.70 19.65 34.99
N ALA B 430 18.72 18.68 34.08
CA ALA B 430 18.70 17.27 34.47
C ALA B 430 19.81 16.98 35.48
N ALA B 431 21.02 17.44 35.17
CA ALA B 431 22.18 17.26 36.03
C ALA B 431 21.95 17.82 37.43
N LEU B 432 21.35 19.01 37.48
CA LEU B 432 21.04 19.67 38.75
C LEU B 432 20.04 18.88 39.57
N VAL B 433 19.06 18.27 38.90
CA VAL B 433 18.06 17.45 39.57
C VAL B 433 18.72 16.21 40.11
N THR B 434 19.53 15.55 39.28
CA THR B 434 20.29 14.36 39.69
C THR B 434 21.13 14.63 40.93
N ALA B 435 21.70 15.83 41.01
CA ALA B 435 22.47 16.25 42.20
C ALA B 435 21.67 16.04 43.48
N VAL B 436 20.38 16.39 43.43
CA VAL B 436 19.46 16.20 44.56
C VAL B 436 19.19 14.72 44.77
N ALA B 437 18.99 14.00 43.66
CA ALA B 437 18.73 12.56 43.70
C ALA B 437 19.85 11.79 44.39
N CYS B 438 21.09 12.28 44.21
CA CYS B 438 22.26 11.70 44.87
C CYS B 438 22.25 12.02 46.37
N ARG B 439 21.98 13.28 46.70
CA ARG B 439 21.82 13.72 48.09
C ARG B 439 20.69 12.90 48.75
N LEU B 440 19.60 12.71 48.00
CA LEU B 440 18.43 11.92 48.47
C LEU B 440 18.76 10.44 48.76
N ALA B 441 19.79 9.90 48.11
CA ALA B 441 20.24 8.52 48.35
C ALA B 441 21.20 8.44 49.55
N GLN B 442 22.11 9.41 49.66
CA GLN B 442 23.10 9.43 50.74
C GLN B 442 22.47 9.76 52.09
N ARG C 3 -20.89 34.70 -55.90
CA ARG C 3 -19.85 34.81 -54.84
C ARG C 3 -20.44 34.63 -53.41
N ARG C 4 -21.77 34.72 -53.29
CA ARG C 4 -22.45 34.48 -52.01
C ARG C 4 -22.25 33.02 -51.61
N LEU C 5 -22.53 32.10 -52.52
CA LEU C 5 -22.32 30.66 -52.30
C LEU C 5 -20.86 30.35 -51.91
N LEU C 6 -19.92 30.93 -52.65
CA LEU C 6 -18.48 30.75 -52.38
C LEU C 6 -18.13 31.08 -50.92
N GLU C 7 -18.64 32.20 -50.42
CA GLU C 7 -18.36 32.60 -49.04
C GLU C 7 -19.09 31.69 -48.07
N GLU C 8 -20.36 31.38 -48.36
CA GLU C 8 -21.14 30.45 -47.54
C GLU C 8 -20.36 29.14 -47.36
N THR C 9 -19.83 28.62 -48.47
CA THR C 9 -19.05 27.39 -48.47
C THR C 9 -17.77 27.51 -47.64
N LEU C 10 -17.03 28.61 -47.81
CA LEU C 10 -15.76 28.81 -47.09
C LEU C 10 -15.91 29.29 -45.63
N ALA C 11 -17.13 29.64 -45.24
CA ALA C 11 -17.43 30.16 -43.88
C ALA C 11 -16.81 29.34 -42.73
N PRO C 12 -16.98 27.99 -42.74
CA PRO C 12 -16.42 27.13 -41.67
C PRO C 12 -14.89 27.12 -41.56
N PHE C 13 -14.20 27.51 -42.63
CA PHE C 13 -12.73 27.57 -42.62
C PHE C 13 -12.20 28.86 -42.03
N ARG C 14 -13.12 29.78 -41.72
CA ARG C 14 -12.75 31.07 -41.16
C ARG C 14 -13.15 31.09 -39.69
N LEU C 15 -12.19 30.69 -38.85
CA LEU C 15 -12.45 30.56 -37.41
C LEU C 15 -12.19 31.86 -36.66
N ASN C 16 -13.18 32.30 -35.91
CA ASN C 16 -13.04 33.51 -35.11
C ASN C 16 -12.22 33.22 -33.84
N HIS C 17 -11.90 34.28 -33.12
CA HIS C 17 -11.10 34.19 -31.91
C HIS C 17 -11.65 33.21 -30.87
N ASP C 18 -12.95 33.30 -30.59
CA ASP C 18 -13.59 32.43 -29.59
C ASP C 18 -13.48 30.96 -29.96
N GLN C 19 -13.72 30.65 -31.23
CA GLN C 19 -13.59 29.29 -31.75
C GLN C 19 -12.18 28.76 -31.55
N LEU C 20 -11.18 29.54 -31.99
CA LEU C 20 -9.78 29.16 -31.85
C LEU C 20 -9.37 28.96 -30.40
N ALA C 21 -9.87 29.83 -29.52
CA ALA C 21 -9.61 29.69 -28.08
C ALA C 21 -10.15 28.36 -27.54
N ALA C 22 -11.34 27.98 -28.01
CA ALA C 22 -11.95 26.70 -27.60
C ALA C 22 -11.08 25.52 -28.02
N VAL C 23 -10.50 25.58 -29.21
CA VAL C 23 -9.59 24.53 -29.70
C VAL C 23 -8.40 24.41 -28.77
N GLN C 24 -7.77 25.53 -28.46
CA GLN C 24 -6.70 25.58 -27.49
C GLN C 24 -7.17 24.97 -26.15
N ALA C 25 -8.34 25.42 -25.69
CA ALA C 25 -8.92 24.94 -24.43
C ALA C 25 -9.06 23.42 -24.40
N GLN C 26 -9.58 22.87 -25.49
CA GLN C 26 -9.84 21.44 -25.58
C GLN C 26 -8.56 20.62 -25.76
N MET C 27 -7.54 21.19 -26.39
CA MET C 27 -6.26 20.48 -26.48
C MET C 27 -5.60 20.47 -25.10
N ARG C 28 -5.72 21.58 -24.44
CA ARG C 28 -5.20 21.72 -23.10
C ARG C 28 -5.81 20.66 -22.15
N LYS C 29 -7.10 20.38 -22.34
CA LYS C 29 -7.82 19.37 -21.58
C LYS C 29 -7.35 17.98 -21.98
N ALA C 30 -7.23 17.73 -23.29
CA ALA C 30 -6.75 16.46 -23.82
C ALA C 30 -5.34 16.13 -23.28
N MET C 31 -4.49 17.15 -23.15
CA MET C 31 -3.15 16.95 -22.62
C MET C 31 -3.22 16.55 -21.16
N ALA C 32 -3.99 17.30 -20.37
CA ALA C 32 -4.14 16.99 -18.94
C ALA C 32 -4.56 15.54 -18.76
N LYS C 33 -5.67 15.17 -19.40
CA LYS C 33 -6.20 13.81 -19.26
C LYS C 33 -5.20 12.74 -19.66
N GLY C 34 -4.62 12.85 -20.85
CA GLY C 34 -3.62 11.89 -21.35
C GLY C 34 -2.52 11.61 -20.33
N LEU C 35 -1.99 12.67 -19.71
CA LEU C 35 -0.91 12.55 -18.72
C LEU C 35 -1.33 11.83 -17.42
N ARG C 36 -2.57 12.04 -17.00
CA ARG C 36 -3.11 11.39 -15.79
C ARG C 36 -3.55 9.97 -16.09
N GLY C 37 -3.50 9.57 -17.36
CA GLY C 37 -3.85 8.21 -17.77
C GLY C 37 -5.32 8.04 -18.13
N GLU C 38 -6.08 9.15 -18.13
CA GLU C 38 -7.47 9.12 -18.54
C GLU C 38 -7.57 9.07 -20.09
N ALA C 39 -8.79 8.88 -20.59
CA ALA C 39 -9.02 8.73 -22.03
C ALA C 39 -8.83 10.06 -22.75
N SER C 40 -7.81 10.12 -23.60
CA SER C 40 -7.51 11.30 -24.40
C SER C 40 -7.31 10.86 -25.85
N SER C 41 -7.44 11.80 -26.78
CA SER C 41 -7.14 11.51 -28.18
C SER C 41 -5.65 11.82 -28.44
N LEU C 42 -5.01 12.46 -27.45
CA LEU C 42 -3.57 12.66 -27.47
C LEU C 42 -3.00 11.52 -26.66
N ARG C 43 -2.09 10.75 -27.27
CA ARG C 43 -1.48 9.62 -26.58
C ARG C 43 -0.52 10.13 -25.49
N MET C 44 0.12 11.28 -25.73
CA MET C 44 1.04 11.88 -24.75
C MET C 44 2.13 10.87 -24.37
N LEU C 45 2.86 10.41 -25.38
CA LEU C 45 3.83 9.33 -25.22
C LEU C 45 5.15 9.80 -24.62
N PRO C 46 5.59 9.17 -23.52
CA PRO C 46 6.91 9.48 -22.98
C PRO C 46 8.00 9.09 -23.98
N THR C 47 9.00 9.94 -24.14
CA THR C 47 10.10 9.67 -25.07
C THR C 47 11.38 9.29 -24.36
N PHE C 48 11.39 9.43 -23.04
CA PHE C 48 12.57 9.17 -22.23
C PHE C 48 13.80 10.03 -22.60
N VAL C 49 13.52 11.22 -23.09
CA VAL C 49 14.52 12.26 -23.31
C VAL C 49 14.29 13.22 -22.16
N ARG C 50 15.18 13.19 -21.17
CA ARG C 50 14.97 13.95 -19.91
C ARG C 50 15.66 15.30 -19.84
N ALA C 51 16.33 15.70 -20.92
CA ALA C 51 16.99 17.00 -20.97
C ALA C 51 17.34 17.38 -22.39
N THR C 52 17.28 18.68 -22.67
CA THR C 52 17.73 19.22 -23.94
C THR C 52 19.27 19.12 -23.91
N PRO C 53 19.93 19.24 -25.08
CA PRO C 53 21.39 19.04 -25.13
C PRO C 53 22.16 19.66 -23.95
N ASP C 54 22.66 18.79 -23.07
CA ASP C 54 23.40 19.19 -21.87
C ASP C 54 24.86 19.37 -22.19
N GLY C 55 25.22 20.60 -22.56
CA GLY C 55 26.61 20.94 -22.85
C GLY C 55 27.23 20.05 -23.92
N SER C 56 28.43 19.53 -23.60
CA SER C 56 29.19 18.69 -24.54
C SER C 56 28.77 17.22 -24.49
N GLU C 57 28.58 16.65 -25.68
CA GLU C 57 28.16 15.27 -25.86
C GLU C 57 28.79 14.78 -27.15
N ARG C 58 29.95 14.15 -27.05
CA ARG C 58 30.71 13.71 -28.24
C ARG C 58 30.27 12.35 -28.79
N GLY C 59 30.81 11.99 -29.97
CA GLY C 59 30.55 10.69 -30.60
C GLY C 59 30.31 10.76 -32.10
N ASP C 60 30.57 9.65 -32.80
CA ASP C 60 30.29 9.52 -34.24
C ASP C 60 29.13 8.53 -34.39
N PHE C 61 28.03 8.98 -34.97
CA PHE C 61 26.79 8.20 -35.02
C PHE C 61 26.24 8.05 -36.43
N LEU C 62 25.69 6.89 -36.73
CA LEU C 62 24.93 6.70 -37.96
C LEU C 62 23.52 7.15 -37.58
N ALA C 63 22.71 7.53 -38.57
CA ALA C 63 21.37 8.03 -38.29
C ALA C 63 20.38 7.75 -39.40
N LEU C 64 19.23 7.19 -39.03
CA LEU C 64 18.14 6.96 -39.96
C LEU C 64 17.12 8.04 -39.78
N ASP C 65 16.42 8.36 -40.85
CA ASP C 65 15.37 9.36 -40.80
C ASP C 65 14.24 8.89 -41.68
N LEU C 66 13.24 8.24 -41.07
CA LEU C 66 12.15 7.64 -41.81
C LEU C 66 10.79 8.17 -41.40
N GLY C 67 9.94 8.38 -42.41
CA GLY C 67 8.55 8.80 -42.20
C GLY C 67 8.20 10.14 -42.82
N GLY C 68 9.23 10.90 -43.21
CA GLY C 68 9.02 12.18 -43.89
C GLY C 68 8.97 11.98 -45.39
N THR C 69 8.88 13.11 -46.12
CA THR C 69 8.88 13.09 -47.59
C THR C 69 10.15 12.41 -48.09
N ASN C 70 11.25 12.53 -47.33
CA ASN C 70 12.53 11.90 -47.65
C ASN C 70 12.97 10.87 -46.62
N PHE C 71 13.39 9.69 -47.09
CA PHE C 71 14.06 8.73 -46.25
C PHE C 71 15.54 8.98 -46.44
N ARG C 72 16.29 9.04 -45.35
CA ARG C 72 17.68 9.42 -45.43
C ARG C 72 18.57 8.67 -44.44
N VAL C 73 19.75 8.27 -44.91
CA VAL C 73 20.78 7.69 -44.07
C VAL C 73 21.78 8.81 -43.83
N LEU C 74 22.33 8.87 -42.63
CA LEU C 74 23.16 9.99 -42.21
C LEU C 74 24.33 9.58 -41.35
N LEU C 75 25.47 10.21 -41.57
CA LEU C 75 26.60 10.10 -40.66
C LEU C 75 26.65 11.41 -39.91
N VAL C 76 26.69 11.34 -38.58
CA VAL C 76 26.72 12.55 -37.75
C VAL C 76 27.94 12.49 -36.80
N ARG C 77 28.90 13.38 -37.03
CA ARG C 77 30.11 13.45 -36.18
C ARG C 77 30.01 14.60 -35.21
N VAL C 78 29.82 14.29 -33.92
CA VAL C 78 29.69 15.32 -32.88
C VAL C 78 30.96 15.43 -32.04
N THR C 79 31.56 16.62 -32.07
CA THR C 79 32.77 16.91 -31.32
C THR C 79 32.58 18.29 -30.68
N THR C 80 33.53 19.22 -30.89
CA THR C 80 33.34 20.61 -30.53
C THR C 80 32.17 21.12 -31.40
N GLY C 81 32.23 20.78 -32.69
CA GLY C 81 31.15 21.09 -33.64
C GLY C 81 30.44 19.84 -34.10
N VAL C 82 29.52 20.01 -35.05
CA VAL C 82 28.73 18.91 -35.61
C VAL C 82 28.91 18.84 -37.14
N GLN C 83 29.22 17.66 -37.66
CA GLN C 83 29.45 17.47 -39.10
C GLN C 83 28.55 16.35 -39.63
N ILE C 84 27.73 16.67 -40.64
CA ILE C 84 26.76 15.73 -41.19
C ILE C 84 26.94 15.46 -42.68
N THR C 85 26.99 14.17 -43.03
CA THR C 85 26.91 13.73 -44.41
C THR C 85 25.63 12.95 -44.52
N SER C 86 25.05 12.91 -45.70
CA SER C 86 23.78 12.19 -45.88
C SER C 86 23.51 11.80 -47.32
N GLU C 87 22.46 11.00 -47.50
CA GLU C 87 22.01 10.59 -48.81
C GLU C 87 20.55 10.15 -48.72
N ILE C 88 19.73 10.65 -49.65
CA ILE C 88 18.32 10.30 -49.70
C ILE C 88 18.13 9.01 -50.51
N TYR C 89 17.14 8.21 -50.13
CA TYR C 89 16.77 7.00 -50.87
C TYR C 89 15.25 6.96 -51.07
N SER C 90 14.82 6.29 -52.13
CA SER C 90 13.40 6.23 -52.49
C SER C 90 12.67 5.10 -51.77
N ILE C 91 11.44 5.39 -51.30
CA ILE C 91 10.54 4.39 -50.72
C ILE C 91 9.17 4.53 -51.38
N PRO C 92 8.93 3.80 -52.46
CA PRO C 92 7.63 3.89 -53.14
C PRO C 92 6.45 3.44 -52.25
N GLU C 93 5.24 3.93 -52.57
CA GLU C 93 3.99 3.55 -51.86
C GLU C 93 3.90 2.02 -51.75
N THR C 94 4.37 1.34 -52.79
CA THR C 94 4.49 -0.10 -52.81
C THR C 94 5.22 -0.62 -51.57
N VAL C 95 6.42 -0.08 -51.33
CA VAL C 95 7.25 -0.50 -50.20
C VAL C 95 6.69 0.03 -48.88
N ALA C 96 6.20 1.27 -48.90
CA ALA C 96 5.64 1.92 -47.72
C ALA C 96 4.39 1.22 -47.21
N GLN C 97 3.59 0.67 -48.11
CA GLN C 97 2.35 -0.02 -47.75
C GLN C 97 2.43 -1.53 -48.01
N GLY C 98 3.63 -2.01 -48.30
CA GLY C 98 3.85 -3.43 -48.61
C GLY C 98 4.04 -4.29 -47.38
N SER C 99 5.09 -5.10 -47.38
CA SER C 99 5.38 -5.98 -46.27
C SER C 99 6.46 -5.38 -45.39
N GLY C 100 6.32 -5.56 -44.08
CA GLY C 100 7.33 -5.11 -43.12
C GLY C 100 8.70 -5.68 -43.45
N GLN C 101 8.75 -6.96 -43.82
CA GLN C 101 9.99 -7.61 -44.21
C GLN C 101 10.68 -6.82 -45.34
N GLN C 102 9.95 -6.55 -46.43
CA GLN C 102 10.50 -5.77 -47.57
C GLN C 102 10.92 -4.37 -47.15
N LEU C 103 10.11 -3.72 -46.33
CA LEU C 103 10.38 -2.35 -45.89
C LEU C 103 11.75 -2.25 -45.22
N PHE C 104 11.96 -3.04 -44.18
CA PHE C 104 13.22 -2.98 -43.44
C PHE C 104 14.38 -3.64 -44.18
N ASP C 105 14.08 -4.59 -45.07
CA ASP C 105 15.09 -5.14 -45.96
C ASP C 105 15.68 -3.99 -46.77
N HIS C 106 14.78 -3.20 -47.35
CA HIS C 106 15.16 -2.03 -48.13
C HIS C 106 15.96 -1.04 -47.29
N ILE C 107 15.47 -0.76 -46.08
CA ILE C 107 16.15 0.15 -45.16
C ILE C 107 17.60 -0.28 -44.91
N VAL C 108 17.77 -1.56 -44.61
CA VAL C 108 19.08 -2.12 -44.38
C VAL C 108 19.96 -1.97 -45.63
N ASP C 109 19.43 -2.38 -46.79
CA ASP C 109 20.16 -2.25 -48.07
C ASP C 109 20.76 -0.85 -48.23
N CYS C 110 19.98 0.17 -47.90
CA CYS C 110 20.43 1.55 -47.99
C CYS C 110 21.57 1.83 -47.04
N ILE C 111 21.48 1.30 -45.82
CA ILE C 111 22.52 1.49 -44.82
C ILE C 111 23.83 0.90 -45.35
N VAL C 112 23.78 -0.35 -45.78
CA VAL C 112 24.93 -1.01 -46.37
C VAL C 112 25.50 -0.16 -47.51
N ASP C 113 24.61 0.30 -48.40
CA ASP C 113 25.00 1.15 -49.53
C ASP C 113 25.73 2.39 -49.01
N PHE C 114 25.07 3.11 -48.11
CA PHE C 114 25.64 4.33 -47.51
C PHE C 114 26.98 4.03 -46.87
N GLN C 115 26.99 3.06 -45.95
CA GLN C 115 28.22 2.66 -45.25
C GLN C 115 29.35 2.38 -46.24
N GLN C 116 29.04 1.63 -47.30
CA GLN C 116 30.02 1.29 -48.34
C GLN C 116 30.55 2.54 -49.06
N LYS C 117 29.66 3.50 -49.27
CA LYS C 117 30.03 4.77 -49.92
C LYS C 117 30.84 5.70 -49.02
N GLN C 118 30.69 5.54 -47.71
CA GLN C 118 31.36 6.41 -46.73
C GLN C 118 32.65 5.81 -46.16
N GLY C 119 32.91 4.53 -46.43
CA GLY C 119 34.06 3.84 -45.86
C GLY C 119 33.81 3.34 -44.43
N LEU C 120 32.57 3.52 -43.94
CA LEU C 120 32.17 3.05 -42.61
C LEU C 120 32.40 1.54 -42.54
N SER C 121 31.85 0.82 -43.53
CA SER C 121 32.07 -0.63 -43.74
C SER C 121 31.88 -1.53 -42.48
N GLY C 122 33.00 -2.02 -41.91
CA GLY C 122 32.97 -2.93 -40.77
C GLY C 122 32.56 -2.29 -39.43
N GLN C 123 33.00 -1.06 -39.21
CA GLN C 123 32.64 -0.33 -37.98
C GLN C 123 31.11 -0.25 -37.81
N SER C 124 30.59 -0.89 -36.77
CA SER C 124 29.16 -0.85 -36.47
C SER C 124 28.90 0.26 -35.45
N LEU C 125 28.39 1.39 -35.93
CA LEU C 125 28.20 2.58 -35.10
C LEU C 125 26.85 2.63 -34.39
N PRO C 126 26.75 3.46 -33.33
CA PRO C 126 25.46 3.64 -32.69
C PRO C 126 24.51 4.36 -33.64
N LEU C 127 23.34 3.78 -33.86
CA LEU C 127 22.38 4.36 -34.78
C LEU C 127 21.39 5.26 -34.03
N GLY C 128 21.09 6.41 -34.64
CA GLY C 128 20.09 7.33 -34.12
C GLY C 128 18.90 7.27 -35.05
N PHE C 129 17.93 6.44 -34.71
CA PHE C 129 16.80 6.19 -35.57
C PHE C 129 15.69 7.22 -35.39
N THR C 130 15.58 8.15 -36.33
CA THR C 130 14.46 9.08 -36.33
C THR C 130 13.34 8.35 -37.03
N PHE C 131 12.31 7.99 -36.26
CA PHE C 131 11.20 7.19 -36.76
C PHE C 131 9.93 7.95 -36.47
N SER C 132 9.45 8.67 -37.48
CA SER C 132 8.36 9.62 -37.30
C SER C 132 6.95 9.01 -37.27
N PHE C 133 6.74 8.12 -36.29
CA PHE C 133 5.44 7.47 -36.07
C PHE C 133 5.28 7.23 -34.57
N PRO C 134 4.03 6.94 -34.13
CA PRO C 134 3.76 6.76 -32.70
C PRO C 134 4.35 5.48 -32.13
N CYS C 135 5.18 5.61 -31.10
CA CYS C 135 5.80 4.47 -30.44
C CYS C 135 5.61 4.50 -28.95
N ARG C 136 5.41 3.33 -28.38
CA ARG C 136 5.39 3.19 -26.96
C ARG C 136 6.82 2.90 -26.53
N GLN C 137 7.45 3.86 -25.87
CA GLN C 137 8.82 3.69 -25.44
C GLN C 137 8.90 3.63 -23.92
N LEU C 138 9.67 2.66 -23.42
CA LEU C 138 9.99 2.62 -21.98
C LEU C 138 11.49 2.91 -21.80
N GLY C 139 12.14 3.38 -22.87
CA GLY C 139 13.54 3.74 -22.86
C GLY C 139 13.91 4.33 -24.20
N LEU C 140 15.08 4.95 -24.27
CA LEU C 140 15.58 5.52 -25.53
C LEU C 140 15.87 4.45 -26.56
N ASP C 141 16.34 3.30 -26.08
CA ASP C 141 16.77 2.18 -26.94
C ASP C 141 15.65 1.24 -27.43
N GLN C 142 14.39 1.62 -27.24
CA GLN C 142 13.27 0.77 -27.62
C GLN C 142 12.06 1.57 -28.02
N GLY C 143 11.23 1.02 -28.90
CA GLY C 143 10.02 1.71 -29.35
C GLY C 143 9.08 0.81 -30.11
N ILE C 144 7.95 0.49 -29.50
CA ILE C 144 6.95 -0.38 -30.11
C ILE C 144 5.99 0.45 -30.93
N LEU C 145 6.07 0.31 -32.26
CA LEU C 145 5.16 1.02 -33.17
C LEU C 145 3.73 0.75 -32.77
N LEU C 146 2.99 1.80 -32.47
CA LEU C 146 1.59 1.65 -32.11
C LEU C 146 0.74 1.64 -33.36
N ASN C 147 0.97 2.61 -34.25
CA ASN C 147 0.22 2.72 -35.49
C ASN C 147 1.05 3.32 -36.59
N TRP C 148 0.79 2.93 -37.82
CA TRP C 148 1.33 3.67 -38.95
C TRP C 148 0.41 4.85 -39.12
N THR C 149 0.93 5.92 -39.71
CA THR C 149 0.15 7.10 -39.98
C THR C 149 0.58 7.63 -41.34
N LYS C 150 0.03 8.76 -41.76
CA LYS C 150 0.40 9.37 -43.03
C LYS C 150 0.19 8.37 -44.20
N GLY C 151 1.24 8.05 -44.95
CA GLY C 151 1.12 7.18 -46.13
C GLY C 151 1.61 5.76 -45.96
N PHE C 152 1.91 5.36 -44.73
CA PHE C 152 2.43 4.02 -44.46
C PHE C 152 1.35 3.04 -44.01
N LYS C 153 1.46 1.79 -44.45
CA LYS C 153 0.58 0.71 -44.03
C LYS C 153 1.31 -0.64 -44.06
N ALA C 154 2.65 -0.61 -43.86
CA ALA C 154 3.48 -1.84 -43.92
C ALA C 154 2.97 -2.91 -42.97
N SER C 155 2.83 -4.13 -43.48
CA SER C 155 2.24 -5.22 -42.69
C SER C 155 3.21 -5.84 -41.68
N ASP C 156 2.62 -6.49 -40.66
CA ASP C 156 3.39 -7.21 -39.61
C ASP C 156 4.41 -6.33 -38.87
N CYS C 157 4.11 -5.04 -38.76
CA CYS C 157 5.01 -4.08 -38.09
C CYS C 157 4.41 -3.50 -36.82
N GLU C 158 3.12 -3.22 -36.84
CA GLU C 158 2.44 -2.61 -35.70
C GLU C 158 2.49 -3.57 -34.53
N GLY C 159 2.80 -3.04 -33.36
CA GLY C 159 2.96 -3.84 -32.16
C GLY C 159 4.35 -4.44 -32.02
N GLN C 160 5.22 -4.15 -32.99
CA GLN C 160 6.58 -4.64 -32.98
C GLN C 160 7.50 -3.55 -32.50
N ASP C 161 8.56 -3.94 -31.78
CA ASP C 161 9.63 -3.02 -31.44
C ASP C 161 10.40 -2.76 -32.72
N VAL C 162 10.47 -1.50 -33.13
CA VAL C 162 11.13 -1.15 -34.40
C VAL C 162 12.64 -1.46 -34.37
N VAL C 163 13.23 -1.45 -33.19
CA VAL C 163 14.63 -1.83 -33.05
C VAL C 163 14.78 -3.31 -33.42
N SER C 164 13.81 -4.13 -33.01
CA SER C 164 13.81 -5.55 -33.39
C SER C 164 13.60 -5.68 -34.88
N LEU C 165 12.59 -4.98 -35.41
CA LEU C 165 12.28 -5.01 -36.84
C LEU C 165 13.55 -4.75 -37.65
N LEU C 166 14.41 -3.88 -37.14
CA LEU C 166 15.68 -3.59 -37.81
C LEU C 166 16.67 -4.76 -37.66
N ARG C 167 16.81 -5.31 -36.45
CA ARG C 167 17.69 -6.49 -36.22
C ARG C 167 17.39 -7.62 -37.19
N GLU C 168 16.12 -8.03 -37.19
CA GLU C 168 15.63 -9.10 -38.04
C GLU C 168 15.99 -8.85 -39.51
N ALA C 169 15.93 -7.60 -39.95
CA ALA C 169 16.31 -7.24 -41.32
C ALA C 169 17.82 -7.30 -41.50
N ILE C 170 18.57 -6.77 -40.52
CA ILE C 170 20.05 -6.79 -40.54
C ILE C 170 20.57 -8.21 -40.64
N THR C 171 20.03 -9.10 -39.83
CA THR C 171 20.41 -10.50 -39.86
C THR C 171 20.04 -11.13 -41.23
N ARG C 172 18.84 -10.82 -41.73
CA ARG C 172 18.40 -11.31 -43.07
C ARG C 172 19.32 -10.83 -44.18
N ARG C 173 19.44 -9.51 -44.33
CA ARG C 173 20.33 -8.93 -45.34
C ARG C 173 21.81 -9.17 -45.01
N GLN C 174 22.06 -9.75 -43.81
CA GLN C 174 23.41 -10.11 -43.34
C GLN C 174 24.34 -8.91 -43.29
N ALA C 175 23.85 -7.83 -42.68
CA ALA C 175 24.61 -6.59 -42.55
C ALA C 175 25.46 -6.62 -41.28
N VAL C 176 26.10 -5.51 -40.98
CA VAL C 176 26.92 -5.39 -39.78
C VAL C 176 25.99 -5.29 -38.56
N GLU C 177 26.34 -6.03 -37.52
CA GLU C 177 25.53 -6.13 -36.29
C GLU C 177 25.13 -4.75 -35.74
N LEU C 178 23.86 -4.63 -35.36
CA LEU C 178 23.36 -3.38 -34.79
C LEU C 178 24.01 -3.16 -33.43
N ASN C 179 24.48 -1.93 -33.20
CA ASN C 179 25.08 -1.54 -31.93
C ASN C 179 23.98 -0.89 -31.07
N VAL C 180 24.31 0.17 -30.32
CA VAL C 180 23.31 0.87 -29.55
C VAL C 180 22.42 1.65 -30.50
N VAL C 181 21.14 1.29 -30.54
CA VAL C 181 20.14 2.00 -31.37
C VAL C 181 19.24 2.84 -30.46
N ALA C 182 18.85 4.03 -30.95
CA ALA C 182 17.99 4.95 -30.20
C ALA C 182 16.81 5.36 -31.06
N ILE C 183 15.60 5.22 -30.53
CA ILE C 183 14.39 5.59 -31.25
C ILE C 183 13.91 6.96 -30.83
N VAL C 184 13.74 7.84 -31.82
CA VAL C 184 13.26 9.21 -31.58
C VAL C 184 12.24 9.61 -32.64
N ASN C 185 11.19 10.28 -32.21
CA ASN C 185 10.18 10.82 -33.11
C ASN C 185 10.80 12.04 -33.75
N ASP C 186 10.39 12.35 -34.98
CA ASP C 186 10.95 13.53 -35.69
C ASP C 186 10.74 14.82 -34.90
N THR C 187 9.62 14.95 -34.20
CA THR C 187 9.38 16.13 -33.35
C THR C 187 10.50 16.25 -32.32
N VAL C 188 10.77 15.16 -31.62
CA VAL C 188 11.83 15.13 -30.62
C VAL C 188 13.19 15.37 -31.27
N GLY C 189 13.42 14.76 -32.43
CA GLY C 189 14.65 14.94 -33.18
C GLY C 189 14.88 16.41 -33.53
N THR C 190 13.84 17.07 -34.03
CA THR C 190 13.94 18.49 -34.40
C THR C 190 14.20 19.37 -33.17
N MET C 191 13.40 19.15 -32.12
CA MET C 191 13.57 19.87 -30.86
C MET C 191 15.03 19.84 -30.42
N MET C 192 15.62 18.65 -30.42
CA MET C 192 17.00 18.47 -29.98
C MET C 192 18.02 19.10 -30.93
N SER C 193 17.71 19.16 -32.22
CA SER C 193 18.60 19.77 -33.21
C SER C 193 18.70 21.27 -32.99
N CYS C 194 17.53 21.91 -32.87
CA CYS C 194 17.45 23.35 -32.59
C CYS C 194 17.90 23.64 -31.16
N GLY C 195 17.76 22.65 -30.28
CA GLY C 195 18.23 22.76 -28.90
C GLY C 195 19.75 22.81 -28.78
N TYR C 196 20.46 22.30 -29.80
CA TYR C 196 21.94 22.26 -29.79
C TYR C 196 22.54 23.63 -29.52
N GLU C 197 21.99 24.68 -30.14
CA GLU C 197 22.48 26.04 -29.95
C GLU C 197 21.41 27.02 -29.44
N ASP C 198 20.42 26.52 -28.71
CA ASP C 198 19.37 27.37 -28.10
C ASP C 198 18.79 26.65 -26.87
N PRO C 199 19.29 26.98 -25.67
CA PRO C 199 18.86 26.37 -24.40
C PRO C 199 17.36 26.51 -24.09
N ARG C 200 16.73 27.58 -24.57
CA ARG C 200 15.28 27.79 -24.34
C ARG C 200 14.39 26.95 -25.31
N CYS C 201 15.00 26.13 -26.16
CA CYS C 201 14.23 25.29 -27.08
C CYS C 201 13.74 24.06 -26.36
N GLU C 202 12.44 24.04 -26.07
CA GLU C 202 11.81 22.93 -25.34
C GLU C 202 10.58 22.39 -26.04
N ILE C 203 10.42 22.72 -27.31
CA ILE C 203 9.28 22.23 -28.07
C ILE C 203 9.71 21.91 -29.49
N GLY C 204 9.30 20.74 -29.96
CA GLY C 204 9.52 20.34 -31.33
C GLY C 204 8.20 20.43 -32.04
N LEU C 205 8.17 21.10 -33.18
CA LEU C 205 6.97 21.17 -33.98
C LEU C 205 7.26 20.66 -35.38
N ILE C 206 6.37 19.81 -35.89
CA ILE C 206 6.47 19.37 -37.26
C ILE C 206 5.20 19.72 -37.99
N VAL C 207 5.34 20.34 -39.15
CA VAL C 207 4.22 20.58 -40.06
C VAL C 207 4.72 20.37 -41.49
N GLY C 208 4.75 19.12 -41.89
CA GLY C 208 5.12 18.72 -43.25
C GLY C 208 4.08 17.74 -43.74
N THR C 209 4.50 16.52 -44.10
CA THR C 209 3.56 15.49 -44.56
C THR C 209 2.47 15.33 -43.52
N GLY C 210 2.91 15.16 -42.28
CA GLY C 210 2.01 15.09 -41.14
C GLY C 210 2.36 16.19 -40.18
N THR C 211 1.60 16.30 -39.10
CA THR C 211 1.87 17.32 -38.08
C THR C 211 1.84 16.72 -36.72
N ASN C 212 2.67 17.25 -35.84
CA ASN C 212 2.82 16.72 -34.49
C ASN C 212 3.67 17.69 -33.67
N ALA C 213 3.61 17.56 -32.35
CA ALA C 213 4.41 18.40 -31.47
C ALA C 213 4.87 17.64 -30.25
N CYS C 214 6.02 18.03 -29.70
CA CYS C 214 6.51 17.47 -28.45
C CYS C 214 7.03 18.62 -27.62
N TYR C 215 7.14 18.39 -26.31
CA TYR C 215 7.55 19.43 -25.38
C TYR C 215 8.00 18.87 -24.04
N MET C 216 8.82 19.62 -23.32
CA MET C 216 9.34 19.17 -22.03
C MET C 216 8.30 19.31 -20.94
N GLU C 217 7.68 18.20 -20.54
CA GLU C 217 6.70 18.19 -19.47
C GLU C 217 7.42 17.91 -18.18
N GLU C 218 6.86 18.35 -17.08
CA GLU C 218 7.45 18.10 -15.76
C GLU C 218 7.22 16.63 -15.41
N LEU C 219 8.25 15.97 -14.90
CA LEU C 219 8.16 14.53 -14.66
C LEU C 219 7.02 14.17 -13.70
N ARG C 220 6.79 15.02 -12.69
CA ARG C 220 5.71 14.80 -11.69
C ARG C 220 4.33 14.65 -12.33
N ASN C 221 4.16 15.30 -13.50
CA ASN C 221 2.87 15.29 -14.20
C ASN C 221 2.65 14.09 -15.13
N VAL C 222 3.73 13.36 -15.45
CA VAL C 222 3.62 12.16 -16.31
C VAL C 222 3.36 10.93 -15.43
N ALA C 223 2.08 10.65 -15.18
CA ALA C 223 1.66 9.56 -14.30
C ALA C 223 2.09 8.16 -14.76
N GLY C 224 2.20 7.96 -16.07
CA GLY C 224 2.60 6.66 -16.63
C GLY C 224 3.99 6.20 -16.26
N VAL C 225 4.89 7.17 -16.09
CA VAL C 225 6.30 6.93 -15.78
C VAL C 225 6.55 7.14 -14.28
N PRO C 226 7.60 6.47 -13.72
CA PRO C 226 7.90 6.68 -12.31
C PRO C 226 8.81 7.89 -12.13
N GLY C 227 8.87 8.40 -10.90
CA GLY C 227 9.73 9.55 -10.57
C GLY C 227 9.00 10.88 -10.48
N ASP C 228 9.57 11.82 -9.74
CA ASP C 228 8.98 13.15 -9.55
C ASP C 228 9.96 14.28 -9.93
N SER C 229 11.22 14.16 -9.49
CA SER C 229 12.26 15.16 -9.80
C SER C 229 12.60 15.18 -11.30
N GLY C 230 12.59 16.36 -11.90
CA GLY C 230 13.00 16.55 -13.30
C GLY C 230 11.87 16.66 -14.30
N ARG C 231 12.22 16.52 -15.57
CA ARG C 231 11.27 16.63 -16.69
C ARG C 231 11.57 15.64 -17.79
N MET C 232 10.64 15.49 -18.71
CA MET C 232 10.79 14.57 -19.83
C MET C 232 10.02 15.05 -21.03
N CYS C 233 10.62 14.89 -22.20
CA CYS C 233 9.97 15.28 -23.42
C CYS C 233 8.79 14.34 -23.67
N ILE C 234 7.67 14.92 -24.11
CA ILE C 234 6.49 14.13 -24.42
C ILE C 234 6.05 14.31 -25.87
N ASN C 235 5.92 13.20 -26.57
CA ASN C 235 5.39 13.22 -27.92
C ASN C 235 3.87 13.19 -27.80
N MET C 236 3.26 14.32 -28.06
CA MET C 236 1.81 14.46 -27.93
C MET C 236 1.06 13.58 -28.91
N GLU C 237 1.64 13.40 -30.11
CA GLU C 237 0.97 12.75 -31.21
C GLU C 237 -0.37 13.47 -31.43
N TRP C 238 -0.29 14.77 -31.67
CA TRP C 238 -1.52 15.54 -31.79
C TRP C 238 -2.19 15.40 -33.11
N GLY C 239 -1.56 14.70 -34.06
CA GLY C 239 -2.21 14.44 -35.34
C GLY C 239 -3.56 13.76 -35.09
N ALA C 240 -3.57 12.83 -34.11
CA ALA C 240 -4.76 12.05 -33.76
C ALA C 240 -5.69 12.78 -32.80
N PHE C 241 -5.44 14.07 -32.57
CA PHE C 241 -6.31 14.89 -31.75
C PHE C 241 -7.71 14.88 -32.38
N GLY C 242 -8.73 14.71 -31.56
CA GLY C 242 -10.10 14.70 -32.05
C GLY C 242 -10.57 13.38 -32.66
N ASP C 243 -9.71 12.36 -32.66
CA ASP C 243 -10.09 11.03 -33.18
C ASP C 243 -11.23 10.44 -32.37
N ASP C 244 -11.38 10.90 -31.13
CA ASP C 244 -12.52 10.52 -30.29
C ASP C 244 -13.83 11.21 -30.72
N GLY C 245 -13.77 12.06 -31.77
CA GLY C 245 -14.93 12.79 -32.28
C GLY C 245 -15.17 14.11 -31.54
N SER C 246 -14.18 14.54 -30.76
CA SER C 246 -14.29 15.77 -29.99
C SER C 246 -14.15 17.03 -30.86
N LEU C 247 -13.71 16.88 -32.11
CA LEU C 247 -13.61 18.01 -33.04
C LEU C 247 -14.67 17.93 -34.14
N ALA C 248 -15.84 17.37 -33.79
CA ALA C 248 -16.99 17.35 -34.72
C ALA C 248 -17.43 18.80 -35.00
N MET C 249 -17.26 19.64 -33.98
CA MET C 249 -17.52 21.07 -34.09
C MET C 249 -16.85 21.64 -35.36
N LEU C 250 -15.60 21.24 -35.62
CA LEU C 250 -14.80 21.79 -36.73
C LEU C 250 -14.97 21.14 -38.10
N SER C 251 -15.02 19.81 -38.12
CA SER C 251 -15.04 19.04 -39.37
C SER C 251 -16.05 19.57 -40.33
N THR C 252 -15.58 19.93 -41.51
CA THR C 252 -16.44 20.33 -42.60
C THR C 252 -16.79 19.06 -43.34
N ARG C 253 -17.72 19.17 -44.29
CA ARG C 253 -18.06 18.02 -45.16
C ARG C 253 -16.86 17.59 -45.99
N PHE C 254 -15.98 18.55 -46.28
CA PHE C 254 -14.78 18.32 -47.08
C PHE C 254 -13.73 17.56 -46.29
N ASP C 255 -13.62 17.88 -45.00
CA ASP C 255 -12.75 17.13 -44.08
C ASP C 255 -13.21 15.67 -44.02
N ALA C 256 -14.53 15.48 -43.94
CA ALA C 256 -15.14 14.15 -43.90
C ALA C 256 -14.81 13.38 -45.17
N SER C 257 -15.06 14.00 -46.32
CA SER C 257 -14.76 13.38 -47.63
C SER C 257 -13.30 12.91 -47.71
N VAL C 258 -12.38 13.77 -47.29
CA VAL C 258 -10.94 13.43 -47.28
C VAL C 258 -10.63 12.23 -46.38
N ASP C 259 -11.13 12.30 -45.14
CA ASP C 259 -10.87 11.26 -44.15
C ASP C 259 -11.34 9.91 -44.65
N GLN C 260 -12.60 9.83 -45.05
CA GLN C 260 -13.20 8.58 -45.56
C GLN C 260 -12.43 8.04 -46.77
N ALA C 261 -11.89 8.94 -47.59
CA ALA C 261 -11.13 8.57 -48.78
C ALA C 261 -9.65 8.20 -48.49
N SER C 262 -9.24 8.22 -47.22
CA SER C 262 -7.84 7.97 -46.86
C SER C 262 -7.55 6.53 -46.49
N ILE C 263 -6.25 6.21 -46.43
CA ILE C 263 -5.73 4.94 -45.94
C ILE C 263 -6.25 4.60 -44.54
N ASN C 264 -6.30 5.63 -43.68
CA ASN C 264 -6.66 5.46 -42.29
C ASN C 264 -7.87 6.29 -41.91
N PRO C 265 -9.08 5.86 -42.36
CA PRO C 265 -10.29 6.59 -42.03
C PRO C 265 -10.54 6.65 -40.55
N GLY C 266 -10.96 7.81 -40.06
CA GLY C 266 -11.23 8.01 -38.63
C GLY C 266 -9.99 8.36 -37.83
N LYS C 267 -8.81 8.05 -38.37
CA LYS C 267 -7.54 8.26 -37.71
C LYS C 267 -6.89 9.60 -38.10
N GLN C 268 -6.06 10.14 -37.21
CA GLN C 268 -5.29 11.38 -37.48
C GLN C 268 -6.18 12.51 -38.02
N ARG C 269 -7.34 12.72 -37.39
CA ARG C 269 -8.31 13.72 -37.88
C ARG C 269 -7.76 15.13 -37.83
N PHE C 270 -7.14 15.51 -36.72
CA PHE C 270 -6.58 16.86 -36.56
C PHE C 270 -5.50 17.12 -37.59
N GLU C 271 -4.70 16.09 -37.87
CA GLU C 271 -3.64 16.15 -38.86
C GLU C 271 -4.20 16.40 -40.26
N LYS C 272 -5.36 15.83 -40.53
CA LYS C 272 -5.98 15.92 -41.85
C LYS C 272 -6.56 17.31 -42.17
N MET C 273 -6.55 18.19 -41.17
CA MET C 273 -7.02 19.56 -41.35
C MET C 273 -5.86 20.56 -41.42
N ILE C 274 -4.62 20.04 -41.33
CA ILE C 274 -3.44 20.90 -41.19
C ILE C 274 -2.27 20.60 -42.13
N SER C 275 -1.88 19.33 -42.22
CA SER C 275 -0.60 18.94 -42.87
C SER C 275 -0.63 18.81 -44.42
N GLY C 276 0.58 18.88 -45.00
CA GLY C 276 0.78 18.92 -46.47
C GLY C 276 0.19 17.77 -47.26
N MET C 277 0.15 16.60 -46.66
CA MET C 277 -0.40 15.40 -47.30
C MET C 277 -1.90 15.56 -47.60
N TYR C 278 -2.59 16.30 -46.76
CA TYR C 278 -4.04 16.36 -46.80
C TYR C 278 -4.69 17.68 -47.26
N LEU C 279 -4.03 18.82 -47.01
CA LEU C 279 -4.62 20.14 -47.36
C LEU C 279 -5.03 20.21 -48.83
N GLY C 280 -4.09 19.85 -49.71
CA GLY C 280 -4.35 19.85 -51.13
C GLY C 280 -5.63 19.14 -51.52
N GLU C 281 -5.99 18.09 -50.77
CA GLU C 281 -7.22 17.35 -51.03
C GLU C 281 -8.44 18.12 -50.52
N ILE C 282 -8.30 18.77 -49.36
CA ILE C 282 -9.41 19.57 -48.79
C ILE C 282 -9.86 20.57 -49.84
N VAL C 283 -8.88 21.19 -50.51
CA VAL C 283 -9.15 22.13 -51.58
C VAL C 283 -9.88 21.45 -52.73
N ARG C 284 -9.36 20.33 -53.17
CA ARG C 284 -9.91 19.62 -54.31
C ARG C 284 -11.40 19.34 -54.14
N HIS C 285 -11.79 18.85 -52.97
CA HIS C 285 -13.21 18.54 -52.70
C HIS C 285 -14.06 19.80 -52.73
N ILE C 286 -13.51 20.88 -52.19
CA ILE C 286 -14.19 22.16 -52.20
C ILE C 286 -14.46 22.56 -53.64
N LEU C 287 -13.42 22.49 -54.47
CA LEU C 287 -13.54 22.82 -55.88
C LEU C 287 -14.59 21.94 -56.55
N LEU C 288 -14.58 20.65 -56.23
CA LEU C 288 -15.58 19.71 -56.75
C LEU C 288 -17.00 20.13 -56.34
N HIS C 289 -17.18 20.45 -55.07
CA HIS C 289 -18.48 20.88 -54.58
C HIS C 289 -18.93 22.15 -55.30
N LEU C 290 -18.00 23.10 -55.43
CA LEU C 290 -18.28 24.37 -56.10
C LEU C 290 -18.70 24.19 -57.53
N THR C 291 -18.01 23.31 -58.25
CA THR C 291 -18.34 23.05 -59.65
C THR C 291 -19.76 22.51 -59.79
N SER C 292 -20.12 21.56 -58.92
CA SER C 292 -21.45 20.97 -58.93
C SER C 292 -22.55 21.99 -58.59
N LEU C 293 -22.19 23.03 -57.81
CA LEU C 293 -23.13 24.12 -57.50
C LEU C 293 -23.27 25.10 -58.67
N GLY C 294 -22.37 25.00 -59.67
CA GLY C 294 -22.39 25.86 -60.85
C GLY C 294 -21.54 27.13 -60.69
N VAL C 295 -20.92 27.27 -59.52
CA VAL C 295 -20.07 28.42 -59.21
C VAL C 295 -18.80 28.42 -60.04
N LEU C 296 -18.08 27.31 -60.00
CA LEU C 296 -16.78 27.20 -60.63
C LEU C 296 -16.84 26.42 -61.94
N PHE C 297 -15.94 26.79 -62.85
CA PHE C 297 -15.80 26.16 -64.18
C PHE C 297 -17.12 26.13 -64.98
N ILE C 302 -14.58 18.81 -65.54
CA ILE C 302 -13.16 18.74 -65.29
C ILE C 302 -12.85 17.42 -64.60
N GLN C 303 -12.77 16.35 -65.40
CA GLN C 303 -12.45 15.01 -64.90
C GLN C 303 -11.14 15.01 -64.12
N ARG C 304 -10.19 15.80 -64.60
CA ARG C 304 -8.89 16.02 -63.95
C ARG C 304 -9.03 16.37 -62.45
N LEU C 305 -10.14 17.03 -62.11
CA LEU C 305 -10.40 17.39 -60.72
C LEU C 305 -10.69 16.13 -59.87
N GLN C 306 -11.12 15.04 -60.52
CA GLN C 306 -11.34 13.76 -59.85
C GLN C 306 -10.01 13.06 -59.48
N THR C 307 -8.91 13.47 -60.12
CA THR C 307 -7.58 12.87 -59.85
C THR C 307 -7.09 13.22 -58.44
N ARG C 308 -6.72 12.20 -57.68
CA ARG C 308 -6.23 12.40 -56.32
C ARG C 308 -4.82 13.01 -56.31
N ASP C 309 -4.57 13.82 -55.30
CA ASP C 309 -3.25 14.38 -54.99
C ASP C 309 -2.58 15.21 -56.11
N ILE C 310 -3.38 16.04 -56.78
CA ILE C 310 -2.87 16.99 -57.79
C ILE C 310 -2.36 18.30 -57.13
N PHE C 311 -2.97 18.69 -56.00
CA PHE C 311 -2.53 19.88 -55.25
C PHE C 311 -1.56 19.51 -54.15
N LYS C 312 -0.27 19.52 -54.47
CA LYS C 312 0.78 19.20 -53.51
C LYS C 312 1.29 20.45 -52.80
N THR C 313 2.02 20.24 -51.71
CA THR C 313 2.59 21.33 -50.91
C THR C 313 3.38 22.32 -51.77
N LYS C 314 4.29 21.80 -52.59
CA LYS C 314 5.09 22.65 -53.50
C LYS C 314 4.16 23.57 -54.28
N PHE C 315 3.04 23.02 -54.74
CA PHE C 315 2.04 23.81 -55.45
C PHE C 315 1.30 24.79 -54.54
N LEU C 316 0.71 24.29 -53.44
CA LEU C 316 -0.04 25.17 -52.50
C LEU C 316 0.79 26.37 -52.03
N SER C 317 2.09 26.16 -51.87
CA SER C 317 2.99 27.25 -51.48
C SER C 317 3.25 28.21 -52.65
N GLU C 318 3.31 27.69 -53.88
CA GLU C 318 3.51 28.55 -55.05
C GLU C 318 2.27 29.36 -55.41
N ILE C 319 1.10 28.71 -55.42
CA ILE C 319 -0.17 29.39 -55.79
C ILE C 319 -0.44 30.63 -54.97
N GLU C 320 -0.12 30.58 -53.68
CA GLU C 320 -0.38 31.71 -52.77
C GLU C 320 0.71 32.81 -52.73
N SER C 321 1.85 32.59 -53.39
CA SER C 321 2.91 33.60 -53.43
C SER C 321 2.33 34.96 -53.88
N ASP C 322 2.61 36.02 -53.11
CA ASP C 322 2.12 37.37 -53.44
C ASP C 322 2.86 38.01 -54.60
N SER C 323 4.07 37.57 -54.88
CA SER C 323 4.82 38.06 -56.04
C SER C 323 4.03 37.80 -57.35
N LEU C 324 3.18 36.76 -57.31
CA LEU C 324 2.34 36.39 -58.44
C LEU C 324 1.21 37.42 -58.74
N ALA C 325 1.03 37.71 -60.05
CA ALA C 325 -0.10 38.51 -60.56
C ALA C 325 -1.12 37.50 -61.10
N LEU C 326 -2.37 37.92 -61.32
CA LEU C 326 -3.43 36.96 -61.72
C LEU C 326 -3.06 36.05 -62.92
N ARG C 327 -2.38 36.63 -63.92
CA ARG C 327 -1.92 35.86 -65.09
C ARG C 327 -1.04 34.66 -64.65
N GLN C 328 -0.16 34.90 -63.67
CA GLN C 328 0.72 33.84 -63.12
C GLN C 328 -0.08 32.78 -62.36
N VAL C 329 -1.11 33.20 -61.62
CA VAL C 329 -1.96 32.28 -60.86
C VAL C 329 -2.73 31.34 -61.81
N ARG C 330 -3.25 31.88 -62.90
CA ARG C 330 -3.91 31.07 -63.95
C ARG C 330 -2.88 30.11 -64.55
N ALA C 331 -1.67 30.63 -64.80
CA ALA C 331 -0.56 29.85 -65.35
C ALA C 331 -0.35 28.56 -64.56
N ILE C 332 -0.16 28.72 -63.26
CA ILE C 332 0.05 27.60 -62.33
C ILE C 332 -1.05 26.56 -62.44
N LEU C 333 -2.31 27.02 -62.41
CA LEU C 333 -3.47 26.13 -62.49
C LEU C 333 -3.59 25.44 -63.86
N GLU C 334 -3.33 26.18 -64.94
CA GLU C 334 -3.35 25.64 -66.31
C GLU C 334 -2.14 24.74 -66.56
N ASP C 335 -1.07 24.98 -65.79
CA ASP C 335 0.15 24.16 -65.85
C ASP C 335 -0.05 22.82 -65.13
N LEU C 336 -1.11 22.72 -64.33
CA LEU C 336 -1.47 21.50 -63.64
C LEU C 336 -2.61 20.80 -64.41
N GLY C 337 -2.81 21.17 -65.67
CA GLY C 337 -3.84 20.59 -66.51
C GLY C 337 -5.24 21.06 -66.15
N LEU C 338 -5.32 22.21 -65.47
CA LEU C 338 -6.59 22.77 -65.04
C LEU C 338 -6.74 24.20 -65.57
N PRO C 339 -6.96 24.36 -66.89
CA PRO C 339 -7.15 25.70 -67.44
C PRO C 339 -8.44 26.35 -66.93
N LEU C 340 -8.35 27.62 -66.51
CA LEU C 340 -9.50 28.35 -65.96
C LEU C 340 -9.53 29.78 -66.46
N THR C 341 -10.61 30.51 -66.12
CA THR C 341 -10.70 31.93 -66.42
C THR C 341 -10.14 32.72 -65.22
N SER C 342 -10.08 34.03 -65.35
CA SER C 342 -9.54 34.89 -64.29
C SER C 342 -10.38 34.85 -63.01
N ASP C 343 -11.71 34.88 -63.15
CA ASP C 343 -12.64 34.78 -62.00
C ASP C 343 -12.54 33.42 -61.32
N ASP C 344 -12.31 32.38 -62.12
CA ASP C 344 -12.10 31.03 -61.60
C ASP C 344 -10.76 30.97 -60.87
N ALA C 345 -9.76 31.64 -61.43
CA ALA C 345 -8.42 31.73 -60.83
C ALA C 345 -8.45 32.44 -59.47
N LEU C 346 -9.41 33.37 -59.31
CA LEU C 346 -9.60 34.06 -58.04
C LEU C 346 -10.31 33.15 -57.05
N MET C 347 -11.44 32.58 -57.47
CA MET C 347 -12.21 31.68 -56.62
C MET C 347 -11.32 30.58 -56.06
N VAL C 348 -10.37 30.07 -56.86
CA VAL C 348 -9.46 29.00 -56.40
C VAL C 348 -8.39 29.52 -55.44
N LEU C 349 -7.76 30.64 -55.78
CA LEU C 349 -6.74 31.23 -54.90
C LEU C 349 -7.33 31.52 -53.53
N GLU C 350 -8.60 31.89 -53.52
CA GLU C 350 -9.30 32.17 -52.29
C GLU C 350 -9.48 30.90 -51.48
N VAL C 351 -9.90 29.82 -52.13
CA VAL C 351 -10.10 28.51 -51.47
C VAL C 351 -8.82 28.07 -50.77
N CYS C 352 -7.70 28.19 -51.47
CA CYS C 352 -6.39 27.81 -50.92
C CYS C 352 -6.05 28.60 -49.70
N GLN C 353 -6.23 29.90 -49.78
CA GLN C 353 -5.97 30.78 -48.66
C GLN C 353 -6.84 30.37 -47.47
N ALA C 354 -8.12 30.17 -47.73
CA ALA C 354 -9.07 29.75 -46.70
C ALA C 354 -8.62 28.50 -45.95
N VAL C 355 -8.22 27.48 -46.71
CA VAL C 355 -7.80 26.21 -46.15
C VAL C 355 -6.47 26.32 -45.39
N SER C 356 -5.46 26.86 -46.06
CA SER C 356 -4.14 27.01 -45.45
C SER C 356 -4.18 27.92 -44.22
N GLN C 357 -5.11 28.88 -44.23
CA GLN C 357 -5.28 29.79 -43.09
C GLN C 357 -5.72 29.00 -41.87
N ARG C 358 -6.84 28.28 -42.01
CA ARG C 358 -7.35 27.44 -40.93
C ARG C 358 -6.24 26.50 -40.44
N ALA C 359 -5.52 25.90 -41.37
CA ALA C 359 -4.41 25.02 -41.05
C ALA C 359 -3.41 25.70 -40.13
N ALA C 360 -2.98 26.90 -40.50
CA ALA C 360 -2.01 27.66 -39.71
C ALA C 360 -2.58 28.03 -38.35
N GLN C 361 -3.85 28.42 -38.34
CA GLN C 361 -4.53 28.86 -37.13
C GLN C 361 -4.74 27.73 -36.13
N LEU C 362 -5.15 26.56 -36.63
CA LEU C 362 -5.34 25.39 -35.79
C LEU C 362 -4.01 25.03 -35.13
N CYS C 363 -2.99 24.86 -35.97
CA CYS C 363 -1.65 24.61 -35.49
C CYS C 363 -1.21 25.66 -34.46
N GLY C 364 -1.58 26.92 -34.71
CA GLY C 364 -1.30 28.02 -33.77
C GLY C 364 -1.96 27.78 -32.40
N ALA C 365 -3.27 27.52 -32.42
CA ALA C 365 -4.02 27.18 -31.21
C ALA C 365 -3.34 26.05 -30.47
N GLY C 366 -2.80 25.11 -31.24
CA GLY C 366 -2.06 24.00 -30.68
C GLY C 366 -0.84 24.48 -29.95
N VAL C 367 0.07 25.12 -30.67
CA VAL C 367 1.30 25.63 -30.07
C VAL C 367 0.97 26.49 -28.86
N ALA C 368 -0.14 27.23 -28.95
CA ALA C 368 -0.62 28.08 -27.87
C ALA C 368 -0.85 27.28 -26.62
N ALA C 369 -1.54 26.15 -26.76
CA ALA C 369 -1.86 25.29 -25.61
C ALA C 369 -0.60 24.76 -24.96
N VAL C 370 0.37 24.37 -25.79
CA VAL C 370 1.63 23.81 -25.28
C VAL C 370 2.39 24.84 -24.47
N VAL C 371 2.68 25.97 -25.09
CA VAL C 371 3.44 27.05 -24.43
C VAL C 371 2.78 27.48 -23.12
N GLU C 372 1.45 27.50 -23.11
CA GLU C 372 0.71 27.83 -21.91
C GLU C 372 0.87 26.73 -20.87
N LYS C 373 0.73 25.47 -21.31
CA LYS C 373 0.90 24.34 -20.41
C LYS C 373 2.25 24.43 -19.74
N ILE C 374 3.30 24.63 -20.52
CA ILE C 374 4.67 24.73 -19.97
C ILE C 374 4.77 25.89 -18.98
N ARG C 375 4.20 27.02 -19.34
CA ARG C 375 4.23 28.21 -18.48
C ARG C 375 3.50 27.95 -17.17
N GLU C 376 2.25 27.47 -17.27
CA GLU C 376 1.44 27.19 -16.10
C GLU C 376 2.07 26.07 -15.25
N ASN C 377 2.66 25.05 -15.91
CA ASN C 377 3.37 23.95 -15.21
C ASN C 377 4.46 24.46 -14.28
N ARG C 378 5.16 25.50 -14.70
CA ARG C 378 6.27 26.05 -13.94
C ARG C 378 5.85 27.27 -13.09
N GLY C 379 4.54 27.47 -12.94
CA GLY C 379 3.98 28.56 -12.14
C GLY C 379 4.49 29.95 -12.51
N LEU C 380 4.81 30.16 -13.79
CA LEU C 380 5.36 31.43 -14.25
C LEU C 380 4.27 32.40 -14.68
N GLU C 381 4.59 33.70 -14.62
CA GLU C 381 3.70 34.77 -15.11
C GLU C 381 4.08 35.16 -16.55
N GLU C 382 5.32 34.85 -16.96
CA GLU C 382 5.78 35.05 -18.33
C GLU C 382 6.75 33.92 -18.70
N LEU C 383 6.75 33.54 -19.97
CA LEU C 383 7.62 32.46 -20.45
C LEU C 383 8.33 32.82 -21.74
N ALA C 384 9.65 32.63 -21.74
CA ALA C 384 10.46 32.78 -22.93
C ALA C 384 10.81 31.37 -23.35
N VAL C 385 10.30 30.95 -24.51
CA VAL C 385 10.55 29.61 -25.00
C VAL C 385 10.71 29.58 -26.51
N SER C 386 11.61 28.74 -26.99
CA SER C 386 11.86 28.57 -28.41
C SER C 386 11.26 27.26 -28.89
N VAL C 387 10.81 27.25 -30.14
CA VAL C 387 10.19 26.08 -30.75
C VAL C 387 10.99 25.64 -31.95
N GLY C 388 11.58 24.44 -31.86
CA GLY C 388 12.30 23.86 -33.00
C GLY C 388 11.29 23.31 -33.97
N VAL C 389 11.21 23.91 -35.15
CA VAL C 389 10.19 23.54 -36.12
C VAL C 389 10.78 23.10 -37.48
N ASP C 390 10.12 22.11 -38.09
CA ASP C 390 10.50 21.58 -39.42
C ASP C 390 9.24 21.11 -40.19
N GLY C 391 9.38 20.92 -41.48
CA GLY C 391 8.29 20.51 -42.32
C GLY C 391 8.27 21.37 -43.57
N THR C 392 8.13 20.74 -44.72
CA THR C 392 8.15 21.47 -45.99
C THR C 392 7.03 22.50 -46.08
N LEU C 393 5.82 22.12 -45.64
CA LEU C 393 4.71 23.06 -45.66
C LEU C 393 5.08 24.28 -44.88
N TYR C 394 5.48 24.08 -43.63
CA TYR C 394 5.89 25.20 -42.76
C TYR C 394 7.02 25.99 -43.40
N LYS C 395 8.05 25.26 -43.83
CA LYS C 395 9.23 25.87 -44.44
C LYS C 395 8.97 26.66 -45.72
N LEU C 396 8.05 26.18 -46.56
CA LEU C 396 7.80 26.79 -47.88
C LEU C 396 6.61 27.74 -47.99
N HIS C 397 5.51 27.43 -47.30
CA HIS C 397 4.27 28.19 -47.50
C HIS C 397 4.41 29.69 -47.19
N PRO C 398 3.95 30.56 -48.14
CA PRO C 398 4.05 32.02 -48.03
C PRO C 398 3.58 32.61 -46.68
N ARG C 399 2.43 32.15 -46.19
CA ARG C 399 1.84 32.72 -44.99
C ARG C 399 1.84 31.83 -43.73
N PHE C 400 1.83 30.52 -43.90
CA PHE C 400 1.66 29.58 -42.76
C PHE C 400 2.44 29.94 -41.48
N SER C 401 3.77 30.02 -41.58
CA SER C 401 4.62 30.28 -40.43
C SER C 401 4.22 31.58 -39.74
N SER C 402 4.01 32.64 -40.53
CA SER C 402 3.58 33.94 -39.99
C SER C 402 2.25 33.85 -39.28
N LEU C 403 1.27 33.21 -39.94
CA LEU C 403 -0.08 33.11 -39.40
C LEU C 403 -0.11 32.29 -38.09
N VAL C 404 0.84 31.38 -37.93
CA VAL C 404 0.97 30.61 -36.68
C VAL C 404 1.47 31.54 -35.58
N ALA C 405 2.65 32.12 -35.81
CA ALA C 405 3.27 33.07 -34.88
C ALA C 405 2.25 34.08 -34.36
N ALA C 406 1.45 34.62 -35.28
CA ALA C 406 0.42 35.60 -34.94
C ALA C 406 -0.62 35.02 -34.00
N THR C 407 -0.99 33.77 -34.24
CA THR C 407 -2.01 33.11 -33.45
C THR C 407 -1.48 32.80 -32.03
N VAL C 408 -0.19 32.53 -31.94
CA VAL C 408 0.43 32.24 -30.67
C VAL C 408 0.46 33.50 -29.80
N ARG C 409 0.61 34.66 -30.43
CA ARG C 409 0.57 35.92 -29.72
C ARG C 409 -0.85 36.16 -29.25
N GLU C 410 -1.80 36.06 -30.18
CA GLU C 410 -3.23 36.24 -29.89
C GLU C 410 -3.73 35.39 -28.72
N LEU C 411 -3.28 34.13 -28.69
CA LEU C 411 -3.79 33.16 -27.71
C LEU C 411 -2.87 32.90 -26.48
N ALA C 412 -1.57 33.12 -26.63
CA ALA C 412 -0.61 32.95 -25.53
C ALA C 412 0.25 34.19 -25.43
N PRO C 413 -0.37 35.31 -25.01
CA PRO C 413 0.34 36.56 -24.95
C PRO C 413 1.39 36.61 -23.85
N ARG C 414 1.07 36.03 -22.68
CA ARG C 414 2.01 36.03 -21.56
C ARG C 414 3.30 35.25 -21.89
N CYS C 415 3.31 34.51 -23.01
CA CYS C 415 4.50 33.77 -23.48
C CYS C 415 5.17 34.48 -24.65
N VAL C 416 6.50 34.52 -24.61
CA VAL C 416 7.30 35.07 -25.70
C VAL C 416 7.89 33.90 -26.48
N VAL C 417 7.21 33.51 -27.55
CA VAL C 417 7.60 32.32 -28.34
C VAL C 417 8.42 32.63 -29.58
N THR C 418 9.65 32.11 -29.63
CA THR C 418 10.51 32.22 -30.79
C THR C 418 10.49 30.91 -31.55
N PHE C 419 10.36 30.97 -32.87
CA PHE C 419 10.35 29.77 -33.70
C PHE C 419 11.67 29.62 -34.40
N LEU C 420 12.27 28.45 -34.25
CA LEU C 420 13.54 28.13 -34.87
C LEU C 420 13.28 27.14 -35.98
N GLN C 421 13.69 27.47 -37.19
CA GLN C 421 13.55 26.54 -38.28
C GLN C 421 14.81 25.68 -38.34
N SER C 422 14.61 24.35 -38.30
CA SER C 422 15.73 23.43 -38.29
C SER C 422 16.45 23.41 -39.63
N GLU C 423 17.72 23.81 -39.62
CA GLU C 423 18.53 23.85 -40.83
C GLU C 423 19.09 22.47 -41.18
N ASP C 424 19.19 21.56 -40.20
CA ASP C 424 19.90 20.27 -40.40
C ASP C 424 19.05 19.00 -40.21
N GLY C 425 17.74 19.16 -40.04
CA GLY C 425 16.86 17.99 -39.88
C GLY C 425 16.99 17.29 -38.54
N SER C 426 16.22 16.23 -38.36
CA SER C 426 16.17 15.47 -37.08
C SER C 426 17.41 14.63 -36.79
N GLY C 427 18.15 14.25 -37.83
CA GLY C 427 19.36 13.44 -37.65
C GLY C 427 20.32 14.02 -36.63
N LYS C 428 20.45 15.34 -36.63
CA LYS C 428 21.33 16.03 -35.71
C LYS C 428 20.89 15.78 -34.26
N GLY C 429 19.59 15.96 -34.00
CA GLY C 429 19.04 15.75 -32.65
C GLY C 429 19.08 14.29 -32.24
N ALA C 430 18.71 13.42 -33.18
CA ALA C 430 18.75 11.97 -32.95
C ALA C 430 20.12 11.54 -32.44
N ALA C 431 21.17 12.03 -33.11
CA ALA C 431 22.54 11.72 -32.74
C ALA C 431 22.84 12.14 -31.31
N LEU C 432 22.37 13.33 -30.94
CA LEU C 432 22.56 13.85 -29.57
C LEU C 432 21.87 13.00 -28.53
N VAL C 433 20.69 12.49 -28.86
CA VAL C 433 19.95 11.62 -27.97
C VAL C 433 20.69 10.29 -27.81
N THR C 434 21.10 9.71 -28.94
CA THR C 434 21.88 8.47 -28.95
C THR C 434 23.14 8.58 -28.06
N ALA C 435 23.76 9.77 -28.07
CA ALA C 435 24.92 10.03 -27.22
C ALA C 435 24.61 9.69 -25.76
N VAL C 436 23.41 10.08 -25.32
CA VAL C 436 22.94 9.78 -23.96
C VAL C 436 22.68 8.29 -23.82
N ALA C 437 22.07 7.70 -24.83
CA ALA C 437 21.75 6.26 -24.83
C ALA C 437 23.01 5.41 -24.67
N CYS C 438 24.12 5.89 -25.22
CA CYS C 438 25.42 5.22 -25.08
C CYS C 438 25.93 5.38 -23.66
N ARG C 439 25.88 6.60 -23.15
CA ARG C 439 26.24 6.87 -21.76
C ARG C 439 25.39 6.00 -20.83
N LEU C 440 24.09 5.93 -21.13
CA LEU C 440 23.13 5.12 -20.35
C LEU C 440 23.46 3.60 -20.35
N ALA C 441 24.15 3.12 -21.38
CA ALA C 441 24.57 1.72 -21.44
C ALA C 441 25.88 1.48 -20.68
N GLN C 442 26.83 2.42 -20.81
CA GLN C 442 28.15 2.31 -20.16
C GLN C 442 28.04 2.50 -18.64
N SER D 2 -23.28 -35.14 6.29
CA SER D 2 -24.00 -34.43 7.39
C SER D 2 -23.07 -34.23 8.58
N ARG D 3 -22.49 -35.33 9.06
CA ARG D 3 -21.55 -35.33 10.20
C ARG D 3 -20.08 -35.13 9.76
N ARG D 4 -19.82 -35.24 8.45
CA ARG D 4 -18.48 -34.99 7.89
C ARG D 4 -18.11 -33.52 8.09
N LEU D 5 -19.03 -32.62 7.70
CA LEU D 5 -18.84 -31.18 7.89
C LEU D 5 -18.60 -30.84 9.37
N LEU D 6 -19.43 -31.40 10.25
CA LEU D 6 -19.30 -31.18 11.70
C LEU D 6 -17.88 -31.48 12.20
N GLU D 7 -17.32 -32.60 11.77
CA GLU D 7 -15.96 -32.99 12.19
C GLU D 7 -14.93 -32.09 11.53
N GLU D 8 -15.11 -31.80 10.23
CA GLU D 8 -14.23 -30.86 9.52
C GLU D 8 -14.15 -29.54 10.27
N THR D 9 -15.31 -29.02 10.68
CA THR D 9 -15.41 -27.77 11.44
C THR D 9 -14.69 -27.83 12.80
N LEU D 10 -14.93 -28.92 13.55
CA LEU D 10 -14.33 -29.07 14.89
C LEU D 10 -12.86 -29.53 14.89
N ALA D 11 -12.34 -29.91 13.72
CA ALA D 11 -10.96 -30.42 13.57
C ALA D 11 -9.87 -29.56 14.27
N PRO D 12 -9.90 -28.23 14.06
CA PRO D 12 -8.90 -27.34 14.70
C PRO D 12 -8.95 -27.29 16.24
N PHE D 13 -10.07 -27.69 16.83
CA PHE D 13 -10.21 -27.71 18.29
C PHE D 13 -9.66 -28.99 18.91
N ARG D 14 -9.22 -29.92 18.06
CA ARG D 14 -8.69 -31.19 18.49
C ARG D 14 -7.18 -31.20 18.26
N LEU D 15 -6.45 -30.75 19.27
CA LEU D 15 -5.01 -30.59 19.16
C LEU D 15 -4.28 -31.87 19.52
N ASN D 16 -3.41 -32.32 18.62
CA ASN D 16 -2.61 -33.52 18.88
C ASN D 16 -1.44 -33.20 19.80
N HIS D 17 -0.72 -34.23 20.21
CA HIS D 17 0.40 -34.10 21.12
C HIS D 17 1.49 -33.11 20.66
N ASP D 18 1.89 -33.21 19.40
CA ASP D 18 2.93 -32.33 18.84
C ASP D 18 2.52 -30.87 18.86
N GLN D 19 1.28 -30.59 18.50
CA GLN D 19 0.74 -29.24 18.55
C GLN D 19 0.80 -28.67 19.95
N LEU D 20 0.28 -29.43 20.91
CA LEU D 20 0.26 -29.01 22.34
C LEU D 20 1.65 -28.78 22.86
N ALA D 21 2.59 -29.64 22.48
CA ALA D 21 4.00 -29.48 22.88
C ALA D 21 4.55 -28.15 22.36
N ALA D 22 4.22 -27.80 21.11
CA ALA D 22 4.65 -26.54 20.51
C ALA D 22 4.14 -25.32 21.30
N VAL D 23 2.89 -25.41 21.78
CA VAL D 23 2.29 -24.34 22.60
C VAL D 23 3.11 -24.17 23.87
N GLN D 24 3.37 -25.28 24.55
CA GLN D 24 4.24 -25.29 25.71
C GLN D 24 5.58 -24.67 25.36
N ALA D 25 6.17 -25.13 24.25
CA ALA D 25 7.47 -24.64 23.77
C ALA D 25 7.49 -23.13 23.58
N GLN D 26 6.44 -22.62 22.95
CA GLN D 26 6.37 -21.19 22.66
C GLN D 26 6.01 -20.34 23.89
N MET D 27 5.33 -20.91 24.87
CA MET D 27 5.11 -20.16 26.12
C MET D 27 6.42 -20.10 26.89
N ARG D 28 7.11 -21.21 26.90
CA ARG D 28 8.38 -21.32 27.54
C ARG D 28 9.36 -20.26 26.99
N LYS D 29 9.28 -20.02 25.69
CA LYS D 29 10.11 -19.01 25.01
C LYS D 29 9.65 -17.61 25.43
N ALA D 30 8.34 -17.39 25.41
CA ALA D 30 7.73 -16.11 25.81
C ALA D 30 8.12 -15.72 27.26
N MET D 31 8.18 -16.72 28.14
CA MET D 31 8.59 -16.50 29.52
C MET D 31 10.06 -16.05 29.58
N ALA D 32 10.93 -16.81 28.91
CA ALA D 32 12.35 -16.49 28.88
C ALA D 32 12.55 -15.05 28.44
N LYS D 33 12.02 -14.70 27.26
CA LYS D 33 12.17 -13.36 26.71
C LYS D 33 11.67 -12.26 27.66
N GLY D 34 10.43 -12.40 28.11
CA GLY D 34 9.83 -11.43 29.04
C GLY D 34 10.72 -11.09 30.23
N LEU D 35 11.29 -12.12 30.84
CA LEU D 35 12.18 -11.97 32.01
C LEU D 35 13.49 -11.22 31.70
N ARG D 36 14.04 -11.46 30.50
CA ARG D 36 15.29 -10.82 30.07
C ARG D 36 15.02 -9.39 29.59
N GLY D 37 13.73 -9.03 29.49
CA GLY D 37 13.33 -7.69 29.06
C GLY D 37 13.10 -7.56 27.56
N GLU D 38 13.20 -8.68 26.84
CA GLU D 38 12.93 -8.69 25.40
C GLU D 38 11.42 -8.66 25.15
N ALA D 39 11.04 -8.52 23.89
CA ALA D 39 9.64 -8.43 23.50
C ALA D 39 8.93 -9.76 23.66
N SER D 40 7.98 -9.82 24.59
CA SER D 40 7.17 -10.99 24.85
C SER D 40 5.72 -10.57 24.89
N SER D 41 4.81 -11.52 24.68
CA SER D 41 3.37 -11.25 24.86
C SER D 41 2.97 -11.55 26.31
N LEU D 42 3.90 -12.15 27.07
CA LEU D 42 3.73 -12.30 28.50
C LEU D 42 4.45 -11.13 29.13
N ARG D 43 3.74 -10.35 29.95
CA ARG D 43 4.35 -9.19 30.60
C ARG D 43 5.36 -9.64 31.67
N MET D 44 5.09 -10.79 32.31
CA MET D 44 5.98 -11.36 33.35
C MET D 44 6.24 -10.31 34.43
N LEU D 45 5.16 -9.85 35.05
CA LEU D 45 5.19 -8.73 36.00
C LEU D 45 5.66 -9.16 37.39
N PRO D 46 6.70 -8.49 37.92
CA PRO D 46 7.12 -8.77 39.29
C PRO D 46 6.03 -8.37 40.26
N THR D 47 5.78 -9.21 41.27
CA THR D 47 4.74 -8.94 42.27
C THR D 47 5.32 -8.49 43.61
N PHE D 48 6.63 -8.62 43.75
CA PHE D 48 7.33 -8.31 45.00
C PHE D 48 6.87 -9.14 46.20
N VAL D 49 6.42 -10.37 45.90
CA VAL D 49 6.12 -11.39 46.91
C VAL D 49 7.28 -12.34 46.81
N ARG D 50 8.19 -12.27 47.80
CA ARG D 50 9.46 -13.01 47.73
C ARG D 50 9.49 -14.34 48.48
N ALA D 51 8.36 -14.74 49.03
CA ALA D 51 8.27 -16.02 49.72
C ALA D 51 6.82 -16.43 49.94
N THR D 52 6.58 -17.73 49.86
CA THR D 52 5.27 -18.28 50.20
C THR D 52 5.15 -18.13 51.73
N PRO D 53 3.92 -18.26 52.28
CA PRO D 53 3.73 -18.03 53.73
C PRO D 53 4.83 -18.61 54.62
N ASP D 54 5.65 -17.71 55.19
CA ASP D 54 6.78 -18.08 56.04
C ASP D 54 6.33 -18.23 57.47
N GLY D 55 5.94 -19.45 57.84
CA GLY D 55 5.52 -19.77 59.20
C GLY D 55 4.38 -18.89 59.69
N SER D 56 4.56 -18.33 60.89
CA SER D 56 3.54 -17.50 61.53
C SER D 56 3.61 -16.04 61.08
N GLU D 57 2.44 -15.50 60.76
CA GLU D 57 2.28 -14.13 60.29
C GLU D 57 0.92 -13.63 60.79
N ARG D 58 0.90 -12.99 61.94
CA ARG D 58 -0.36 -12.56 62.57
C ARG D 58 -0.89 -11.21 62.05
N GLY D 59 -2.11 -10.86 62.46
CA GLY D 59 -2.74 -9.57 62.11
C GLY D 59 -4.21 -9.68 61.73
N ASP D 60 -4.95 -8.57 61.89
CA ASP D 60 -6.36 -8.47 61.47
C ASP D 60 -6.40 -7.53 60.28
N PHE D 61 -6.86 -8.02 59.13
CA PHE D 61 -6.80 -7.27 57.86
C PHE D 61 -8.14 -7.17 57.15
N LEU D 62 -8.41 -6.01 56.56
CA LEU D 62 -9.56 -5.86 55.68
C LEU D 62 -9.05 -6.33 54.33
N ALA D 63 -9.95 -6.74 53.44
CA ALA D 63 -9.53 -7.27 52.14
C ALA D 63 -10.53 -7.05 51.04
N LEU D 64 -10.06 -6.49 49.93
CA LEU D 64 -10.88 -6.29 48.74
C LEU D 64 -10.58 -7.39 47.77
N ASP D 65 -11.59 -7.76 46.99
CA ASP D 65 -11.43 -8.79 45.98
C ASP D 65 -12.21 -8.37 44.74
N LEU D 66 -11.51 -7.73 43.81
CA LEU D 66 -12.14 -7.16 42.63
C LEU D 66 -11.58 -7.72 41.33
N GLY D 67 -12.50 -7.97 40.38
CA GLY D 67 -12.15 -8.42 39.03
C GLY D 67 -12.71 -9.78 38.65
N GLY D 68 -13.20 -10.52 39.65
CA GLY D 68 -13.83 -11.81 39.41
C GLY D 68 -15.31 -11.66 39.20
N THR D 69 -16.01 -12.79 39.09
CA THR D 69 -17.49 -12.81 38.96
C THR D 69 -18.13 -12.10 40.15
N ASN D 70 -17.47 -12.17 41.31
CA ASN D 70 -17.92 -11.50 42.54
C ASN D 70 -16.95 -10.45 43.04
N PHE D 71 -17.50 -9.28 43.39
CA PHE D 71 -16.73 -8.28 44.12
C PHE D 71 -17.06 -8.51 45.58
N ARG D 72 -16.04 -8.55 46.43
CA ARG D 72 -16.25 -8.88 47.83
C ARG D 72 -15.37 -8.09 48.77
N VAL D 73 -15.97 -7.68 49.90
CA VAL D 73 -15.23 -7.07 51.00
C VAL D 73 -15.08 -8.16 52.02
N LEU D 74 -13.93 -8.17 52.71
CA LEU D 74 -13.58 -9.27 53.59
C LEU D 74 -12.83 -8.81 54.84
N LEU D 75 -13.16 -9.42 55.97
CA LEU D 75 -12.37 -9.25 57.17
C LEU D 75 -11.62 -10.55 57.35
N VAL D 76 -10.29 -10.46 57.51
CA VAL D 76 -9.45 -11.65 57.65
C VAL D 76 -8.63 -11.55 58.94
N ARG D 77 -8.93 -12.42 59.91
CA ARG D 77 -8.21 -12.45 61.18
C ARG D 77 -7.20 -13.60 61.21
N VAL D 78 -5.91 -13.26 61.14
CA VAL D 78 -4.84 -14.27 61.13
C VAL D 78 -4.13 -14.33 62.48
N THR D 79 -4.20 -15.50 63.11
CA THR D 79 -3.57 -15.75 64.40
C THR D 79 -2.91 -17.13 64.29
N THR D 80 -3.19 -18.03 65.25
CA THR D 80 -2.78 -19.43 65.12
C THR D 80 -3.52 -19.99 63.90
N GLY D 81 -4.82 -19.67 63.81
CA GLY D 81 -5.66 -20.02 62.67
C GLY D 81 -6.07 -18.78 61.89
N VAL D 82 -6.92 -19.00 60.88
CA VAL D 82 -7.42 -17.92 60.02
C VAL D 82 -8.95 -17.89 60.05
N GLN D 83 -9.52 -16.70 60.28
CA GLN D 83 -10.98 -16.53 60.35
C GLN D 83 -11.45 -15.44 59.38
N ILE D 84 -12.37 -15.81 58.48
CA ILE D 84 -12.83 -14.91 57.43
C ILE D 84 -14.33 -14.66 57.46
N THR D 85 -14.70 -13.38 57.43
CA THR D 85 -16.08 -12.97 57.22
C THR D 85 -16.06 -12.22 55.90
N SER D 86 -17.20 -12.20 55.21
CA SER D 86 -17.25 -11.52 53.91
C SER D 86 -18.68 -11.17 53.49
N GLU D 87 -18.76 -10.38 52.41
CA GLU D 87 -20.04 -10.01 51.82
C GLU D 87 -19.79 -9.61 50.36
N ILE D 88 -20.64 -10.13 49.48
CA ILE D 88 -20.54 -9.81 48.05
C ILE D 88 -21.35 -8.57 47.75
N TYR D 89 -20.88 -7.77 46.78
CA TYR D 89 -21.61 -6.59 46.31
C TYR D 89 -21.66 -6.58 44.78
N SER D 90 -22.69 -5.95 44.23
CA SER D 90 -22.92 -5.92 42.79
C SER D 90 -22.13 -4.80 42.10
N ILE D 91 -21.55 -5.11 40.94
CA ILE D 91 -20.89 -4.11 40.09
C ILE D 91 -21.42 -4.31 38.65
N PRO D 92 -22.49 -3.59 38.28
CA PRO D 92 -23.03 -3.73 36.92
C PRO D 92 -22.04 -3.29 35.82
N GLU D 93 -22.23 -3.83 34.60
CA GLU D 93 -21.41 -3.46 33.43
C GLU D 93 -21.31 -1.94 33.32
N THR D 94 -22.40 -1.26 33.67
CA THR D 94 -22.46 0.19 33.74
C THR D 94 -21.30 0.75 34.58
N VAL D 95 -21.17 0.24 35.81
CA VAL D 95 -20.13 0.69 36.73
C VAL D 95 -18.77 0.18 36.32
N ALA D 96 -18.73 -1.07 35.86
CA ALA D 96 -17.50 -1.72 35.43
C ALA D 96 -16.85 -1.04 34.21
N GLN D 97 -17.69 -0.51 33.32
CA GLN D 97 -17.21 0.16 32.10
C GLN D 97 -17.50 1.66 32.13
N GLY D 98 -17.93 2.17 33.29
CA GLY D 98 -18.29 3.58 33.43
C GLY D 98 -17.09 4.46 33.70
N SER D 99 -17.20 5.30 34.74
CA SER D 99 -16.14 6.22 35.12
C SER D 99 -15.37 5.65 36.30
N GLY D 100 -14.04 5.84 36.28
CA GLY D 100 -13.17 5.44 37.37
C GLY D 100 -13.64 6.04 38.69
N GLN D 101 -14.04 7.31 38.67
CA GLN D 101 -14.57 7.97 39.86
C GLN D 101 -15.73 7.17 40.44
N GLN D 102 -16.74 6.87 39.62
CA GLN D 102 -17.92 6.10 40.08
C GLN D 102 -17.55 4.71 40.57
N LEU D 103 -16.64 4.05 39.86
CA LEU D 103 -16.19 2.70 40.21
C LEU D 103 -15.66 2.65 41.64
N PHE D 104 -14.66 3.47 41.94
CA PHE D 104 -14.04 3.46 43.27
C PHE D 104 -14.89 4.13 44.33
N ASP D 105 -15.76 5.05 43.92
CA ASP D 105 -16.76 5.61 44.83
C ASP D 105 -17.60 4.44 45.36
N HIS D 106 -18.08 3.62 44.43
CA HIS D 106 -18.88 2.45 44.75
C HIS D 106 -18.11 1.49 45.66
N ILE D 107 -16.85 1.24 45.31
CA ILE D 107 -15.98 0.35 46.10
C ILE D 107 -15.87 0.82 47.54
N VAL D 108 -15.62 2.11 47.72
CA VAL D 108 -15.52 2.70 49.05
C VAL D 108 -16.86 2.56 49.79
N ASP D 109 -17.96 2.92 49.14
CA ASP D 109 -19.31 2.80 49.75
C ASP D 109 -19.51 1.41 50.36
N CYS D 110 -19.08 0.38 49.63
CA CYS D 110 -19.19 -1.00 50.11
C CYS D 110 -18.36 -1.22 51.36
N ILE D 111 -17.14 -0.69 51.36
CA ILE D 111 -16.24 -0.83 52.51
C ILE D 111 -16.89 -0.21 53.75
N VAL D 112 -17.35 1.03 53.62
CA VAL D 112 -18.06 1.70 54.69
C VAL D 112 -19.23 0.85 55.16
N ASP D 113 -20.02 0.36 54.20
CA ASP D 113 -21.17 -0.52 54.49
C ASP D 113 -20.72 -1.73 55.31
N PHE D 114 -19.74 -2.46 54.77
CA PHE D 114 -19.19 -3.64 55.42
C PHE D 114 -18.68 -3.30 56.81
N GLN D 115 -17.77 -2.33 56.88
CA GLN D 115 -17.22 -1.87 58.16
C GLN D 115 -18.32 -1.58 59.18
N GLN D 116 -19.35 -0.85 58.75
CA GLN D 116 -20.48 -0.50 59.62
C GLN D 116 -21.23 -1.76 60.10
N LYS D 117 -21.34 -2.75 59.22
CA LYS D 117 -22.02 -4.02 59.55
C LYS D 117 -21.18 -4.92 60.46
N GLN D 118 -19.85 -4.73 60.44
CA GLN D 118 -18.93 -5.56 61.23
C GLN D 118 -18.49 -4.93 62.55
N GLY D 119 -18.81 -3.65 62.75
CA GLY D 119 -18.36 -2.92 63.93
C GLY D 119 -16.93 -2.42 63.81
N LEU D 120 -16.32 -2.60 62.62
CA LEU D 120 -14.97 -2.11 62.35
C LEU D 120 -14.95 -0.60 62.56
N SER D 121 -15.89 0.08 61.89
CA SER D 121 -16.14 1.54 62.05
C SER D 121 -14.88 2.46 61.97
N GLY D 122 -14.44 2.98 63.13
CA GLY D 122 -13.30 3.92 63.19
C GLY D 122 -11.94 3.31 62.92
N GLN D 123 -11.73 2.07 63.41
CA GLN D 123 -10.46 1.35 63.19
C GLN D 123 -10.14 1.24 61.70
N SER D 124 -9.05 1.89 61.27
CA SER D 124 -8.61 1.82 59.85
C SER D 124 -7.56 0.71 59.73
N LEU D 125 -7.98 -0.43 59.19
CA LEU D 125 -7.11 -1.62 59.12
C LEU D 125 -6.27 -1.68 57.85
N PRO D 126 -5.19 -2.50 57.86
CA PRO D 126 -4.43 -2.69 56.64
C PRO D 126 -5.28 -3.44 55.64
N LEU D 127 -5.39 -2.89 54.43
CA LEU D 127 -6.21 -3.52 53.41
C LEU D 127 -5.35 -4.42 52.52
N GLY D 128 -5.90 -5.59 52.20
CA GLY D 128 -5.27 -6.53 51.27
C GLY D 128 -6.08 -6.51 49.99
N PHE D 129 -5.64 -5.69 49.04
CA PHE D 129 -6.39 -5.49 47.82
C PHE D 129 -6.09 -6.55 46.76
N THR D 130 -7.02 -7.49 46.58
CA THR D 130 -6.90 -8.45 45.50
C THR D 130 -7.50 -7.75 44.29
N PHE D 131 -6.65 -7.40 43.34
CA PHE D 131 -7.03 -6.65 42.17
C PHE D 131 -6.60 -7.44 40.96
N SER D 132 -7.54 -8.19 40.39
CA SER D 132 -7.24 -9.17 39.33
C SER D 132 -7.07 -8.58 37.91
N PHE D 133 -6.11 -7.68 37.77
CA PHE D 133 -5.77 -7.06 36.51
C PHE D 133 -4.28 -6.79 36.48
N PRO D 134 -3.71 -6.52 35.28
CA PRO D 134 -2.27 -6.31 35.14
C PRO D 134 -1.79 -5.02 35.75
N CYS D 135 -0.83 -5.11 36.66
CA CYS D 135 -0.27 -3.92 37.29
C CYS D 135 1.22 -3.94 37.26
N ARG D 136 1.80 -2.76 37.11
CA ARG D 136 3.23 -2.59 37.24
C ARG D 136 3.47 -2.26 38.69
N GLN D 137 4.10 -3.19 39.41
CA GLN D 137 4.41 -2.97 40.82
C GLN D 137 5.90 -2.86 41.02
N LEU D 138 6.30 -1.88 41.82
CA LEU D 138 7.69 -1.79 42.27
C LEU D 138 7.74 -2.03 43.81
N GLY D 139 6.63 -2.53 44.35
CA GLY D 139 6.51 -2.85 45.76
C GLY D 139 5.15 -3.46 46.01
N LEU D 140 4.98 -4.08 47.18
CA LEU D 140 3.69 -4.67 47.56
C LEU D 140 2.61 -3.59 47.69
N ASP D 141 3.03 -2.42 48.20
CA ASP D 141 2.12 -1.31 48.52
C ASP D 141 1.71 -0.40 47.34
N GLN D 142 2.05 -0.81 46.12
CA GLN D 142 1.77 0.01 44.93
C GLN D 142 1.52 -0.84 43.70
N GLY D 143 0.70 -0.34 42.78
CA GLY D 143 0.38 -1.07 41.57
C GLY D 143 -0.30 -0.20 40.54
N ILE D 144 0.41 0.11 39.46
CA ILE D 144 -0.12 0.95 38.39
C ILE D 144 -0.84 0.09 37.37
N LEU D 145 -2.17 0.21 37.32
CA LEU D 145 -2.98 -0.55 36.35
C LEU D 145 -2.44 -0.30 34.96
N LEU D 146 -2.04 -1.37 34.27
CA LEU D 146 -1.55 -1.24 32.91
C LEU D 146 -2.73 -1.26 31.95
N ASN D 147 -3.61 -2.25 32.10
CA ASN D 147 -4.77 -2.39 31.24
C ASN D 147 -5.91 -3.02 31.97
N TRP D 148 -7.13 -2.64 31.60
CA TRP D 148 -8.29 -3.39 32.03
C TRP D 148 -8.35 -4.62 31.13
N THR D 149 -8.97 -5.68 31.61
CA THR D 149 -9.16 -6.90 30.85
C THR D 149 -10.54 -7.44 31.17
N LYS D 150 -10.89 -8.57 30.59
CA LYS D 150 -12.18 -9.20 30.85
C LYS D 150 -13.33 -8.21 30.50
N GLY D 151 -14.20 -7.90 31.46
CA GLY D 151 -15.37 -7.05 31.21
C GLY D 151 -15.27 -5.61 31.69
N PHE D 152 -14.08 -5.18 32.08
CA PHE D 152 -13.88 -3.82 32.60
C PHE D 152 -13.34 -2.87 31.54
N LYS D 153 -13.83 -1.63 31.59
CA LYS D 153 -13.36 -0.55 30.72
C LYS D 153 -13.50 0.82 31.42
N ALA D 154 -13.41 0.83 32.76
CA ALA D 154 -13.59 2.06 33.56
C ALA D 154 -12.58 3.14 33.12
N SER D 155 -13.08 4.36 32.90
CA SER D 155 -12.27 5.44 32.36
C SER D 155 -11.37 6.11 33.40
N ASP D 156 -10.30 6.76 32.91
CA ASP D 156 -9.35 7.51 33.75
C ASP D 156 -8.69 6.67 34.85
N CYS D 157 -8.52 5.37 34.59
CA CYS D 157 -7.93 4.45 35.57
C CYS D 157 -6.62 3.89 35.11
N GLU D 158 -6.50 3.56 33.82
CA GLU D 158 -5.30 2.97 33.28
C GLU D 158 -4.13 3.94 33.43
N GLY D 159 -2.99 3.45 33.89
CA GLY D 159 -1.82 4.27 34.13
C GLY D 159 -1.83 4.92 35.51
N GLN D 160 -2.87 4.62 36.29
CA GLN D 160 -3.00 5.14 37.64
C GLN D 160 -2.62 4.09 38.63
N ASP D 161 -2.01 4.51 39.73
CA ASP D 161 -1.75 3.62 40.84
C ASP D 161 -3.11 3.36 41.49
N VAL D 162 -3.51 2.09 41.55
CA VAL D 162 -4.83 1.74 42.09
C VAL D 162 -4.95 2.08 43.59
N VAL D 163 -3.82 2.10 44.31
CA VAL D 163 -3.81 2.50 45.71
C VAL D 163 -4.24 3.98 45.79
N SER D 164 -3.75 4.80 44.85
CA SER D 164 -4.14 6.21 44.77
C SER D 164 -5.62 6.32 44.40
N LEU D 165 -6.02 5.60 43.36
CA LEU D 165 -7.42 5.59 42.92
C LEU D 165 -8.36 5.33 44.10
N LEU D 166 -7.91 4.50 45.04
CA LEU D 166 -8.68 4.21 46.23
C LEU D 166 -8.65 5.40 47.22
N ARG D 167 -7.47 5.98 47.45
CA ARG D 167 -7.34 7.17 48.34
C ARG D 167 -8.27 8.29 47.91
N GLU D 168 -8.16 8.66 46.63
CA GLU D 168 -9.00 9.71 46.03
C GLU D 168 -10.50 9.45 46.26
N ALA D 169 -10.91 8.18 46.17
CA ALA D 169 -12.30 7.80 46.43
C ALA D 169 -12.63 7.91 47.93
N ILE D 170 -11.72 7.41 48.78
CA ILE D 170 -11.89 7.48 50.25
C ILE D 170 -12.07 8.89 50.73
N THR D 171 -11.21 9.78 50.24
CA THR D 171 -11.30 11.19 50.59
C THR D 171 -12.63 11.79 50.06
N ARG D 172 -13.01 11.44 48.82
CA ARG D 172 -14.31 11.90 48.23
C ARG D 172 -15.51 11.42 49.04
N ARG D 173 -15.64 10.10 49.19
CA ARG D 173 -16.73 9.52 49.99
C ARG D 173 -16.53 9.80 51.49
N GLN D 174 -15.38 10.41 51.85
CA GLN D 174 -15.06 10.80 53.23
C GLN D 174 -15.08 9.61 54.19
N ALA D 175 -14.39 8.55 53.80
CA ALA D 175 -14.31 7.33 54.59
C ALA D 175 -13.14 7.41 55.55
N VAL D 176 -12.88 6.31 56.25
CA VAL D 176 -11.77 6.23 57.20
C VAL D 176 -10.46 6.14 56.40
N GLU D 177 -9.47 6.93 56.84
CA GLU D 177 -8.17 7.02 56.14
C GLU D 177 -7.57 5.66 55.82
N LEU D 178 -7.07 5.49 54.60
CA LEU D 178 -6.44 4.25 54.19
C LEU D 178 -5.14 4.05 54.98
N ASN D 179 -4.94 2.84 55.49
CA ASN D 179 -3.73 2.49 56.22
C ASN D 179 -2.75 1.82 55.23
N VAL D 180 -2.02 0.80 55.65
CA VAL D 180 -1.13 0.08 54.76
C VAL D 180 -1.98 -0.75 53.80
N VAL D 181 -1.91 -0.41 52.51
CA VAL D 181 -2.62 -1.15 51.46
C VAL D 181 -1.61 -2.01 50.68
N ALA D 182 -2.04 -3.21 50.28
CA ALA D 182 -1.21 -4.13 49.51
C ALA D 182 -1.94 -4.59 48.26
N ILE D 183 -1.30 -4.46 47.10
CA ILE D 183 -1.89 -4.87 45.83
C ILE D 183 -1.41 -6.24 45.43
N VAL D 184 -2.35 -7.15 45.18
CA VAL D 184 -2.05 -8.51 44.75
C VAL D 184 -2.99 -8.93 43.63
N ASN D 185 -2.45 -9.64 42.65
CA ASN D 185 -3.24 -10.23 41.59
C ASN D 185 -3.93 -11.45 42.16
N ASP D 186 -5.10 -11.79 41.65
CA ASP D 186 -5.83 -12.97 42.16
C ASP D 186 -5.01 -14.26 42.07
N THR D 187 -4.20 -14.40 41.02
CA THR D 187 -3.33 -15.57 40.91
C THR D 187 -2.44 -15.64 42.12
N VAL D 188 -1.76 -14.53 42.42
CA VAL D 188 -0.87 -14.45 43.59
C VAL D 188 -1.63 -14.69 44.89
N GLY D 189 -2.82 -14.09 44.99
CA GLY D 189 -3.69 -14.26 46.14
C GLY D 189 -4.04 -15.72 46.37
N THR D 190 -4.42 -16.41 45.30
CA THR D 190 -4.78 -17.83 45.40
C THR D 190 -3.56 -18.67 45.80
N MET D 191 -2.43 -18.46 45.09
CA MET D 191 -1.19 -19.16 45.41
C MET D 191 -0.89 -19.09 46.90
N MET D 192 -0.97 -17.88 47.45
CA MET D 192 -0.66 -17.67 48.87
C MET D 192 -1.69 -18.30 49.82
N SER D 193 -2.95 -18.38 49.38
CA SER D 193 -4.01 -18.99 50.20
C SER D 193 -3.78 -20.49 50.34
N CYS D 194 -3.55 -21.15 49.21
CA CYS D 194 -3.25 -22.57 49.19
C CYS D 194 -1.85 -22.84 49.78
N GLY D 195 -0.98 -21.83 49.71
CA GLY D 195 0.35 -21.90 50.31
C GLY D 195 0.33 -21.91 51.84
N TYR D 196 -0.76 -21.40 52.43
CA TYR D 196 -0.91 -21.34 53.91
C TYR D 196 -0.67 -22.68 54.58
N GLU D 197 -1.22 -23.75 53.98
CA GLU D 197 -1.07 -25.09 54.53
C GLU D 197 -0.44 -26.10 53.52
N ASP D 198 0.38 -25.61 52.59
CA ASP D 198 1.11 -26.46 51.63
C ASP D 198 2.38 -25.74 51.15
N PRO D 199 3.52 -26.03 51.78
CA PRO D 199 4.82 -25.41 51.46
C PRO D 199 5.26 -25.56 50.00
N ARG D 200 4.87 -26.66 49.35
CA ARG D 200 5.24 -26.91 47.94
C ARG D 200 4.38 -26.11 46.94
N CYS D 201 3.46 -25.29 47.44
CA CYS D 201 2.60 -24.49 46.57
C CYS D 201 3.34 -23.26 46.11
N GLU D 202 3.75 -23.26 44.85
CA GLU D 202 4.53 -22.17 44.28
C GLU D 202 3.97 -21.68 42.95
N ILE D 203 2.71 -22.01 42.68
CA ILE D 203 2.05 -21.56 41.47
C ILE D 203 0.59 -21.25 41.75
N GLY D 204 0.15 -20.10 41.28
CA GLY D 204 -1.24 -19.72 41.35
C GLY D 204 -1.81 -19.84 39.96
N LEU D 205 -2.93 -20.55 39.83
CA LEU D 205 -3.62 -20.68 38.56
C LEU D 205 -5.03 -20.19 38.71
N ILE D 206 -5.47 -19.36 37.76
CA ILE D 206 -6.87 -18.94 37.71
C ILE D 206 -7.47 -19.34 36.38
N VAL D 207 -8.64 -19.98 36.44
CA VAL D 207 -9.42 -20.26 35.23
C VAL D 207 -10.88 -20.08 35.58
N GLY D 208 -11.31 -18.82 35.55
CA GLY D 208 -12.71 -18.43 35.78
C GLY D 208 -13.11 -17.50 34.67
N THR D 209 -13.54 -16.27 35.02
CA THR D 209 -13.92 -15.28 34.02
C THR D 209 -12.77 -15.14 33.04
N GLY D 210 -11.59 -14.91 33.59
CA GLY D 210 -10.37 -14.84 32.80
C GLY D 210 -9.42 -15.91 33.27
N THR D 211 -8.28 -16.04 32.60
CA THR D 211 -7.29 -17.02 33.00
C THR D 211 -5.91 -16.39 33.08
N ASN D 212 -5.11 -16.89 34.02
CA ASN D 212 -3.79 -16.34 34.29
C ASN D 212 -3.03 -17.28 35.21
N ALA D 213 -1.73 -17.10 35.30
CA ALA D 213 -0.92 -17.90 36.20
C ALA D 213 0.25 -17.11 36.75
N CYS D 214 0.67 -17.47 37.95
CA CYS D 214 1.86 -16.89 38.55
C CYS D 214 2.67 -17.99 39.17
N TYR D 215 3.95 -17.73 39.41
CA TYR D 215 4.84 -18.76 39.95
C TYR D 215 6.10 -18.16 40.50
N MET D 216 6.76 -18.88 41.42
CA MET D 216 8.00 -18.38 42.05
C MET D 216 9.19 -18.53 41.12
N GLU D 217 9.60 -17.42 40.52
CA GLU D 217 10.77 -17.41 39.64
C GLU D 217 11.99 -17.07 40.47
N GLU D 218 13.16 -17.54 40.03
CA GLU D 218 14.41 -17.25 40.74
C GLU D 218 14.76 -15.78 40.50
N LEU D 219 15.15 -15.09 41.56
CA LEU D 219 15.37 -13.65 41.47
C LEU D 219 16.44 -13.30 40.43
N ARG D 220 17.48 -14.14 40.31
CA ARG D 220 18.57 -13.91 39.33
C ARG D 220 18.05 -13.83 37.89
N ASN D 221 16.92 -14.50 37.61
CA ASN D 221 16.35 -14.53 36.26
C ASN D 221 15.43 -13.35 35.92
N VAL D 222 14.99 -12.61 36.94
CA VAL D 222 14.12 -11.44 36.73
C VAL D 222 14.99 -10.18 36.52
N ALA D 223 15.36 -9.93 35.26
CA ALA D 223 16.28 -8.83 34.90
C ALA D 223 15.75 -7.44 35.25
N GLY D 224 14.44 -7.26 35.23
CA GLY D 224 13.82 -5.96 35.54
C GLY D 224 14.04 -5.47 36.96
N VAL D 225 14.14 -6.41 37.89
CA VAL D 225 14.31 -6.12 39.33
C VAL D 225 15.78 -6.30 39.73
N PRO D 226 16.22 -5.60 40.81
CA PRO D 226 17.60 -5.77 41.25
C PRO D 226 17.73 -6.95 42.20
N GLY D 227 18.95 -7.45 42.39
CA GLY D 227 19.21 -8.56 43.32
C GLY D 227 19.38 -9.90 42.63
N ASP D 228 20.08 -10.81 43.29
CA ASP D 228 20.35 -12.16 42.77
C ASP D 228 19.88 -13.26 43.73
N SER D 229 20.19 -13.11 45.02
CA SER D 229 19.81 -14.09 46.05
C SER D 229 18.29 -14.12 46.25
N GLY D 230 17.71 -15.33 46.21
CA GLY D 230 16.29 -15.52 46.47
C GLY D 230 15.40 -15.65 45.26
N ARG D 231 14.10 -15.55 45.49
CA ARG D 231 13.09 -15.71 44.43
C ARG D 231 11.93 -14.74 44.61
N MET D 232 11.10 -14.63 43.57
CA MET D 232 9.97 -13.73 43.58
C MET D 232 8.87 -14.25 42.72
N CYS D 233 7.64 -14.09 43.19
CA CYS D 233 6.48 -14.50 42.43
C CYS D 233 6.32 -13.61 41.23
N ILE D 234 6.02 -14.20 40.10
CA ILE D 234 5.81 -13.45 38.86
C ILE D 234 4.42 -13.68 38.29
N ASN D 235 3.70 -12.59 38.07
CA ASN D 235 2.43 -12.64 37.40
C ASN D 235 2.68 -12.64 35.89
N MET D 236 2.50 -13.80 35.28
CA MET D 236 2.78 -13.97 33.87
C MET D 236 1.87 -13.14 33.01
N GLU D 237 0.62 -12.98 33.46
CA GLU D 237 -0.43 -12.36 32.66
C GLU D 237 -0.50 -13.10 31.34
N TRP D 238 -0.70 -14.42 31.41
CA TRP D 238 -0.69 -15.22 30.19
C TRP D 238 -1.96 -15.12 29.39
N GLY D 239 -2.99 -14.43 29.91
CA GLY D 239 -4.19 -14.21 29.13
C GLY D 239 -3.83 -13.54 27.80
N ALA D 240 -2.87 -12.60 27.86
CA ALA D 240 -2.40 -11.83 26.69
C ALA D 240 -1.35 -12.56 25.87
N PHE D 241 -1.14 -13.84 26.17
CA PHE D 241 -0.23 -14.67 25.42
C PHE D 241 -0.72 -14.72 23.96
N GLY D 242 0.20 -14.55 23.02
CA GLY D 242 -0.15 -14.57 21.60
C GLY D 242 -0.75 -13.29 21.05
N ASP D 243 -0.83 -12.24 21.89
CA ASP D 243 -1.34 -10.93 21.44
C ASP D 243 -0.42 -10.35 20.36
N ASP D 244 0.83 -10.81 20.34
CA ASP D 244 1.79 -10.45 19.28
C ASP D 244 1.49 -11.20 17.95
N GLY D 245 0.45 -12.03 17.93
CA GLY D 245 0.08 -12.80 16.74
C GLY D 245 0.86 -14.11 16.61
N SER D 246 1.54 -14.50 17.68
CA SER D 246 2.34 -15.72 17.68
C SER D 246 1.49 -17.00 17.77
N LEU D 247 0.20 -16.85 18.09
CA LEU D 247 -0.74 -18.00 18.13
C LEU D 247 -1.72 -17.99 16.95
N ALA D 248 -1.27 -17.44 15.80
CA ALA D 248 -2.07 -17.45 14.56
C ALA D 248 -2.29 -18.90 14.14
N MET D 249 -1.28 -19.73 14.42
CA MET D 249 -1.35 -21.17 14.19
C MET D 249 -2.65 -21.76 14.76
N LEU D 250 -3.04 -21.32 15.96
CA LEU D 250 -4.22 -21.87 16.66
C LEU D 250 -5.58 -21.22 16.34
N SER D 251 -5.61 -19.89 16.26
CA SER D 251 -6.86 -19.16 16.10
C SER D 251 -7.71 -19.74 15.01
N THR D 252 -8.94 -20.11 15.38
CA THR D 252 -9.93 -20.54 14.43
C THR D 252 -10.66 -19.29 13.96
N ARG D 253 -11.50 -19.44 12.96
CA ARG D 253 -12.35 -18.33 12.50
C ARG D 253 -13.29 -17.88 13.61
N PHE D 254 -13.66 -18.82 14.48
CA PHE D 254 -14.57 -18.57 15.58
C PHE D 254 -13.91 -17.78 16.69
N ASP D 255 -12.63 -18.07 16.93
CA ASP D 255 -11.82 -17.29 17.86
C ASP D 255 -11.74 -15.83 17.38
N ALA D 256 -11.51 -15.69 16.06
CA ALA D 256 -11.45 -14.38 15.43
C ALA D 256 -12.77 -13.61 15.63
N SER D 257 -13.87 -14.26 15.27
CA SER D 257 -15.20 -13.66 15.42
C SER D 257 -15.43 -13.15 16.85
N VAL D 258 -15.09 -13.98 17.84
CA VAL D 258 -15.23 -13.61 19.27
C VAL D 258 -14.38 -12.38 19.62
N ASP D 259 -13.10 -12.44 19.25
CA ASP D 259 -12.15 -11.38 19.58
C ASP D 259 -12.62 -10.03 19.03
N GLN D 260 -12.91 -10.00 17.74
CA GLN D 260 -13.38 -8.78 17.06
C GLN D 260 -14.65 -8.24 17.71
N ALA D 261 -15.51 -9.14 18.18
CA ALA D 261 -16.78 -8.77 18.81
C ALA D 261 -16.65 -8.37 20.29
N SER D 262 -15.42 -8.35 20.82
CA SER D 262 -15.20 -8.06 22.25
C SER D 262 -14.86 -6.60 22.54
N ILE D 263 -14.96 -6.25 23.83
CA ILE D 263 -14.54 -4.95 24.37
C ILE D 263 -13.12 -4.61 23.96
N ASN D 264 -12.24 -5.61 24.03
CA ASN D 264 -10.81 -5.44 23.81
C ASN D 264 -10.29 -6.29 22.65
N PRO D 265 -10.62 -5.89 21.41
CA PRO D 265 -10.18 -6.66 20.25
C PRO D 265 -8.66 -6.70 20.17
N GLY D 266 -8.12 -7.86 19.81
CA GLY D 266 -6.68 -8.05 19.71
C GLY D 266 -6.00 -8.35 21.02
N LYS D 267 -6.66 -8.03 22.13
CA LYS D 267 -6.11 -8.19 23.46
C LYS D 267 -6.56 -9.50 24.11
N GLN D 268 -5.74 -10.01 25.02
CA GLN D 268 -6.06 -11.24 25.78
C GLN D 268 -6.51 -12.39 24.86
N ARG D 269 -5.76 -12.62 23.79
CA ARG D 269 -6.14 -13.65 22.80
C ARG D 269 -6.14 -15.06 23.38
N PHE D 270 -5.09 -15.40 24.12
CA PHE D 270 -4.95 -16.73 24.72
C PHE D 270 -6.07 -16.99 25.73
N GLU D 271 -6.43 -15.94 26.46
CA GLU D 271 -7.53 -15.98 27.41
C GLU D 271 -8.86 -16.28 26.73
N LYS D 272 -9.03 -15.74 25.53
CA LYS D 272 -10.28 -15.87 24.79
C LYS D 272 -10.52 -17.28 24.22
N MET D 273 -9.51 -18.15 24.34
CA MET D 273 -9.62 -19.54 23.91
C MET D 273 -9.78 -20.51 25.08
N ILE D 274 -9.84 -19.98 26.30
CA ILE D 274 -9.81 -20.80 27.51
C ILE D 274 -10.86 -20.48 28.58
N SER D 275 -11.01 -19.19 28.94
CA SER D 275 -11.79 -18.78 30.13
C SER D 275 -13.32 -18.69 29.95
N GLY D 276 -14.01 -18.74 31.09
CA GLY D 276 -15.49 -18.79 31.14
C GLY D 276 -16.24 -17.68 30.45
N MET D 277 -15.65 -16.49 30.45
CA MET D 277 -16.26 -15.32 29.81
C MET D 277 -16.41 -15.52 28.30
N TYR D 278 -15.48 -16.26 27.69
CA TYR D 278 -15.38 -16.36 26.24
C TYR D 278 -15.75 -17.71 25.59
N LEU D 279 -15.55 -18.82 26.30
CA LEU D 279 -15.82 -20.16 25.71
C LEU D 279 -17.24 -20.27 25.17
N GLY D 280 -18.22 -19.90 26.00
CA GLY D 280 -19.60 -19.94 25.61
C GLY D 280 -19.87 -19.26 24.28
N GLU D 281 -19.11 -18.21 23.98
CA GLU D 281 -19.25 -17.49 22.71
C GLU D 281 -18.62 -18.28 21.56
N ILE D 282 -17.46 -18.92 21.82
CA ILE D 282 -16.78 -19.73 20.81
C ILE D 282 -17.76 -20.77 20.29
N VAL D 283 -18.50 -21.38 21.22
CA VAL D 283 -19.54 -22.33 20.88
C VAL D 283 -20.60 -21.70 19.99
N ARG D 284 -21.12 -20.56 20.45
CA ARG D 284 -22.23 -19.88 19.76
C ARG D 284 -21.93 -19.61 18.28
N HIS D 285 -20.71 -19.13 17.99
CA HIS D 285 -20.31 -18.85 16.60
C HIS D 285 -20.23 -20.14 15.79
N ILE D 286 -19.73 -21.19 16.42
CA ILE D 286 -19.67 -22.50 15.78
C ILE D 286 -21.07 -22.94 15.38
N LEU D 287 -22.00 -22.86 16.32
CA LEU D 287 -23.39 -23.21 16.08
C LEU D 287 -23.97 -22.38 14.94
N LEU D 288 -23.68 -21.07 14.95
CA LEU D 288 -24.12 -20.15 13.88
C LEU D 288 -23.57 -20.60 12.53
N HIS D 289 -22.27 -20.90 12.48
CA HIS D 289 -21.65 -21.37 11.25
C HIS D 289 -22.30 -22.66 10.76
N LEU D 290 -22.50 -23.59 11.70
CA LEU D 290 -23.10 -24.89 11.41
C LEU D 290 -24.50 -24.76 10.84
N THR D 291 -25.30 -23.86 11.42
CA THR D 291 -26.67 -23.62 10.94
C THR D 291 -26.69 -23.11 9.50
N SER D 292 -25.80 -22.16 9.20
CA SER D 292 -25.68 -21.59 7.85
C SER D 292 -25.22 -22.64 6.83
N LEU D 293 -24.47 -23.64 7.29
CA LEU D 293 -24.03 -24.75 6.44
C LEU D 293 -25.17 -25.77 6.20
N GLY D 294 -26.25 -25.65 6.99
CA GLY D 294 -27.42 -26.54 6.87
C GLY D 294 -27.33 -27.77 7.77
N VAL D 295 -26.23 -27.88 8.50
CA VAL D 295 -25.98 -29.01 9.40
C VAL D 295 -26.92 -29.00 10.59
N LEU D 296 -26.95 -27.87 11.29
CA LEU D 296 -27.73 -27.72 12.51
C LEU D 296 -29.03 -26.96 12.27
N PHE D 297 -30.06 -27.33 13.05
CA PHE D 297 -31.39 -26.71 12.99
C PHE D 297 -31.96 -26.68 11.57
N ILE D 302 -32.93 -19.30 14.01
CA ILE D 302 -32.83 -19.17 15.45
C ILE D 302 -32.17 -17.84 15.80
N GLN D 303 -32.98 -16.77 15.77
CA GLN D 303 -32.51 -15.41 16.09
C GLN D 303 -31.86 -15.38 17.47
N ARG D 304 -32.43 -16.15 18.39
CA ARG D 304 -31.89 -16.32 19.75
C ARG D 304 -30.40 -16.66 19.76
N LEU D 305 -29.94 -17.35 18.72
CA LEU D 305 -28.53 -17.70 18.60
C LEU D 305 -27.66 -16.45 18.35
N GLN D 306 -28.28 -15.38 17.84
CA GLN D 306 -27.59 -14.10 17.64
C GLN D 306 -27.34 -13.39 18.98
N THR D 307 -28.10 -13.74 20.03
CA THR D 307 -27.97 -13.11 21.34
C THR D 307 -26.63 -13.44 21.98
N ARG D 308 -25.90 -12.39 22.40
CA ARG D 308 -24.59 -12.58 23.02
C ARG D 308 -24.68 -13.13 24.45
N ASP D 309 -23.70 -13.96 24.80
CA ASP D 309 -23.53 -14.47 26.16
C ASP D 309 -24.69 -15.29 26.73
N ILE D 310 -25.29 -16.14 25.90
CA ILE D 310 -26.33 -17.09 26.35
C ILE D 310 -25.71 -18.36 26.97
N PHE D 311 -24.52 -18.75 26.47
CA PHE D 311 -23.82 -19.93 27.00
C PHE D 311 -22.80 -19.52 28.07
N LYS D 312 -23.26 -19.49 29.33
CA LYS D 312 -22.41 -19.14 30.46
C LYS D 312 -21.75 -20.37 31.06
N THR D 313 -20.72 -20.14 31.88
CA THR D 313 -19.97 -21.21 32.55
C THR D 313 -20.89 -22.19 33.30
N LYS D 314 -21.82 -21.64 34.11
CA LYS D 314 -22.79 -22.48 34.83
C LYS D 314 -23.46 -23.43 33.86
N PHE D 315 -23.83 -22.93 32.68
CA PHE D 315 -24.44 -23.74 31.63
C PHE D 315 -23.45 -24.74 31.01
N LEU D 316 -22.31 -24.24 30.53
CA LEU D 316 -21.29 -25.13 29.89
C LEU D 316 -20.89 -26.30 30.78
N SER D 317 -20.85 -26.07 32.09
CA SER D 317 -20.54 -27.12 33.06
C SER D 317 -21.74 -28.09 33.23
N GLU D 318 -22.96 -27.57 33.17
CA GLU D 318 -24.16 -28.43 33.28
C GLU D 318 -24.39 -29.28 32.03
N ILE D 319 -24.29 -28.66 30.84
CA ILE D 319 -24.53 -29.36 29.56
C ILE D 319 -23.69 -30.63 29.41
N GLU D 320 -22.43 -30.56 29.85
CA GLU D 320 -21.48 -31.70 29.70
C GLU D 320 -21.55 -32.77 30.83
N SER D 321 -22.32 -32.52 31.89
CA SER D 321 -22.46 -33.50 32.97
C SER D 321 -22.84 -34.87 32.40
N ASP D 322 -22.10 -35.91 32.77
CA ASP D 322 -22.38 -37.27 32.30
C ASP D 322 -23.63 -37.91 32.93
N SER D 323 -24.06 -37.40 34.09
CA SER D 323 -25.28 -37.92 34.74
C SER D 323 -26.54 -37.44 34.00
N LEU D 324 -26.36 -36.84 32.81
CA LEU D 324 -27.45 -36.36 31.99
C LEU D 324 -27.79 -37.33 30.85
N ALA D 325 -29.09 -37.45 30.56
CA ALA D 325 -29.58 -38.19 29.43
C ALA D 325 -29.88 -37.18 28.33
N LEU D 326 -30.02 -37.65 27.09
CA LEU D 326 -30.25 -36.76 25.95
C LEU D 326 -31.54 -35.93 26.09
N ARG D 327 -32.54 -36.49 26.78
CA ARG D 327 -33.79 -35.77 27.07
C ARG D 327 -33.51 -34.55 27.95
N GLN D 328 -32.63 -34.74 28.95
CA GLN D 328 -32.22 -33.66 29.85
C GLN D 328 -31.33 -32.63 29.13
N VAL D 329 -30.52 -33.10 28.19
CA VAL D 329 -29.65 -32.20 27.40
C VAL D 329 -30.47 -31.28 26.49
N ARG D 330 -31.56 -31.79 25.91
CA ARG D 330 -32.48 -30.97 25.10
C ARG D 330 -33.25 -29.99 25.97
N ALA D 331 -33.54 -30.41 27.20
CA ALA D 331 -34.26 -29.58 28.17
C ALA D 331 -33.52 -28.27 28.39
N ILE D 332 -32.25 -28.39 28.78
CA ILE D 332 -31.38 -27.23 29.06
C ILE D 332 -31.38 -26.20 27.94
N LEU D 333 -31.30 -26.65 26.69
CA LEU D 333 -31.28 -25.74 25.52
C LEU D 333 -32.66 -25.16 25.20
N GLU D 334 -33.71 -25.94 25.40
CA GLU D 334 -35.07 -25.45 25.27
C GLU D 334 -35.32 -24.48 26.43
N ASP D 335 -34.61 -24.68 27.53
CA ASP D 335 -34.74 -23.85 28.73
C ASP D 335 -33.94 -22.52 28.56
N LEU D 336 -33.08 -22.45 27.54
CA LEU D 336 -32.35 -21.22 27.20
C LEU D 336 -33.05 -20.43 26.07
N GLY D 337 -34.08 -21.03 25.46
CA GLY D 337 -34.80 -20.39 24.37
C GLY D 337 -34.30 -20.81 22.99
N LEU D 338 -33.69 -21.99 22.91
CA LEU D 338 -33.17 -22.51 21.63
C LEU D 338 -33.70 -23.92 21.42
N PRO D 339 -34.98 -24.06 21.02
CA PRO D 339 -35.59 -25.39 20.83
C PRO D 339 -34.96 -26.20 19.68
N LEU D 340 -34.36 -27.35 20.02
CA LEU D 340 -33.64 -28.18 19.06
C LEU D 340 -34.17 -29.60 19.06
N THR D 341 -33.80 -30.34 18.01
CA THR D 341 -34.13 -31.76 17.90
C THR D 341 -33.02 -32.57 18.58
N SER D 342 -33.23 -33.86 18.76
CA SER D 342 -32.25 -34.72 19.45
C SER D 342 -30.89 -34.74 18.74
N ASP D 343 -30.90 -34.93 17.42
CA ASP D 343 -29.68 -34.90 16.62
C ASP D 343 -28.97 -33.57 16.81
N ASP D 344 -29.74 -32.48 16.92
CA ASP D 344 -29.17 -31.14 17.20
C ASP D 344 -28.57 -31.11 18.60
N ALA D 345 -29.30 -31.68 19.56
CA ALA D 345 -28.83 -31.77 20.95
C ALA D 345 -27.49 -32.53 21.07
N LEU D 346 -27.30 -33.58 20.27
CA LEU D 346 -26.04 -34.36 20.27
C LEU D 346 -24.90 -33.51 19.75
N MET D 347 -25.14 -32.82 18.64
CA MET D 347 -24.13 -32.01 18.00
C MET D 347 -23.66 -30.87 18.91
N VAL D 348 -24.61 -30.14 19.51
CA VAL D 348 -24.25 -29.05 20.43
C VAL D 348 -23.35 -29.58 21.56
N LEU D 349 -23.73 -30.72 22.14
CA LEU D 349 -22.91 -31.31 23.22
C LEU D 349 -21.51 -31.63 22.71
N GLU D 350 -21.42 -32.10 21.45
CA GLU D 350 -20.12 -32.39 20.87
C GLU D 350 -19.30 -31.11 20.75
N VAL D 351 -19.94 -30.05 20.23
CA VAL D 351 -19.29 -28.74 20.07
C VAL D 351 -18.70 -28.25 21.40
N CYS D 352 -19.51 -28.36 22.46
CA CYS D 352 -19.10 -27.94 23.81
C CYS D 352 -17.88 -28.70 24.28
N GLN D 353 -17.94 -30.01 24.14
CA GLN D 353 -16.82 -30.87 24.53
C GLN D 353 -15.58 -30.46 23.78
N ALA D 354 -15.72 -30.28 22.46
CA ALA D 354 -14.61 -29.89 21.60
C ALA D 354 -13.93 -28.60 22.10
N VAL D 355 -14.74 -27.59 22.38
CA VAL D 355 -14.24 -26.29 22.83
C VAL D 355 -13.61 -26.35 24.22
N SER D 356 -14.36 -26.88 25.18
CA SER D 356 -13.89 -26.99 26.55
C SER D 356 -12.64 -27.88 26.66
N GLN D 357 -12.54 -28.86 25.76
CA GLN D 357 -11.37 -29.75 25.71
C GLN D 357 -10.14 -28.95 25.36
N ARG D 358 -10.18 -28.26 24.23
CA ARG D 358 -9.08 -27.42 23.81
C ARG D 358 -8.71 -26.46 24.93
N ALA D 359 -9.72 -25.87 25.54
CA ALA D 359 -9.53 -24.95 26.65
C ALA D 359 -8.70 -25.59 27.75
N ALA D 360 -9.10 -26.79 28.18
CA ALA D 360 -8.38 -27.51 29.23
C ALA D 360 -6.94 -27.87 28.80
N GLN D 361 -6.81 -28.30 27.55
CA GLN D 361 -5.54 -28.72 27.01
C GLN D 361 -4.56 -27.56 26.87
N LEU D 362 -5.04 -26.42 26.37
CA LEU D 362 -4.19 -25.25 26.24
C LEU D 362 -3.66 -24.85 27.61
N CYS D 363 -4.58 -24.66 28.56
CA CYS D 363 -4.25 -24.37 29.94
C CYS D 363 -3.23 -25.40 30.48
N GLY D 364 -3.43 -26.66 30.13
CA GLY D 364 -2.50 -27.73 30.53
C GLY D 364 -1.10 -27.47 30.01
N ALA D 365 -0.99 -27.24 28.70
CA ALA D 365 0.29 -26.89 28.05
C ALA D 365 0.94 -25.75 28.77
N GLY D 366 0.10 -24.79 29.20
CA GLY D 366 0.57 -23.66 29.97
C GLY D 366 1.21 -24.10 31.26
N VAL D 367 0.41 -24.74 32.12
CA VAL D 367 0.89 -25.21 33.41
C VAL D 367 2.13 -26.06 33.22
N ALA D 368 2.15 -26.81 32.12
CA ALA D 368 3.29 -27.65 31.76
C ALA D 368 4.54 -26.82 31.64
N ALA D 369 4.44 -25.72 30.91
CA ALA D 369 5.59 -24.86 30.68
C ALA D 369 6.12 -24.28 31.99
N VAL D 370 5.20 -23.87 32.86
CA VAL D 370 5.57 -23.28 34.14
C VAL D 370 6.32 -24.28 35.01
N VAL D 371 5.70 -25.43 35.27
CA VAL D 371 6.30 -26.46 36.11
C VAL D 371 7.67 -26.88 35.60
N GLU D 372 7.81 -26.93 34.27
CA GLU D 372 9.08 -27.25 33.66
C GLU D 372 10.08 -26.13 33.88
N LYS D 373 9.65 -24.89 33.67
CA LYS D 373 10.50 -23.74 33.92
C LYS D 373 11.04 -23.78 35.32
N ILE D 374 10.17 -23.98 36.31
CA ILE D 374 10.59 -24.04 37.71
C ILE D 374 11.58 -25.16 37.93
N ARG D 375 11.29 -26.33 37.36
CA ARG D 375 12.17 -27.49 37.49
C ARG D 375 13.54 -27.22 36.89
N GLU D 376 13.54 -26.78 35.63
CA GLU D 376 14.78 -26.49 34.93
C GLU D 376 15.55 -25.33 35.62
N ASN D 377 14.81 -24.33 36.12
CA ASN D 377 15.43 -23.20 36.85
C ASN D 377 16.27 -23.68 38.02
N ARG D 378 15.77 -24.69 38.71
CA ARG D 378 16.45 -25.21 39.91
C ARG D 378 17.34 -26.41 39.61
N GLY D 379 17.61 -26.65 38.32
CA GLY D 379 18.49 -27.74 37.88
C GLY D 379 18.10 -29.13 38.36
N LEU D 380 16.80 -29.35 38.58
CA LEU D 380 16.31 -30.61 39.12
C LEU D 380 16.01 -31.62 38.02
N GLU D 381 16.07 -32.91 38.37
CA GLU D 381 15.70 -34.01 37.47
C GLU D 381 14.22 -34.42 37.71
N GLU D 382 13.69 -34.09 38.89
CA GLU D 382 12.28 -34.31 39.25
C GLU D 382 11.79 -33.17 40.12
N LEU D 383 10.52 -32.80 39.99
CA LEU D 383 9.95 -31.72 40.80
C LEU D 383 8.60 -32.09 41.37
N ALA D 384 8.46 -31.87 42.69
CA ALA D 384 7.20 -32.02 43.39
C ALA D 384 6.73 -30.61 43.65
N VAL D 385 5.61 -30.22 43.04
CA VAL D 385 5.08 -28.86 43.20
C VAL D 385 3.57 -28.86 43.20
N SER D 386 2.99 -28.00 44.05
CA SER D 386 1.55 -27.86 44.15
C SER D 386 1.12 -26.57 43.46
N VAL D 387 -0.09 -26.60 42.90
CA VAL D 387 -0.65 -25.46 42.19
C VAL D 387 -1.93 -25.01 42.88
N GLY D 388 -1.92 -23.80 43.44
CA GLY D 388 -3.13 -23.23 44.04
C GLY D 388 -4.01 -22.73 42.92
N VAL D 389 -5.17 -23.35 42.75
CA VAL D 389 -6.05 -23.02 41.62
C VAL D 389 -7.46 -22.60 42.06
N ASP D 390 -8.03 -21.63 41.33
CA ASP D 390 -9.39 -21.13 41.57
C ASP D 390 -10.02 -20.71 40.23
N GLY D 391 -11.33 -20.53 40.25
CA GLY D 391 -12.08 -20.16 39.07
C GLY D 391 -13.30 -21.05 38.94
N THR D 392 -14.46 -20.43 38.68
CA THR D 392 -15.71 -21.18 38.59
C THR D 392 -15.68 -22.24 37.49
N LEU D 393 -15.13 -21.88 36.33
CA LEU D 393 -15.02 -22.84 35.23
C LEU D 393 -14.25 -24.05 35.70
N TYR D 394 -13.05 -23.82 36.22
CA TYR D 394 -12.21 -24.91 36.74
C TYR D 394 -12.94 -25.68 37.81
N LYS D 395 -13.47 -24.95 38.78
CA LYS D 395 -14.19 -25.54 39.93
C LYS D 395 -15.42 -26.35 39.55
N LEU D 396 -16.17 -25.91 38.54
CA LEU D 396 -17.46 -26.55 38.20
C LEU D 396 -17.44 -27.52 37.02
N HIS D 397 -16.66 -27.22 35.99
CA HIS D 397 -16.72 -28.01 34.74
C HIS D 397 -16.42 -29.51 34.95
N PRO D 398 -17.29 -30.41 34.42
CA PRO D 398 -17.16 -31.86 34.57
C PRO D 398 -15.77 -32.43 34.24
N ARG D 399 -15.18 -31.99 33.14
CA ARG D 399 -13.91 -32.56 32.68
C ARG D 399 -12.66 -31.66 32.78
N PHE D 400 -12.85 -30.34 32.72
CA PHE D 400 -11.71 -29.37 32.64
C PHE D 400 -10.51 -29.69 33.55
N SER D 401 -10.75 -29.75 34.86
CA SER D 401 -9.68 -29.97 35.84
C SER D 401 -8.93 -31.27 35.54
N SER D 402 -9.68 -32.35 35.28
CA SER D 402 -9.08 -33.64 34.93
C SER D 402 -8.25 -33.57 33.67
N LEU D 403 -8.83 -32.99 32.62
CA LEU D 403 -8.15 -32.93 31.33
C LEU D 403 -6.87 -32.09 31.40
N VAL D 404 -6.81 -31.13 32.33
CA VAL D 404 -5.59 -30.34 32.56
C VAL D 404 -4.53 -31.22 33.19
N ALA D 405 -4.87 -31.78 34.36
CA ALA D 405 -3.99 -32.71 35.10
C ALA D 405 -3.36 -33.75 34.16
N ALA D 406 -4.19 -34.31 33.28
CA ALA D 406 -3.74 -35.31 32.30
C ALA D 406 -2.71 -34.74 31.33
N THR D 407 -2.93 -33.50 30.91
CA THR D 407 -2.04 -32.85 29.96
C THR D 407 -0.70 -32.52 30.62
N VAL D 408 -0.74 -32.19 31.91
CA VAL D 408 0.46 -31.85 32.65
C VAL D 408 1.36 -33.08 32.79
N ARG D 409 0.73 -34.25 32.92
CA ARG D 409 1.47 -35.52 32.97
C ARG D 409 2.07 -35.79 31.61
N GLU D 410 1.24 -35.74 30.57
CA GLU D 410 1.67 -35.95 29.19
C GLU D 410 2.87 -35.07 28.79
N LEU D 411 2.83 -33.81 29.20
CA LEU D 411 3.84 -32.81 28.77
C LEU D 411 4.97 -32.49 29.79
N ALA D 412 4.70 -32.69 31.08
CA ALA D 412 5.71 -32.48 32.13
C ALA D 412 5.74 -33.70 33.02
N PRO D 413 6.23 -34.83 32.48
CA PRO D 413 6.25 -36.06 33.22
C PRO D 413 7.26 -36.05 34.35
N ARG D 414 8.42 -35.45 34.14
CA ARG D 414 9.46 -35.41 35.19
C ARG D 414 8.99 -34.60 36.43
N CYS D 415 7.85 -33.89 36.31
CA CYS D 415 7.27 -33.14 37.43
C CYS D 415 6.06 -33.85 38.00
N VAL D 416 5.96 -33.87 39.32
CA VAL D 416 4.79 -34.42 40.03
C VAL D 416 3.94 -33.25 40.53
N VAL D 417 2.93 -32.88 39.74
CA VAL D 417 2.10 -31.70 40.02
C VAL D 417 0.79 -32.03 40.72
N THR D 418 0.62 -31.47 41.92
CA THR D 418 -0.62 -31.60 42.67
C THR D 418 -1.39 -30.31 42.54
N PHE D 419 -2.71 -30.40 42.28
CA PHE D 419 -3.56 -29.22 42.17
C PHE D 419 -4.39 -29.03 43.42
N LEU D 420 -4.31 -27.85 44.00
CA LEU D 420 -5.06 -27.52 45.20
C LEU D 420 -6.15 -26.54 44.81
N GLN D 421 -7.38 -26.89 45.11
CA GLN D 421 -8.48 -25.98 44.84
C GLN D 421 -8.67 -25.08 46.05
N SER D 422 -8.62 -23.77 45.83
CA SER D 422 -8.74 -22.81 46.92
C SER D 422 -10.14 -22.81 47.50
N GLU D 423 -10.24 -23.18 48.78
CA GLU D 423 -11.53 -23.22 49.46
C GLU D 423 -11.97 -21.83 49.96
N ASP D 424 -11.01 -20.91 50.15
CA ASP D 424 -11.30 -19.60 50.79
C ASP D 424 -11.04 -18.36 49.93
N GLY D 425 -10.73 -18.54 48.65
CA GLY D 425 -10.51 -17.39 47.76
C GLY D 425 -9.19 -16.66 48.01
N SER D 426 -8.95 -15.60 47.23
CA SER D 426 -7.70 -14.84 47.27
C SER D 426 -7.55 -13.93 48.51
N GLY D 427 -8.66 -13.57 49.14
CA GLY D 427 -8.61 -12.72 50.34
C GLY D 427 -7.69 -13.26 51.42
N LYS D 428 -7.68 -14.58 51.58
CA LYS D 428 -6.82 -15.25 52.56
C LYS D 428 -5.34 -14.99 52.25
N GLY D 429 -4.94 -15.19 51.00
CA GLY D 429 -3.57 -14.97 50.57
C GLY D 429 -3.19 -13.49 50.59
N ALA D 430 -4.10 -12.64 50.12
CA ALA D 430 -3.91 -11.20 50.15
C ALA D 430 -3.54 -10.74 51.55
N ALA D 431 -4.30 -11.20 52.54
CA ALA D 431 -4.07 -10.84 53.94
C ALA D 431 -2.67 -11.23 54.38
N LEU D 432 -2.23 -12.43 53.98
CA LEU D 432 -0.89 -12.92 54.32
C LEU D 432 0.21 -12.06 53.71
N VAL D 433 -0.02 -11.59 52.49
CA VAL D 433 0.93 -10.73 51.81
C VAL D 433 0.99 -9.39 52.53
N THR D 434 -0.19 -8.82 52.83
CA THR D 434 -0.29 -7.55 53.57
C THR D 434 0.47 -7.62 54.90
N ALA D 435 0.43 -8.79 55.56
CA ALA D 435 1.18 -9.01 56.81
C ALA D 435 2.67 -8.66 56.63
N VAL D 436 3.23 -9.07 55.50
CA VAL D 436 4.62 -8.76 55.15
C VAL D 436 4.77 -7.27 54.85
N ALA D 437 3.80 -6.70 54.12
CA ALA D 437 3.80 -5.28 53.77
C ALA D 437 3.83 -4.39 55.02
N CYS D 438 3.18 -4.86 56.09
CA CYS D 438 3.17 -4.15 57.38
C CYS D 438 4.54 -4.26 58.04
N ARG D 439 5.08 -5.48 58.07
CA ARG D 439 6.44 -5.72 58.58
C ARG D 439 7.44 -4.86 57.79
N LEU D 440 7.26 -4.82 56.46
CA LEU D 440 8.11 -4.02 55.55
C LEU D 440 8.06 -2.50 55.84
N ALA D 441 6.96 -2.02 56.43
CA ALA D 441 6.82 -0.59 56.79
C ALA D 441 7.45 -0.31 58.17
N GLN D 442 7.24 -1.23 59.12
CA GLN D 442 7.76 -1.08 60.49
C GLN D 442 9.29 -1.25 60.53
#